data_8YAF
#
_entry.id   8YAF
#
_cell.length_a   139.949
_cell.length_b   218.892
_cell.length_c   122.708
_cell.angle_alpha   90.00
_cell.angle_beta   90.00
_cell.angle_gamma   90.00
#
_symmetry.space_group_name_H-M   'P 21 21 2'
#
loop_
_entity.id
_entity.type
_entity.pdbx_description
1 polymer 'Superoxide dismutase [Cu-Zn]'
2 polymer NB1
3 polymer NB2
4 non-polymer 'ZINC ION'
#
loop_
_entity_poly.entity_id
_entity_poly.type
_entity_poly.pdbx_seq_one_letter_code
_entity_poly.pdbx_strand_id
1 'polypeptide(L)'
;ATKAVCVLKGDGPVQGIINFEQKESNGPVKVWGSIKGLTEGLHGFHVHEFGDNTAGCTSAGPHFNPLSRKHGGPKDEERH
VGDLGNVTADKDGVADVSIEDSVISLSGDHCIIGRTLVVHEKADDLGKGGNEESTKTGNAGSRLACGVIGIAQ
;
A,D,H,L,P,T
2 'polypeptide(L)'
;SQVQLQESGGGLVQPGGSLRLSCRASETLFSLYAMGWYRQAPGKQPELIATISGGGEGTGNYADPVKGRFTISRNNADNM
VFLQMNNLKPEDTAVYYCNVYGTNLAPWGQGTQVTVSS
;
B,E,I,M,Q,U
3 'polypeptide(L)'
;SQVQLQESGGGSVQAGGSLRLACVASGGDTRPYITYWMGWYRQAPGKEREGVATIYTGGSGTYYSDSVEGRFTISQDKAQ
RTVYLQMNDLKPEDTAMYYCAAGNGALPPGRRLSPQNMDTWGPGTQVTVSS
;
C,F,J,N,R,V
#
loop_
_chem_comp.id
_chem_comp.type
_chem_comp.name
_chem_comp.formula
ZN non-polymer 'ZINC ION' 'Zn 2'
#
# COMPACT_ATOMS: atom_id res chain seq x y z
N ALA A 1 45.21 -20.07 4.68
CA ALA A 1 44.03 -19.21 4.49
C ALA A 1 44.39 -17.70 4.39
N THR A 2 44.60 -17.23 3.16
CA THR A 2 44.77 -15.81 2.88
C THR A 2 43.42 -15.11 2.80
N LYS A 3 43.32 -13.96 3.48
CA LYS A 3 42.18 -13.09 3.35
C LYS A 3 42.60 -11.78 2.68
N ALA A 4 41.60 -11.07 2.17
CA ALA A 4 41.76 -9.76 1.54
C ALA A 4 40.45 -9.02 1.73
N VAL A 5 40.49 -7.69 1.53
CA VAL A 5 39.31 -6.84 1.68
C VAL A 5 39.44 -5.66 0.73
N CYS A 6 38.30 -5.07 0.39
CA CYS A 6 38.30 -3.88 -0.44
C CYS A 6 37.19 -2.94 0.04
N VAL A 7 37.42 -1.62 0.00
CA VAL A 7 36.37 -0.66 0.32
C VAL A 7 36.08 0.19 -0.92
N LEU A 8 34.86 0.09 -1.41
CA LEU A 8 34.47 0.77 -2.64
C LEU A 8 33.87 2.15 -2.31
N LYS A 9 34.47 3.20 -2.84
CA LYS A 9 33.94 4.54 -2.71
C LYS A 9 33.96 5.21 -4.08
N GLY A 10 33.18 6.25 -4.25
CA GLY A 10 33.20 6.95 -5.52
C GLY A 10 32.80 8.39 -5.35
N ASP A 11 32.49 9.04 -6.48
CA ASP A 11 31.89 10.37 -6.42
C ASP A 11 30.41 10.28 -6.08
N GLY A 12 29.67 9.42 -6.78
CA GLY A 12 28.30 9.12 -6.44
C GLY A 12 28.17 8.47 -5.07
N PRO A 13 26.93 8.20 -4.65
CA PRO A 13 26.70 7.67 -3.30
C PRO A 13 27.09 6.21 -3.11
N VAL A 14 27.56 5.52 -4.14
CA VAL A 14 27.78 4.07 -4.08
C VAL A 14 28.96 3.74 -3.18
N GLN A 15 28.79 2.70 -2.37
CA GLN A 15 29.86 2.35 -1.43
C GLN A 15 29.59 1.03 -0.73
N GLY A 16 30.62 0.21 -0.61
CA GLY A 16 30.51 -1.02 0.14
C GLY A 16 31.86 -1.62 0.45
N ILE A 17 31.80 -2.82 1.05
CA ILE A 17 32.96 -3.60 1.43
C ILE A 17 32.81 -4.98 0.82
N ILE A 18 33.88 -5.47 0.17
CA ILE A 18 33.92 -6.80 -0.42
C ILE A 18 35.14 -7.52 0.13
N ASN A 19 34.94 -8.72 0.69
CA ASN A 19 36.04 -9.50 1.26
C ASN A 19 36.41 -10.63 0.33
N PHE A 20 37.68 -10.95 0.28
CA PHE A 20 38.14 -12.15 -0.39
C PHE A 20 38.73 -13.14 0.61
N GLU A 21 38.66 -14.41 0.24
CA GLU A 21 39.27 -15.47 1.02
C GLU A 21 39.68 -16.60 0.07
N GLN A 22 40.82 -17.21 0.37
CA GLN A 22 41.33 -18.30 -0.44
C GLN A 22 41.95 -19.31 0.52
N LYS A 23 41.23 -20.40 0.78
CA LYS A 23 41.72 -21.41 1.72
C LYS A 23 43.02 -22.04 1.22
N GLU A 24 42.98 -22.69 0.07
CA GLU A 24 44.14 -23.37 -0.48
C GLU A 24 44.79 -22.50 -1.55
N SER A 25 46.11 -22.65 -1.69
CA SER A 25 46.85 -21.95 -2.73
C SER A 25 46.30 -22.30 -4.11
N ASN A 26 46.43 -21.36 -5.05
CA ASN A 26 45.95 -21.53 -6.42
C ASN A 26 44.57 -22.16 -6.44
N GLY A 27 43.82 -22.03 -5.35
CA GLY A 27 42.52 -22.63 -5.24
C GLY A 27 41.44 -21.66 -5.65
N PRO A 28 40.23 -21.86 -5.14
CA PRO A 28 39.14 -20.94 -5.41
C PRO A 28 39.01 -19.85 -4.36
N VAL A 29 38.40 -18.74 -4.77
CA VAL A 29 38.26 -17.55 -3.93
C VAL A 29 36.78 -17.30 -3.61
N LYS A 30 36.46 -17.20 -2.33
CA LYS A 30 35.16 -16.70 -1.91
C LYS A 30 35.17 -15.17 -1.89
N VAL A 31 34.19 -14.57 -2.55
CA VAL A 31 34.06 -13.12 -2.64
C VAL A 31 32.69 -12.72 -2.12
N TRP A 32 32.66 -11.93 -1.05
CA TRP A 32 31.38 -11.65 -0.44
C TRP A 32 31.38 -10.31 0.26
N GLY A 33 30.19 -9.73 0.31
CA GLY A 33 29.99 -8.43 0.95
C GLY A 33 28.67 -7.82 0.54
N SER A 34 28.68 -6.51 0.34
CA SER A 34 27.45 -5.74 0.17
C SER A 34 27.83 -4.37 -0.39
N ILE A 35 27.26 -4.01 -1.54
CA ILE A 35 27.37 -2.65 -2.04
C ILE A 35 26.01 -1.97 -1.85
N LYS A 36 26.01 -0.73 -1.37
CA LYS A 36 24.76 0.02 -1.22
C LYS A 36 24.84 1.34 -1.98
N GLY A 37 23.69 1.82 -2.45
CA GLY A 37 23.61 3.02 -3.27
C GLY A 37 23.49 2.81 -4.75
N LEU A 38 23.07 1.63 -5.19
CA LEU A 38 23.01 1.34 -6.61
C LEU A 38 21.60 1.53 -7.14
N THR A 39 21.51 1.74 -8.45
CA THR A 39 20.24 1.62 -9.11
C THR A 39 19.83 0.16 -9.15
N GLU A 40 18.62 -0.13 -8.69
CA GLU A 40 18.05 -1.48 -8.77
C GLU A 40 18.33 -2.10 -10.12
N GLY A 41 18.78 -3.36 -10.09
CA GLY A 41 19.25 -4.03 -11.30
C GLY A 41 20.67 -4.57 -11.32
N LEU A 42 21.18 -4.87 -12.51
CA LEU A 42 22.46 -5.55 -12.69
C LEU A 42 23.60 -4.55 -12.85
N HIS A 43 24.77 -4.89 -12.28
CA HIS A 43 25.93 -4.01 -12.36
C HIS A 43 27.19 -4.81 -12.66
N GLY A 44 27.96 -4.33 -13.63
CA GLY A 44 29.23 -4.96 -13.93
C GLY A 44 30.17 -4.91 -12.73
N PHE A 45 30.92 -6.01 -12.54
CA PHE A 45 31.81 -6.23 -11.40
C PHE A 45 33.16 -6.69 -11.95
N HIS A 46 34.20 -5.88 -11.78
CA HIS A 46 35.47 -6.19 -12.41
C HIS A 46 36.67 -5.88 -11.53
N VAL A 47 37.72 -6.68 -11.65
CA VAL A 47 39.05 -6.38 -11.11
C VAL A 47 39.86 -5.81 -12.26
N HIS A 48 40.14 -4.51 -12.20
CA HIS A 48 40.93 -3.82 -13.20
C HIS A 48 42.42 -3.93 -12.86
N GLU A 49 43.27 -3.61 -13.84
CA GLU A 49 44.68 -3.99 -13.77
C GLU A 49 45.45 -3.28 -12.65
N PHE A 50 45.40 -1.96 -12.60
CA PHE A 50 46.24 -1.20 -11.68
C PHE A 50 45.52 -0.84 -10.39
N GLY A 51 46.25 -0.85 -9.28
CA GLY A 51 45.75 -0.29 -8.03
C GLY A 51 45.99 1.20 -7.90
N ASP A 52 45.78 1.94 -8.98
CA ASP A 52 46.00 3.38 -9.02
C ASP A 52 44.64 4.10 -8.97
N ASN A 53 44.46 4.95 -7.96
CA ASN A 53 43.24 5.74 -7.81
C ASN A 53 43.58 7.21 -7.73
N THR A 54 44.58 7.66 -8.50
CA THR A 54 45.01 9.05 -8.40
C THR A 54 44.02 9.98 -9.09
N ALA A 55 43.60 9.62 -10.31
CA ALA A 55 42.47 10.26 -10.98
C ALA A 55 41.21 9.41 -10.80
N GLY A 56 41.03 8.91 -9.59
CA GLY A 56 39.84 8.19 -9.24
C GLY A 56 39.81 6.82 -9.89
N CYS A 57 38.59 6.38 -10.19
CA CYS A 57 38.38 5.07 -10.80
C CYS A 57 38.89 4.98 -12.24
N THR A 58 39.22 6.11 -12.88
CA THR A 58 39.76 6.09 -14.23
C THR A 58 41.14 5.45 -14.26
N SER A 59 41.96 5.70 -13.24
CA SER A 59 43.35 5.26 -13.21
C SER A 59 43.48 3.74 -13.15
N ALA A 60 42.45 3.06 -12.69
CA ALA A 60 42.46 1.60 -12.56
C ALA A 60 42.79 0.92 -13.88
N GLY A 61 42.69 1.65 -14.98
CA GLY A 61 42.98 1.10 -16.28
C GLY A 61 42.00 0.03 -16.68
N PRO A 62 42.40 -0.85 -17.57
CA PRO A 62 41.49 -1.87 -18.10
C PRO A 62 41.31 -3.03 -17.15
N HIS A 63 40.34 -3.86 -17.48
CA HIS A 63 40.12 -5.09 -16.74
C HIS A 63 41.44 -5.88 -16.70
N PHE A 64 41.68 -6.56 -15.58
CA PHE A 64 42.88 -7.37 -15.39
C PHE A 64 42.99 -8.46 -16.44
N ASN A 65 43.97 -8.37 -17.34
CA ASN A 65 44.07 -9.32 -18.44
C ASN A 65 45.50 -9.78 -18.66
N PRO A 66 46.01 -10.63 -17.77
CA PRO A 66 47.42 -11.05 -17.90
C PRO A 66 47.67 -12.00 -19.05
N LEU A 67 46.64 -12.78 -19.44
CA LEU A 67 46.71 -13.78 -20.48
C LEU A 67 46.30 -13.22 -21.84
N SER A 68 45.91 -11.95 -21.90
CA SER A 68 45.62 -11.27 -23.16
C SER A 68 44.53 -12.00 -23.95
N ARG A 69 43.32 -11.97 -23.41
CA ARG A 69 42.14 -12.61 -23.97
C ARG A 69 41.01 -11.60 -24.19
N LYS A 70 39.94 -12.05 -24.83
CA LYS A 70 38.81 -11.16 -25.03
C LYS A 70 37.88 -11.29 -23.84
N HIS A 71 36.88 -10.41 -23.78
CA HIS A 71 36.01 -10.28 -22.62
C HIS A 71 34.99 -11.39 -22.56
N GLY A 72 34.54 -11.71 -21.36
CA GLY A 72 33.57 -12.77 -21.20
C GLY A 72 32.99 -12.78 -19.81
N GLY A 73 31.87 -13.49 -19.68
CA GLY A 73 31.28 -13.73 -18.38
C GLY A 73 32.19 -14.64 -17.59
N PRO A 74 32.07 -14.64 -16.26
CA PRO A 74 32.99 -15.48 -15.48
C PRO A 74 32.85 -16.97 -15.79
N LYS A 75 31.68 -17.44 -16.24
CA LYS A 75 31.53 -18.86 -16.54
C LYS A 75 32.13 -19.25 -17.90
N ASP A 76 32.40 -18.30 -18.78
CA ASP A 76 32.98 -18.57 -20.09
C ASP A 76 34.47 -18.88 -19.96
N GLU A 77 35.09 -19.40 -21.03
CA GLU A 77 36.51 -19.73 -20.96
C GLU A 77 37.38 -18.68 -21.64
N GLU A 78 36.87 -18.04 -22.68
CA GLU A 78 37.45 -16.82 -23.20
C GLU A 78 36.99 -15.70 -22.25
N ARG A 79 37.91 -15.14 -21.46
CA ARG A 79 37.55 -14.13 -20.47
C ARG A 79 38.79 -13.37 -20.02
N HIS A 80 38.59 -12.16 -19.49
CA HIS A 80 39.69 -11.55 -18.73
C HIS A 80 39.69 -12.16 -17.33
N VAL A 81 40.83 -12.06 -16.66
CA VAL A 81 40.91 -12.65 -15.32
C VAL A 81 40.00 -11.91 -14.36
N GLY A 82 40.04 -10.58 -14.39
CA GLY A 82 39.14 -9.78 -13.59
C GLY A 82 37.73 -9.64 -14.11
N ASP A 83 37.29 -10.47 -15.05
CA ASP A 83 35.93 -10.36 -15.53
C ASP A 83 35.09 -11.27 -14.61
N LEU A 84 34.34 -10.65 -13.68
CA LEU A 84 33.40 -11.32 -12.78
C LEU A 84 31.92 -11.05 -13.08
N GLY A 85 31.60 -10.43 -14.21
CA GLY A 85 30.21 -10.39 -14.61
C GLY A 85 29.42 -9.34 -13.87
N ASN A 86 28.31 -9.75 -13.26
CA ASN A 86 27.30 -8.80 -12.78
C ASN A 86 26.89 -9.10 -11.36
N VAL A 87 26.52 -8.04 -10.64
CA VAL A 87 25.94 -8.13 -9.30
C VAL A 87 24.53 -7.56 -9.38
N THR A 88 23.66 -8.00 -8.45
CA THR A 88 22.23 -7.66 -8.44
C THR A 88 21.87 -6.80 -7.24
N ALA A 89 21.34 -5.60 -7.52
CA ALA A 89 20.86 -4.68 -6.50
C ALA A 89 19.33 -4.70 -6.46
N ASP A 90 18.77 -4.73 -5.25
CA ASP A 90 17.35 -4.96 -5.01
C ASP A 90 16.58 -3.65 -5.05
N LYS A 91 15.30 -3.70 -4.65
CA LYS A 91 14.44 -2.51 -4.68
C LYS A 91 14.96 -1.43 -3.75
N ASP A 92 15.81 -1.76 -2.77
CA ASP A 92 16.50 -0.78 -1.94
C ASP A 92 17.92 -0.47 -2.41
N GLY A 93 18.29 -0.90 -3.61
CA GLY A 93 19.60 -0.55 -4.13
C GLY A 93 20.77 -1.12 -3.34
N VAL A 94 20.60 -2.31 -2.79
CA VAL A 94 21.64 -3.02 -2.07
C VAL A 94 21.91 -4.35 -2.79
N ALA A 95 23.18 -4.61 -3.03
CA ALA A 95 23.63 -5.83 -3.68
C ALA A 95 24.39 -6.64 -2.66
N ASP A 96 23.91 -7.85 -2.36
CA ASP A 96 24.63 -8.72 -1.43
C ASP A 96 25.50 -9.68 -2.23
N VAL A 97 26.75 -9.27 -2.47
CA VAL A 97 27.62 -10.04 -3.34
C VAL A 97 28.02 -11.34 -2.65
N SER A 98 27.89 -12.45 -3.38
CA SER A 98 28.26 -13.78 -2.92
C SER A 98 28.71 -14.55 -4.16
N ILE A 99 30.02 -14.52 -4.41
CA ILE A 99 30.61 -15.19 -5.55
C ILE A 99 31.67 -16.16 -5.04
N GLU A 100 32.01 -17.10 -5.92
CA GLU A 100 33.14 -18.00 -5.73
C GLU A 100 33.71 -18.23 -7.12
N ASP A 101 34.91 -17.71 -7.37
CA ASP A 101 35.55 -17.76 -8.67
C ASP A 101 36.93 -18.42 -8.52
N SER A 102 37.37 -19.07 -9.59
CA SER A 102 38.53 -19.94 -9.54
C SER A 102 39.65 -19.50 -10.47
N VAL A 103 39.53 -18.36 -11.13
CA VAL A 103 40.57 -17.83 -12.01
C VAL A 103 41.41 -16.77 -11.32
N ILE A 104 40.76 -15.80 -10.67
CA ILE A 104 41.47 -14.83 -9.85
C ILE A 104 42.09 -15.54 -8.64
N SER A 105 43.26 -15.06 -8.20
CA SER A 105 43.85 -15.63 -7.00
C SER A 105 44.32 -14.51 -6.09
N LEU A 106 44.60 -14.87 -4.85
CA LEU A 106 45.26 -13.99 -3.91
C LEU A 106 46.79 -14.12 -3.96
N SER A 107 47.32 -14.82 -4.97
CA SER A 107 48.73 -15.17 -5.00
C SER A 107 49.10 -15.70 -6.39
N GLY A 108 50.39 -15.62 -6.68
CA GLY A 108 50.87 -16.09 -7.96
C GLY A 108 50.66 -15.11 -9.10
N ASP A 109 50.66 -15.65 -10.32
CA ASP A 109 50.59 -14.84 -11.52
C ASP A 109 49.22 -14.17 -11.67
N HIS A 110 48.20 -14.75 -11.06
CA HIS A 110 46.84 -14.27 -11.14
C HIS A 110 46.45 -13.43 -9.92
N CYS A 111 47.43 -12.91 -9.20
CA CYS A 111 47.18 -12.23 -7.93
C CYS A 111 46.56 -10.87 -8.20
N ILE A 112 45.47 -10.58 -7.47
CA ILE A 112 44.73 -9.33 -7.56
C ILE A 112 44.99 -8.40 -6.38
N ILE A 113 45.74 -8.85 -5.37
CA ILE A 113 46.09 -7.97 -4.27
C ILE A 113 46.91 -6.82 -4.82
N GLY A 114 46.52 -5.60 -4.51
CA GLY A 114 47.17 -4.46 -5.13
C GLY A 114 46.50 -3.95 -6.39
N ARG A 115 45.42 -4.60 -6.83
CA ARG A 115 44.64 -4.18 -7.98
C ARG A 115 43.32 -3.58 -7.49
N THR A 116 42.48 -3.13 -8.43
CA THR A 116 41.27 -2.36 -8.14
C THR A 116 40.00 -3.15 -8.43
N LEU A 117 39.13 -3.28 -7.43
CA LEU A 117 37.76 -3.73 -7.67
C LEU A 117 36.91 -2.54 -8.10
N VAL A 118 35.98 -2.78 -9.04
CA VAL A 118 35.18 -1.70 -9.63
C VAL A 118 33.75 -2.19 -9.82
N VAL A 119 32.79 -1.47 -9.26
CA VAL A 119 31.38 -1.65 -9.64
C VAL A 119 31.00 -0.59 -10.66
N HIS A 120 30.30 -1.01 -11.71
CA HIS A 120 30.05 -0.25 -12.92
C HIS A 120 28.60 0.23 -12.95
N GLU A 121 28.33 1.18 -13.87
CA GLU A 121 27.03 1.82 -14.01
C GLU A 121 25.91 0.89 -14.49
N LYS A 122 26.00 0.37 -15.71
CA LYS A 122 25.00 -0.56 -16.24
C LYS A 122 25.34 -2.01 -15.93
N ALA A 123 24.88 -2.90 -16.81
CA ALA A 123 25.08 -4.34 -16.68
C ALA A 123 26.06 -4.79 -17.74
N ASP A 124 27.03 -5.60 -17.32
CA ASP A 124 27.95 -6.32 -18.19
C ASP A 124 27.18 -7.26 -19.11
N ASP A 125 27.40 -7.16 -20.42
CA ASP A 125 26.69 -8.05 -21.35
C ASP A 125 27.40 -9.39 -21.55
N LEU A 126 28.48 -9.65 -20.80
CA LEU A 126 29.20 -10.91 -20.78
C LEU A 126 29.87 -11.23 -22.12
N GLY A 127 30.03 -10.20 -22.96
CA GLY A 127 30.61 -10.35 -24.28
C GLY A 127 29.64 -10.77 -25.37
N LYS A 128 28.36 -10.95 -25.07
CA LYS A 128 27.40 -11.47 -26.03
C LYS A 128 26.62 -10.39 -26.76
N GLY A 129 27.12 -9.15 -26.79
CA GLY A 129 26.37 -8.00 -27.30
C GLY A 129 26.49 -7.70 -28.78
N GLY A 130 27.64 -7.99 -29.38
CA GLY A 130 27.76 -7.88 -30.82
C GLY A 130 28.29 -6.57 -31.34
N ASN A 131 29.19 -5.93 -30.62
CA ASN A 131 29.91 -4.75 -31.08
C ASN A 131 31.30 -4.80 -30.46
N GLU A 132 32.28 -4.16 -31.12
CA GLU A 132 33.67 -4.28 -30.66
C GLU A 132 33.80 -4.04 -29.15
N GLU A 133 33.05 -3.07 -28.60
CA GLU A 133 33.16 -2.70 -27.18
C GLU A 133 32.76 -3.84 -26.24
N SER A 134 31.80 -4.68 -26.66
CA SER A 134 31.35 -5.78 -25.82
C SER A 134 32.45 -6.81 -25.56
N THR A 135 33.45 -6.89 -26.44
CA THR A 135 34.56 -7.85 -26.26
C THR A 135 35.71 -7.30 -25.45
N LYS A 136 35.63 -6.03 -25.00
CA LYS A 136 36.64 -5.42 -24.15
C LYS A 136 36.09 -5.18 -22.76
N THR A 137 35.14 -4.27 -22.64
CA THR A 137 34.54 -3.91 -21.38
C THR A 137 33.22 -4.61 -21.12
N GLY A 138 32.57 -5.14 -22.15
CA GLY A 138 31.25 -5.72 -21.96
C GLY A 138 30.12 -4.73 -21.79
N ASN A 139 30.35 -3.45 -22.16
CA ASN A 139 29.33 -2.41 -22.14
C ASN A 139 28.73 -2.26 -20.75
N ALA A 140 29.56 -2.41 -19.73
CA ALA A 140 29.13 -2.20 -18.36
C ALA A 140 28.94 -0.74 -18.00
N GLY A 141 29.16 0.18 -18.94
CA GLY A 141 29.05 1.58 -18.63
C GLY A 141 30.15 2.10 -17.70
N SER A 142 29.95 3.34 -17.27
CA SER A 142 30.98 4.04 -16.53
C SER A 142 31.17 3.45 -15.12
N ARG A 143 32.26 3.88 -14.46
CA ARG A 143 32.70 3.32 -13.18
C ARG A 143 32.07 4.11 -12.05
N LEU A 144 31.41 3.41 -11.13
CA LEU A 144 30.68 4.08 -10.06
C LEU A 144 31.42 4.15 -8.74
N ALA A 145 32.09 3.07 -8.33
CA ALA A 145 32.84 3.03 -7.06
C ALA A 145 33.99 2.03 -7.21
N CYS A 146 35.11 2.31 -6.54
CA CYS A 146 36.30 1.47 -6.66
C CYS A 146 37.12 1.51 -5.39
N GLY A 147 38.06 0.58 -5.30
CA GLY A 147 38.99 0.50 -4.19
C GLY A 147 40.16 -0.42 -4.46
N VAL A 148 41.32 -0.14 -3.87
CA VAL A 148 42.44 -1.06 -3.95
C VAL A 148 42.19 -2.23 -3.03
N ILE A 149 42.46 -3.44 -3.52
CA ILE A 149 42.34 -4.66 -2.75
C ILE A 149 43.56 -4.83 -1.85
N GLY A 150 43.36 -4.81 -0.54
CA GLY A 150 44.41 -4.95 0.43
C GLY A 150 44.36 -6.26 1.22
N ILE A 151 45.32 -6.41 2.09
CA ILE A 151 45.56 -7.65 2.82
C ILE A 151 44.83 -7.62 4.16
N ALA A 152 44.28 -8.77 4.56
CA ALA A 152 43.60 -8.89 5.86
C ALA A 152 44.30 -9.77 6.91
N GLN B 4 5.30 -15.82 -18.92
CA GLN B 4 6.34 -15.01 -18.27
C GLN B 4 7.12 -13.98 -19.15
N LEU B 5 7.32 -14.26 -20.45
CA LEU B 5 7.80 -13.27 -21.40
C LEU B 5 6.93 -13.29 -22.65
N GLN B 6 6.24 -12.19 -22.94
CA GLN B 6 5.23 -12.13 -24.01
C GLN B 6 5.59 -11.08 -25.04
N GLU B 7 5.88 -11.51 -26.28
CA GLU B 7 6.19 -10.57 -27.37
C GLU B 7 4.96 -10.34 -28.25
N SER B 8 5.09 -9.41 -29.20
CA SER B 8 4.04 -8.93 -30.11
C SER B 8 4.61 -7.81 -30.98
N GLY B 9 3.99 -7.62 -32.15
CA GLY B 9 4.26 -6.44 -32.94
C GLY B 9 4.98 -6.67 -34.24
N GLY B 10 5.45 -7.89 -34.50
CA GLY B 10 6.03 -8.21 -35.79
C GLY B 10 4.96 -8.27 -36.86
N GLY B 11 5.35 -8.82 -37.99
CA GLY B 11 4.48 -8.92 -39.14
C GLY B 11 5.29 -8.77 -40.40
N LEU B 12 4.59 -8.49 -41.49
CA LEU B 12 5.14 -8.57 -42.85
C LEU B 12 5.28 -7.17 -43.40
N VAL B 13 6.47 -6.82 -43.89
CA VAL B 13 6.82 -5.43 -44.21
C VAL B 13 7.70 -5.35 -45.44
N GLN B 14 7.48 -4.29 -46.24
CA GLN B 14 8.31 -4.09 -47.42
C GLN B 14 9.69 -3.57 -47.03
N PRO B 15 10.73 -3.87 -47.80
CA PRO B 15 12.07 -3.37 -47.45
C PRO B 15 12.08 -1.85 -47.40
N GLY B 16 12.72 -1.32 -46.37
CA GLY B 16 12.62 0.08 -46.03
C GLY B 16 11.57 0.41 -45.01
N GLY B 17 10.70 -0.54 -44.68
CA GLY B 17 9.58 -0.29 -43.79
C GLY B 17 9.99 -0.20 -42.34
N SER B 18 8.99 -0.06 -41.46
CA SER B 18 9.29 0.04 -40.03
C SER B 18 8.21 -0.66 -39.20
N LEU B 19 8.65 -1.20 -38.07
CA LEU B 19 7.80 -1.97 -37.16
C LEU B 19 8.07 -1.53 -35.72
N ARG B 20 7.19 -1.95 -34.81
CA ARG B 20 7.45 -1.70 -33.38
C ARG B 20 7.06 -2.93 -32.56
N LEU B 21 8.09 -3.61 -32.06
CA LEU B 21 7.93 -4.79 -31.22
C LEU B 21 7.78 -4.39 -29.77
N SER B 22 6.95 -5.14 -29.06
CA SER B 22 6.56 -4.81 -27.71
C SER B 22 6.69 -6.11 -26.92
N CYS B 23 7.18 -6.02 -25.70
CA CYS B 23 7.27 -7.22 -24.86
C CYS B 23 6.89 -6.88 -23.43
N ARG B 24 6.03 -7.70 -22.83
CA ARG B 24 5.64 -7.53 -21.44
C ARG B 24 6.33 -8.63 -20.65
N ALA B 25 7.10 -8.24 -19.64
CA ALA B 25 7.88 -9.19 -18.88
C ALA B 25 7.39 -9.23 -17.43
N SER B 26 7.70 -10.36 -16.79
CA SER B 26 7.37 -10.54 -15.38
C SER B 26 7.96 -9.40 -14.58
N GLU B 27 7.33 -9.06 -13.46
CA GLU B 27 8.02 -8.09 -12.61
C GLU B 27 9.39 -8.63 -12.23
N THR B 28 9.47 -9.94 -11.94
CA THR B 28 10.68 -10.54 -11.40
C THR B 28 11.83 -10.50 -12.39
N LEU B 29 11.54 -10.76 -13.67
CA LEU B 29 12.54 -10.59 -14.71
C LEU B 29 12.87 -9.12 -14.97
N PHE B 30 11.86 -8.26 -15.02
CA PHE B 30 12.08 -6.87 -15.42
C PHE B 30 12.94 -6.12 -14.43
N SER B 31 12.83 -6.45 -13.14
CA SER B 31 13.56 -5.75 -12.10
C SER B 31 15.03 -6.13 -12.04
N LEU B 32 15.52 -6.89 -13.01
CA LEU B 32 16.96 -6.95 -13.18
C LEU B 32 17.47 -5.76 -13.95
N TYR B 33 16.55 -4.95 -14.49
CA TYR B 33 16.83 -3.89 -15.45
C TYR B 33 18.08 -4.23 -16.25
N ALA B 34 18.04 -5.39 -16.90
CA ALA B 34 18.95 -5.72 -17.99
C ALA B 34 18.14 -6.62 -18.92
N MET B 35 17.57 -6.03 -19.97
CA MET B 35 16.72 -6.73 -20.91
C MET B 35 17.25 -6.57 -22.32
N GLY B 36 16.95 -7.54 -23.16
CA GLY B 36 17.47 -7.50 -24.52
C GLY B 36 16.53 -8.13 -25.51
N TRP B 37 16.63 -7.66 -26.74
CA TRP B 37 15.92 -8.22 -27.88
C TRP B 37 16.89 -9.11 -28.64
N TYR B 38 16.66 -10.40 -28.60
CA TYR B 38 17.42 -11.34 -29.42
C TYR B 38 16.62 -11.64 -30.68
N ARG B 39 17.35 -11.86 -31.77
CA ARG B 39 16.77 -12.38 -32.99
C ARG B 39 17.38 -13.75 -33.26
N GLN B 40 16.55 -14.80 -33.29
CA GLN B 40 17.01 -16.12 -33.74
C GLN B 40 17.12 -16.08 -35.25
N ALA B 41 18.32 -15.72 -35.72
CA ALA B 41 18.53 -15.53 -37.14
C ALA B 41 18.26 -16.86 -37.85
N PRO B 42 17.76 -16.82 -39.15
CA PRO B 42 17.43 -18.07 -39.88
C PRO B 42 18.46 -19.21 -39.78
N GLY B 43 18.07 -20.31 -39.13
CA GLY B 43 18.91 -21.45 -38.83
C GLY B 43 19.97 -21.21 -37.79
N LYS B 44 20.01 -20.03 -37.19
CA LYS B 44 21.04 -19.64 -36.23
C LYS B 44 20.49 -19.73 -34.81
N GLN B 45 21.44 -19.66 -33.79
CA GLN B 45 21.07 -19.51 -32.37
C GLN B 45 20.76 -18.05 -32.03
N PRO B 46 19.79 -17.79 -31.11
CA PRO B 46 19.40 -16.40 -30.84
C PRO B 46 20.59 -15.52 -30.49
N GLU B 47 20.84 -14.50 -31.31
CA GLU B 47 21.88 -13.50 -31.07
C GLU B 47 21.26 -12.28 -30.39
N LEU B 48 22.03 -11.68 -29.49
CA LEU B 48 21.62 -10.48 -28.80
C LEU B 48 21.85 -9.30 -29.74
N ILE B 49 20.81 -8.46 -29.90
CA ILE B 49 20.79 -7.47 -30.97
C ILE B 49 20.72 -6.06 -30.37
N ALA B 50 20.13 -5.95 -29.18
CA ALA B 50 20.00 -4.69 -28.48
C ALA B 50 19.76 -4.96 -27.01
N THR B 51 20.47 -4.22 -26.15
CA THR B 51 20.31 -4.28 -24.70
C THR B 51 19.75 -2.96 -24.17
N ILE B 52 19.13 -3.02 -23.00
CA ILE B 52 18.79 -1.82 -22.26
C ILE B 52 19.02 -2.09 -20.77
N SER B 53 19.93 -1.35 -20.15
CA SER B 53 20.18 -1.46 -18.70
C SER B 53 20.57 -0.09 -18.15
N GLY B 54 20.64 0.01 -16.84
CA GLY B 54 21.01 1.26 -16.20
C GLY B 54 19.89 1.80 -15.33
N GLY B 55 20.02 3.08 -14.97
CA GLY B 55 19.04 3.73 -14.14
C GLY B 55 18.06 4.57 -14.96
N GLY B 56 16.97 4.98 -14.29
CA GLY B 56 15.99 5.85 -14.93
C GLY B 56 15.31 5.18 -16.11
N GLU B 57 15.26 5.88 -17.23
CA GLU B 57 14.67 5.30 -18.42
C GLU B 57 15.61 4.30 -19.08
N GLY B 58 16.86 4.22 -18.62
CA GLY B 58 17.79 3.23 -19.09
C GLY B 58 18.67 3.70 -20.24
N THR B 59 19.58 2.83 -20.62
CA THR B 59 20.55 3.11 -21.68
C THR B 59 20.63 1.93 -22.63
N GLY B 60 20.64 2.24 -23.92
CA GLY B 60 20.53 1.23 -24.96
C GLY B 60 21.86 0.95 -25.64
N ASN B 61 22.03 -0.29 -26.05
CA ASN B 61 23.25 -0.65 -26.77
C ASN B 61 22.86 -1.55 -27.92
N TYR B 62 23.42 -1.29 -29.10
CA TYR B 62 22.98 -1.93 -30.32
C TYR B 62 24.11 -2.73 -30.94
N ALA B 63 23.83 -4.01 -31.25
CA ALA B 63 24.73 -4.83 -32.04
C ALA B 63 24.98 -4.17 -33.40
N ASP B 64 26.17 -4.40 -33.94
CA ASP B 64 26.58 -3.72 -35.17
C ASP B 64 25.56 -3.79 -36.32
N PRO B 65 24.91 -4.94 -36.62
CA PRO B 65 24.00 -4.97 -37.78
C PRO B 65 22.82 -4.02 -37.67
N VAL B 66 22.39 -3.65 -36.46
CA VAL B 66 21.24 -2.76 -36.30
C VAL B 66 21.60 -1.36 -35.81
N LYS B 67 22.83 -1.10 -35.37
CA LYS B 67 23.15 0.21 -34.77
C LYS B 67 22.78 1.33 -35.74
N GLY B 68 21.99 2.29 -35.23
CA GLY B 68 21.51 3.39 -36.04
C GLY B 68 20.23 3.12 -36.80
N ARG B 69 19.56 2.00 -36.53
CA ARG B 69 18.28 1.65 -37.13
C ARG B 69 17.28 1.11 -36.13
N PHE B 70 17.72 0.63 -34.97
CA PHE B 70 16.84 0.14 -33.93
C PHE B 70 17.00 1.00 -32.69
N THR B 71 15.90 1.15 -31.94
CA THR B 71 15.88 1.90 -30.69
C THR B 71 15.18 1.08 -29.64
N ILE B 72 15.85 0.81 -28.55
CA ILE B 72 15.27 0.03 -27.46
C ILE B 72 14.80 0.99 -26.38
N SER B 73 13.82 0.58 -25.59
CA SER B 73 13.25 1.45 -24.57
C SER B 73 12.44 0.63 -23.58
N ARG B 74 12.09 1.25 -22.46
CA ARG B 74 11.36 0.46 -21.48
C ARG B 74 10.36 1.36 -20.79
N ASN B 75 9.42 0.73 -20.11
CA ASN B 75 8.43 1.46 -19.32
C ASN B 75 8.49 0.85 -17.92
N ASN B 76 9.17 1.53 -16.99
CA ASN B 76 9.39 0.95 -15.67
C ASN B 76 8.09 0.66 -14.95
N ALA B 77 7.10 1.53 -15.09
CA ALA B 77 5.89 1.32 -14.31
C ALA B 77 5.10 0.14 -14.81
N ASP B 78 5.30 -0.26 -16.08
CA ASP B 78 4.50 -1.27 -16.76
C ASP B 78 5.26 -2.55 -17.07
N ASN B 79 6.54 -2.63 -16.68
CA ASN B 79 7.38 -3.81 -16.89
C ASN B 79 7.49 -4.16 -18.37
N MET B 80 7.60 -3.14 -19.22
CA MET B 80 7.62 -3.40 -20.65
C MET B 80 8.89 -2.91 -21.34
N VAL B 81 9.18 -3.57 -22.46
CA VAL B 81 10.36 -3.30 -23.28
C VAL B 81 9.90 -3.18 -24.72
N PHE B 82 10.38 -2.16 -25.43
CA PHE B 82 9.96 -1.90 -26.81
C PHE B 82 11.16 -1.81 -27.73
N LEU B 83 11.01 -2.36 -28.93
CA LEU B 83 12.07 -2.28 -29.94
C LEU B 83 11.49 -1.62 -31.18
N GLN B 84 11.92 -0.41 -31.47
CA GLN B 84 11.40 0.34 -32.60
C GLN B 84 12.37 0.13 -33.76
N MET B 85 11.92 -0.58 -34.79
CA MET B 85 12.77 -0.95 -35.92
C MET B 85 12.39 -0.12 -37.14
N ASN B 86 13.36 0.57 -37.71
CA ASN B 86 13.16 1.41 -38.89
C ASN B 86 14.09 0.93 -39.98
N ASN B 87 13.74 1.33 -41.20
CA ASN B 87 14.35 0.95 -42.48
C ASN B 87 14.76 -0.53 -42.33
N LEU B 88 13.80 -1.43 -42.56
CA LEU B 88 14.02 -2.87 -42.46
C LEU B 88 14.63 -3.36 -43.76
N LYS B 89 15.70 -4.08 -43.63
CA LYS B 89 16.31 -4.74 -44.76
C LYS B 89 15.86 -6.19 -44.81
N PRO B 90 16.09 -6.88 -45.93
CA PRO B 90 15.77 -8.32 -45.99
C PRO B 90 16.40 -9.13 -44.87
N GLU B 91 17.65 -8.81 -44.55
CA GLU B 91 18.44 -9.54 -43.59
C GLU B 91 17.76 -9.63 -42.22
N ASP B 92 16.91 -8.67 -41.87
CA ASP B 92 16.32 -8.66 -40.54
C ASP B 92 15.21 -9.67 -40.36
N THR B 93 14.89 -10.45 -41.40
CA THR B 93 13.84 -11.46 -41.24
C THR B 93 14.28 -12.50 -40.22
N ALA B 94 13.43 -12.77 -39.23
CA ALA B 94 13.74 -13.66 -38.12
C ALA B 94 12.62 -13.65 -37.10
N VAL B 95 12.76 -14.37 -36.00
CA VAL B 95 11.82 -14.30 -34.90
C VAL B 95 12.50 -13.64 -33.71
N TYR B 96 11.90 -12.54 -33.24
CA TYR B 96 12.50 -11.66 -32.24
C TYR B 96 11.98 -12.02 -30.85
N TYR B 97 12.88 -12.48 -30.00
CA TYR B 97 12.52 -12.82 -28.65
C TYR B 97 13.01 -11.75 -27.72
N CYS B 98 12.37 -11.67 -26.58
CA CYS B 98 12.79 -10.71 -25.58
C CYS B 98 13.10 -11.46 -24.30
N ASN B 99 14.14 -11.02 -23.60
CA ASN B 99 14.63 -11.76 -22.46
C ASN B 99 15.72 -10.92 -21.80
N VAL B 100 16.05 -11.29 -20.55
CA VAL B 100 17.15 -10.69 -19.79
C VAL B 100 18.47 -11.00 -20.47
N TYR B 101 19.53 -10.29 -20.08
CA TYR B 101 20.88 -10.59 -20.53
C TYR B 101 21.78 -10.46 -19.32
N GLY B 102 23.06 -10.84 -19.48
CA GLY B 102 24.00 -10.71 -18.39
C GLY B 102 23.79 -11.62 -17.19
N THR B 103 22.72 -12.43 -17.16
CA THR B 103 22.56 -13.47 -16.15
C THR B 103 21.95 -14.70 -16.82
N ASN B 104 21.46 -15.63 -16.03
CA ASN B 104 20.93 -16.86 -16.60
C ASN B 104 19.56 -16.59 -17.22
N LEU B 105 19.39 -17.04 -18.47
CA LEU B 105 18.26 -16.68 -19.32
C LEU B 105 16.95 -17.28 -18.79
N ALA B 106 15.86 -16.60 -19.07
CA ALA B 106 14.57 -17.16 -18.68
C ALA B 106 14.05 -18.06 -19.79
N PRO B 107 13.13 -18.97 -19.49
CA PRO B 107 12.57 -19.84 -20.54
C PRO B 107 11.93 -18.96 -21.61
N TRP B 108 12.39 -19.15 -22.84
CA TRP B 108 12.00 -18.27 -23.92
C TRP B 108 10.49 -18.12 -24.03
N GLY B 109 10.05 -16.96 -24.52
CA GLY B 109 8.67 -16.75 -24.90
C GLY B 109 8.43 -17.14 -26.33
N GLN B 110 7.21 -16.87 -26.81
CA GLN B 110 6.85 -17.22 -28.18
C GLN B 110 7.62 -16.39 -29.21
N GLY B 111 7.98 -15.15 -28.90
CA GLY B 111 8.63 -14.29 -29.88
C GLY B 111 7.70 -13.86 -30.99
N THR B 112 8.10 -12.95 -31.85
CA THR B 112 7.19 -12.41 -32.84
C THR B 112 7.87 -12.52 -34.20
N GLN B 113 7.09 -12.77 -35.23
CA GLN B 113 7.63 -13.04 -36.55
C GLN B 113 7.82 -11.75 -37.34
N VAL B 114 9.03 -11.52 -37.84
CA VAL B 114 9.33 -10.34 -38.63
C VAL B 114 9.81 -10.79 -40.00
N THR B 115 9.07 -10.42 -41.04
CA THR B 115 9.35 -10.87 -42.39
C THR B 115 9.51 -9.66 -43.29
N VAL B 116 10.63 -9.55 -43.97
CA VAL B 116 10.92 -8.38 -44.81
C VAL B 116 11.00 -8.85 -46.26
N SER B 117 9.99 -8.55 -47.09
CA SER B 117 10.12 -8.78 -48.54
C SER B 117 9.22 -7.91 -49.43
N SER C 1 22.77 23.69 -8.75
CA SER C 1 24.05 23.27 -8.19
C SER C 1 23.80 22.43 -6.93
N GLN C 2 23.10 22.99 -5.97
CA GLN C 2 22.63 22.23 -4.82
C GLN C 2 21.25 21.67 -5.16
N VAL C 3 20.92 20.49 -4.64
CA VAL C 3 19.55 20.01 -4.76
C VAL C 3 18.64 20.83 -3.87
N GLN C 4 17.45 21.16 -4.38
CA GLN C 4 16.45 21.88 -3.60
C GLN C 4 15.09 21.21 -3.76
N LEU C 5 14.43 21.01 -2.64
CA LEU C 5 13.11 20.38 -2.61
C LEU C 5 12.04 21.41 -2.25
N GLN C 6 10.90 21.29 -2.93
CA GLN C 6 9.75 22.15 -2.70
C GLN C 6 8.50 21.29 -2.53
N GLU C 7 7.89 21.37 -1.34
CA GLU C 7 6.63 20.65 -1.14
C GLU C 7 5.48 21.42 -1.76
N SER C 8 4.30 20.81 -1.71
CA SER C 8 3.06 21.39 -2.22
C SER C 8 1.93 20.48 -1.79
N GLY C 9 0.74 21.04 -1.72
CA GLY C 9 -0.48 20.25 -1.68
C GLY C 9 -1.09 20.04 -0.31
N GLY C 10 -0.42 20.42 0.75
CA GLY C 10 -1.07 20.41 2.04
C GLY C 10 -2.24 21.38 2.07
N GLY C 11 -3.05 21.24 3.11
CA GLY C 11 -4.11 22.20 3.29
C GLY C 11 -4.94 21.83 4.48
N SER C 12 -6.21 22.23 4.42
CA SER C 12 -7.17 21.86 5.46
C SER C 12 -8.16 20.86 4.88
N VAL C 13 -8.60 19.92 5.71
CA VAL C 13 -9.48 18.86 5.26
C VAL C 13 -10.14 18.24 6.48
N GLN C 14 -11.27 17.57 6.25
CA GLN C 14 -12.16 17.04 7.28
C GLN C 14 -11.70 15.65 7.70
N ALA C 15 -11.84 15.34 9.00
CA ALA C 15 -11.45 14.03 9.48
C ALA C 15 -12.07 12.94 8.62
N GLY C 16 -11.21 12.13 7.98
CA GLY C 16 -11.62 11.17 6.97
C GLY C 16 -11.29 11.58 5.55
N GLY C 17 -10.75 12.77 5.32
CA GLY C 17 -10.52 13.26 3.98
C GLY C 17 -9.25 12.71 3.34
N SER C 18 -8.90 13.29 2.21
CA SER C 18 -7.69 12.90 1.51
C SER C 18 -6.82 14.12 1.26
N LEU C 19 -5.53 13.85 1.14
CA LEU C 19 -4.57 14.82 0.66
C LEU C 19 -3.53 14.09 -0.15
N ARG C 20 -2.99 14.74 -1.18
CA ARG C 20 -1.86 14.23 -1.95
C ARG C 20 -0.78 15.31 -1.95
N LEU C 21 0.15 15.20 -1.02
CA LEU C 21 1.33 16.04 -1.03
C LEU C 21 2.23 15.63 -2.18
N ALA C 22 2.96 16.60 -2.72
CA ALA C 22 3.98 16.26 -3.69
C ALA C 22 5.19 17.12 -3.41
N CYS C 23 6.36 16.54 -3.59
CA CYS C 23 7.62 17.26 -3.52
C CYS C 23 8.31 17.12 -4.86
N VAL C 24 8.72 18.24 -5.45
CA VAL C 24 9.48 18.27 -6.68
C VAL C 24 10.90 18.73 -6.37
N ALA C 25 11.87 18.06 -6.98
CA ALA C 25 13.27 18.41 -6.80
C ALA C 25 13.75 19.24 -7.98
N SER C 26 14.60 20.22 -7.68
CA SER C 26 15.04 21.21 -8.66
C SER C 26 16.54 21.37 -8.53
N GLY C 27 17.21 21.62 -9.66
CA GLY C 27 18.66 21.73 -9.69
C GLY C 27 19.38 20.56 -9.08
N GLY C 28 20.70 20.67 -8.88
CA GLY C 28 21.44 19.54 -8.37
C GLY C 28 21.82 18.56 -9.46
N ASP C 29 22.44 17.45 -9.06
CA ASP C 29 22.97 16.50 -10.03
C ASP C 29 21.86 15.59 -10.53
N THR C 30 21.58 15.67 -11.81
CA THR C 30 20.40 15.08 -12.38
C THR C 30 20.66 13.68 -12.92
N ARG C 31 21.90 13.21 -12.82
CA ARG C 31 22.30 11.95 -13.46
C ARG C 31 21.67 10.76 -12.73
N PRO C 32 21.18 9.75 -13.46
CA PRO C 32 20.35 8.69 -12.85
C PRO C 32 20.93 7.93 -11.68
N TYR C 33 22.25 7.75 -11.62
CA TYR C 33 22.88 6.88 -10.65
C TYR C 33 23.23 7.59 -9.35
N ILE C 34 22.55 8.71 -9.09
CA ILE C 34 22.73 9.48 -7.86
C ILE C 34 21.46 9.24 -7.07
N THR C 35 21.49 8.20 -6.27
CA THR C 35 20.30 7.76 -5.58
C THR C 35 20.19 8.43 -4.22
N TYR C 36 18.96 8.76 -3.81
CA TYR C 36 18.70 9.33 -2.50
C TYR C 36 17.65 8.50 -1.79
N TRP C 37 17.42 8.78 -0.51
CA TRP C 37 16.28 8.21 0.22
C TRP C 37 15.30 9.35 0.52
N MET C 38 14.47 9.70 -0.48
CA MET C 38 13.47 10.75 -0.32
C MET C 38 12.42 10.37 0.71
N GLY C 39 12.11 11.31 1.59
CA GLY C 39 11.26 11.02 2.74
C GLY C 39 10.35 12.16 3.11
N TRP C 40 9.24 11.80 3.76
CA TRP C 40 8.24 12.73 4.25
C TRP C 40 8.32 12.74 5.76
N TYR C 41 8.46 13.93 6.32
CA TYR C 41 8.66 14.14 7.74
C TYR C 41 7.58 15.09 8.26
N ARG C 42 7.28 14.93 9.53
CA ARG C 42 6.05 15.49 10.10
C ARG C 42 6.40 16.07 11.47
N GLN C 43 6.15 17.37 11.66
CA GLN C 43 6.46 18.04 12.92
C GLN C 43 5.23 18.77 13.43
N ALA C 44 4.71 18.34 14.56
CA ALA C 44 3.57 18.96 15.22
C ALA C 44 4.06 20.02 16.19
N PRO C 45 3.28 21.05 16.49
CA PRO C 45 3.83 22.15 17.32
C PRO C 45 4.11 21.69 18.75
N GLY C 46 5.37 21.84 19.15
CA GLY C 46 5.79 21.33 20.44
C GLY C 46 6.24 19.89 20.48
N LYS C 47 6.31 19.20 19.34
CA LYS C 47 6.90 17.86 19.30
C LYS C 47 8.05 17.82 18.29
N GLU C 48 8.64 16.64 18.11
CA GLU C 48 9.83 16.50 17.28
C GLU C 48 9.48 15.98 15.89
N ARG C 49 10.35 16.28 14.91
CA ARG C 49 10.12 15.78 13.56
C ARG C 49 10.08 14.26 13.57
N GLU C 50 9.11 13.71 12.85
CA GLU C 50 8.78 12.30 12.97
C GLU C 50 9.25 11.48 11.78
N GLY C 51 8.91 11.87 10.57
CA GLY C 51 9.20 10.95 9.49
C GLY C 51 8.22 9.81 9.40
N VAL C 52 7.42 9.84 8.34
CA VAL C 52 6.31 8.93 8.15
C VAL C 52 6.58 7.93 7.05
N ALA C 53 7.30 8.32 6.01
CA ALA C 53 7.56 7.37 4.93
C ALA C 53 8.77 7.81 4.12
N THR C 54 9.40 6.84 3.46
CA THR C 54 10.58 7.09 2.63
C THR C 54 10.54 6.18 1.42
N ILE C 55 11.25 6.57 0.36
CA ILE C 55 11.27 5.78 -0.87
C ILE C 55 12.66 5.88 -1.48
N TYR C 56 13.10 4.79 -2.11
CA TYR C 56 14.41 4.78 -2.73
C TYR C 56 14.27 5.38 -4.12
N THR C 57 15.12 6.33 -4.43
CA THR C 57 15.15 6.86 -5.78
C THR C 57 15.77 5.89 -6.75
N GLY C 58 16.52 4.89 -6.27
CA GLY C 58 17.19 3.99 -7.16
C GLY C 58 16.28 2.87 -7.62
N GLY C 59 15.31 2.53 -6.78
CA GLY C 59 14.44 1.41 -7.08
C GLY C 59 13.02 1.71 -6.74
N SER C 60 12.48 0.96 -5.78
CA SER C 60 11.08 1.15 -5.39
C SER C 60 10.84 0.87 -3.91
N GLY C 61 11.87 0.67 -3.10
CA GLY C 61 11.65 0.26 -1.73
C GLY C 61 11.01 1.36 -0.94
N THR C 62 9.95 1.02 -0.22
CA THR C 62 9.22 1.98 0.57
C THR C 62 9.09 1.50 2.01
N TYR C 63 9.30 2.41 2.96
CA TYR C 63 9.21 2.08 4.38
C TYR C 63 8.37 3.13 5.10
N TYR C 64 7.39 2.68 5.88
CA TYR C 64 6.46 3.58 6.53
C TYR C 64 6.57 3.46 8.04
N SER C 65 6.23 4.55 8.71
CA SER C 65 6.17 4.53 10.16
C SER C 65 4.89 3.87 10.61
N ASP C 66 4.92 3.32 11.83
CA ASP C 66 3.80 2.51 12.32
C ASP C 66 2.53 3.32 12.51
N SER C 67 2.63 4.64 12.68
CA SER C 67 1.45 5.45 12.95
C SER C 67 0.66 5.79 11.70
N VAL C 68 1.21 5.53 10.52
CA VAL C 68 0.52 5.89 9.27
C VAL C 68 0.47 4.69 8.33
N GLU C 69 0.78 3.49 8.84
CA GLU C 69 1.03 2.35 7.99
C GLU C 69 -0.04 2.10 6.93
N GLY C 70 -1.26 1.82 7.36
CA GLY C 70 -2.27 1.44 6.41
C GLY C 70 -2.73 2.58 5.54
N ARG C 71 -2.54 3.81 6.00
CA ARG C 71 -3.23 4.95 5.43
C ARG C 71 -2.41 5.71 4.41
N PHE C 72 -1.11 5.88 4.64
CA PHE C 72 -0.27 6.72 3.79
C PHE C 72 0.46 5.87 2.76
N THR C 73 0.56 6.38 1.53
CA THR C 73 1.25 5.69 0.44
C THR C 73 2.18 6.63 -0.30
N ILE C 74 3.47 6.31 -0.32
CA ILE C 74 4.48 7.17 -0.92
C ILE C 74 4.89 6.57 -2.27
N SER C 75 4.76 7.35 -3.34
CA SER C 75 5.05 6.97 -4.73
C SER C 75 6.04 7.99 -5.32
N GLN C 76 6.45 7.77 -6.57
CA GLN C 76 7.44 8.68 -7.17
C GLN C 76 7.39 8.62 -8.70
N ASP C 77 7.71 9.75 -9.31
CA ASP C 77 7.88 9.86 -10.76
C ASP C 77 9.33 10.26 -11.03
N LYS C 78 10.22 9.26 -11.13
CA LYS C 78 11.65 9.61 -11.21
C LYS C 78 11.94 10.52 -12.40
N ALA C 79 11.20 10.39 -13.49
CA ALA C 79 11.47 11.23 -14.65
C ALA C 79 10.98 12.66 -14.47
N GLN C 80 9.96 12.88 -13.64
CA GLN C 80 9.54 14.22 -13.26
C GLN C 80 10.22 14.71 -12.01
N ARG C 81 11.11 13.91 -11.44
CA ARG C 81 11.84 14.24 -10.23
C ARG C 81 10.87 14.63 -9.10
N THR C 82 9.83 13.84 -8.95
CA THR C 82 8.77 14.09 -7.98
C THR C 82 8.54 12.87 -7.09
N VAL C 83 8.20 13.12 -5.83
CA VAL C 83 7.83 12.08 -4.87
C VAL C 83 6.52 12.51 -4.19
N TYR C 84 5.55 11.61 -4.13
CA TYR C 84 4.17 11.87 -3.72
C TYR C 84 3.85 11.24 -2.36
N LEU C 85 2.80 11.76 -1.71
CA LEU C 85 2.31 11.17 -0.47
C LEU C 85 0.79 11.26 -0.47
N GLN C 86 0.13 10.13 -0.73
CA GLN C 86 -1.32 10.05 -0.64
C GLN C 86 -1.64 9.73 0.80
N MET C 87 -2.13 10.71 1.53
CA MET C 87 -2.59 10.51 2.89
C MET C 87 -4.09 10.46 2.85
N ASN C 88 -4.67 9.34 3.24
CA ASN C 88 -6.11 9.28 3.31
C ASN C 88 -6.53 8.63 4.62
N ASP C 89 -7.84 8.64 4.86
CA ASP C 89 -8.42 8.32 6.16
C ASP C 89 -7.70 9.13 7.25
N LEU C 90 -7.81 10.47 7.12
CA LEU C 90 -6.99 11.39 7.91
C LEU C 90 -7.56 11.61 9.30
N LYS C 91 -6.72 11.43 10.33
CA LYS C 91 -7.08 11.61 11.73
C LYS C 91 -6.80 13.05 12.13
N PRO C 92 -7.42 13.55 13.19
CA PRO C 92 -7.00 14.86 13.71
C PRO C 92 -5.54 14.89 14.14
N GLU C 93 -4.99 13.77 14.60
CA GLU C 93 -3.60 13.72 15.06
C GLU C 93 -2.58 13.92 13.95
N ASP C 94 -2.99 13.85 12.70
CA ASP C 94 -2.06 14.06 11.59
C ASP C 94 -1.79 15.53 11.29
N THR C 95 -2.49 16.48 11.95
CA THR C 95 -2.15 17.90 11.84
C THR C 95 -0.70 18.14 12.23
N ALA C 96 0.06 18.76 11.33
CA ALA C 96 1.45 19.08 11.58
C ALA C 96 1.97 19.79 10.33
N MET C 97 3.22 20.26 10.42
CA MET C 97 3.92 20.68 9.22
C MET C 97 4.62 19.49 8.58
N TYR C 98 4.48 19.33 7.27
CA TYR C 98 5.01 18.17 6.55
C TYR C 98 6.18 18.59 5.67
N TYR C 99 7.35 18.03 5.95
CA TYR C 99 8.56 18.37 5.24
C TYR C 99 9.00 17.21 4.37
N CYS C 100 9.47 17.54 3.17
CA CYS C 100 10.15 16.55 2.37
C CYS C 100 11.65 16.70 2.50
N ALA C 101 12.34 15.58 2.69
CA ALA C 101 13.79 15.64 2.85
C ALA C 101 14.46 14.53 2.04
N ALA C 102 15.71 14.76 1.70
CA ALA C 102 16.52 13.84 0.92
C ALA C 102 17.75 13.44 1.74
N GLY C 103 18.27 12.25 1.45
CA GLY C 103 19.44 11.75 2.15
C GLY C 103 20.13 10.67 1.33
N ASN C 104 21.35 10.33 1.77
CA ASN C 104 22.23 9.52 0.95
C ASN C 104 21.60 8.21 0.54
N GLY C 105 21.68 7.92 -0.75
CA GLY C 105 21.17 6.65 -1.25
C GLY C 105 21.71 5.43 -0.53
N ALA C 106 22.91 5.52 0.05
CA ALA C 106 23.55 4.38 0.68
C ALA C 106 23.18 4.20 2.15
N LEU C 107 22.18 4.92 2.67
CA LEU C 107 21.85 4.81 4.09
C LEU C 107 21.42 3.38 4.43
N PRO C 108 21.93 2.80 5.51
CA PRO C 108 21.61 1.41 5.86
C PRO C 108 20.23 1.33 6.48
N PRO C 109 19.69 0.13 6.68
CA PRO C 109 18.41 0.00 7.39
C PRO C 109 18.53 0.52 8.82
N GLY C 110 17.56 1.35 9.22
CA GLY C 110 17.54 1.98 10.51
C GLY C 110 17.87 3.45 10.48
N ARG C 111 18.53 3.91 9.42
CA ARG C 111 18.98 5.30 9.33
C ARG C 111 18.34 6.00 8.14
N ARG C 112 17.30 5.40 7.54
CA ARG C 112 16.68 5.92 6.34
C ARG C 112 15.48 6.82 6.64
N LEU C 113 14.85 6.61 7.81
CA LEU C 113 13.75 7.42 8.32
C LEU C 113 14.12 8.16 9.59
N SER C 114 15.37 8.55 9.71
CA SER C 114 15.79 9.36 10.84
C SER C 114 16.19 10.73 10.32
N PRO C 115 15.60 11.80 10.87
CA PRO C 115 15.82 13.13 10.28
C PRO C 115 17.22 13.63 10.51
N GLN C 116 17.93 13.05 11.48
CA GLN C 116 19.32 13.40 11.72
C GLN C 116 20.20 13.01 10.54
N ASN C 117 19.95 11.85 9.91
CA ASN C 117 20.79 11.45 8.78
C ASN C 117 20.27 12.04 7.47
N MET C 118 19.64 13.19 7.53
CA MET C 118 18.98 13.71 6.37
C MET C 118 19.73 14.95 5.93
N ASP C 119 19.90 15.12 4.62
CA ASP C 119 20.85 16.08 4.10
C ASP C 119 20.23 17.42 3.72
N THR C 120 19.31 17.43 2.78
CA THR C 120 18.70 18.70 2.42
C THR C 120 17.20 18.59 2.67
N TRP C 121 16.57 19.71 3.04
CA TRP C 121 15.17 19.70 3.47
C TRP C 121 14.34 20.63 2.58
N GLY C 122 13.05 20.36 2.51
CA GLY C 122 12.17 21.27 1.85
C GLY C 122 11.59 22.18 2.90
N PRO C 123 10.99 23.31 2.49
CA PRO C 123 10.59 24.32 3.48
C PRO C 123 9.41 23.93 4.33
N GLY C 124 8.56 23.03 3.85
CA GLY C 124 7.38 22.59 4.60
C GLY C 124 6.05 22.95 3.95
N THR C 125 5.00 22.18 4.21
CA THR C 125 3.63 22.55 3.88
C THR C 125 2.74 22.17 5.05
N GLN C 126 1.76 23.03 5.37
CA GLN C 126 0.91 22.79 6.54
C GLN C 126 -0.33 21.97 6.20
N VAL C 127 -0.60 20.97 7.04
CA VAL C 127 -1.72 20.04 6.92
C VAL C 127 -2.47 20.02 8.24
N THR C 128 -3.73 20.43 8.21
CA THR C 128 -4.59 20.51 9.38
C THR C 128 -5.87 19.70 9.14
N VAL C 129 -6.19 18.80 10.07
CA VAL C 129 -7.34 17.90 9.96
C VAL C 129 -8.31 18.23 11.09
N SER C 130 -9.52 18.62 10.72
CA SER C 130 -10.54 19.03 11.68
C SER C 130 -11.55 17.91 11.91
N SER C 131 -12.09 17.89 13.13
CA SER C 131 -12.99 16.82 13.54
C SER C 131 -14.39 17.30 13.98
N ALA D 1 -20.26 48.96 -63.28
CA ALA D 1 -18.83 48.63 -63.32
C ALA D 1 -18.12 48.87 -61.98
N THR D 2 -18.62 48.26 -60.89
CA THR D 2 -18.09 48.53 -59.55
C THR D 2 -16.70 47.95 -59.33
N LYS D 3 -15.90 48.68 -58.57
CA LYS D 3 -14.56 48.25 -58.23
C LYS D 3 -14.37 48.39 -56.72
N ALA D 4 -13.52 47.53 -56.15
CA ALA D 4 -13.15 47.61 -54.75
C ALA D 4 -11.67 47.33 -54.59
N VAL D 5 -11.12 47.70 -53.43
CA VAL D 5 -9.73 47.41 -53.13
C VAL D 5 -9.60 47.18 -51.64
N CYS D 6 -8.60 46.36 -51.27
CA CYS D 6 -8.29 46.00 -49.89
C CYS D 6 -6.78 45.93 -49.67
N VAL D 7 -6.30 46.66 -48.66
CA VAL D 7 -4.90 46.62 -48.26
C VAL D 7 -4.76 45.75 -47.01
N LEU D 8 -3.92 44.71 -47.11
CA LEU D 8 -3.78 43.68 -46.09
C LEU D 8 -2.58 43.97 -45.23
N LYS D 9 -2.81 44.09 -43.94
CA LYS D 9 -1.76 44.35 -42.98
C LYS D 9 -1.89 43.34 -41.85
N GLY D 10 -0.77 43.00 -41.23
CA GLY D 10 -0.76 42.01 -40.19
C GLY D 10 0.25 42.39 -39.13
N ASP D 11 0.23 41.63 -38.04
CA ASP D 11 1.18 41.85 -36.96
C ASP D 11 2.59 41.39 -37.30
N GLY D 12 2.75 40.49 -38.26
CA GLY D 12 4.05 40.07 -38.74
C GLY D 12 4.30 40.65 -40.12
N PRO D 13 5.27 40.08 -40.84
CA PRO D 13 5.70 40.69 -42.10
C PRO D 13 4.69 40.59 -43.24
N VAL D 14 3.58 39.86 -43.09
CA VAL D 14 2.68 39.65 -44.21
C VAL D 14 2.01 40.98 -44.58
N GLN D 15 1.84 41.20 -45.88
CA GLN D 15 1.16 42.38 -46.39
C GLN D 15 0.96 42.35 -47.91
N GLY D 16 -0.05 43.05 -48.41
CA GLY D 16 -0.30 43.09 -49.85
C GLY D 16 -1.54 43.89 -50.16
N ILE D 17 -1.87 43.97 -51.45
CA ILE D 17 -3.07 44.63 -51.94
C ILE D 17 -3.85 43.74 -52.90
N ILE D 18 -5.15 43.57 -52.63
CA ILE D 18 -6.06 42.79 -53.46
C ILE D 18 -7.13 43.70 -54.05
N ASN D 19 -7.41 43.54 -55.34
CA ASN D 19 -8.45 44.30 -56.01
C ASN D 19 -9.68 43.42 -56.30
N PHE D 20 -10.83 44.08 -56.41
CA PHE D 20 -12.11 43.47 -56.77
C PHE D 20 -12.72 44.19 -57.96
N GLU D 21 -13.27 43.42 -58.88
CA GLU D 21 -13.96 43.99 -60.03
C GLU D 21 -15.14 43.13 -60.46
N GLN D 22 -16.31 43.76 -60.52
CA GLN D 22 -17.57 43.10 -60.83
C GLN D 22 -18.27 43.98 -61.88
N LYS D 23 -18.32 43.51 -63.11
CA LYS D 23 -18.76 44.34 -64.24
C LYS D 23 -20.27 44.47 -64.27
N GLU D 24 -20.98 43.35 -64.35
CA GLU D 24 -22.43 43.34 -64.30
C GLU D 24 -22.89 42.92 -62.91
N SER D 25 -23.79 43.71 -62.33
CA SER D 25 -24.50 43.36 -61.11
C SER D 25 -24.84 41.88 -61.07
N ASN D 26 -24.54 41.24 -59.94
CA ASN D 26 -24.69 39.80 -59.76
C ASN D 26 -24.14 39.03 -60.97
N GLY D 27 -22.83 39.18 -61.16
CA GLY D 27 -22.03 38.33 -62.03
C GLY D 27 -20.72 37.95 -61.34
N PRO D 28 -19.79 37.42 -62.12
CA PRO D 28 -18.48 37.05 -61.57
C PRO D 28 -17.79 38.27 -61.00
N VAL D 29 -16.98 38.04 -59.97
CA VAL D 29 -16.10 39.07 -59.39
C VAL D 29 -14.66 38.66 -59.64
N LYS D 30 -13.91 39.48 -60.38
CA LYS D 30 -12.47 39.27 -60.48
C LYS D 30 -11.78 39.71 -59.18
N VAL D 31 -10.91 38.85 -58.66
CA VAL D 31 -10.18 39.10 -57.43
C VAL D 31 -8.70 38.87 -57.72
N TRP D 32 -7.94 39.94 -57.89
CA TRP D 32 -6.54 39.82 -58.24
C TRP D 32 -5.69 40.77 -57.43
N GLY D 33 -4.51 40.32 -57.07
CA GLY D 33 -3.53 41.21 -56.48
C GLY D 33 -2.20 40.53 -56.24
N SER D 34 -1.66 40.76 -55.05
CA SER D 34 -0.40 40.15 -54.65
C SER D 34 -0.24 40.34 -53.16
N ILE D 35 0.09 39.26 -52.46
CA ILE D 35 0.50 39.26 -51.06
C ILE D 35 1.95 38.79 -50.99
N LYS D 36 2.72 39.36 -50.08
CA LYS D 36 4.15 39.10 -50.05
C LYS D 36 4.64 39.01 -48.61
N GLY D 37 5.55 38.08 -48.35
CA GLY D 37 5.99 37.79 -47.00
C GLY D 37 5.42 36.54 -46.38
N LEU D 38 4.81 35.68 -47.18
CA LEU D 38 4.23 34.45 -46.71
C LEU D 38 5.19 33.30 -46.91
N THR D 39 5.00 32.26 -46.11
CA THR D 39 5.76 31.03 -46.27
C THR D 39 5.35 30.31 -47.56
N GLU D 40 6.34 29.77 -48.26
CA GLU D 40 6.13 29.03 -49.50
C GLU D 40 5.03 27.99 -49.34
N GLY D 41 3.87 28.21 -49.95
CA GLY D 41 2.85 27.17 -49.90
C GLY D 41 1.44 27.74 -50.04
N LEU D 42 0.49 26.87 -49.68
CA LEU D 42 -0.92 27.16 -49.77
C LEU D 42 -1.37 27.89 -48.50
N HIS D 43 -2.15 28.95 -48.68
CA HIS D 43 -2.66 29.77 -47.58
C HIS D 43 -4.15 29.96 -47.73
N GLY D 44 -4.89 29.74 -46.64
CA GLY D 44 -6.30 30.04 -46.66
C GLY D 44 -6.58 31.51 -46.92
N PHE D 45 -7.71 31.76 -47.56
CA PHE D 45 -8.07 33.07 -48.10
C PHE D 45 -9.58 33.26 -47.93
N HIS D 46 -10.04 34.14 -47.02
CA HIS D 46 -11.46 34.20 -46.71
C HIS D 46 -11.96 35.64 -46.58
N VAL D 47 -13.25 35.83 -46.86
CA VAL D 47 -13.95 37.08 -46.55
C VAL D 47 -14.70 36.84 -45.25
N HIS D 48 -14.33 37.57 -44.20
CA HIS D 48 -14.93 37.39 -42.89
C HIS D 48 -15.99 38.46 -42.66
N GLU D 49 -16.90 38.16 -41.72
CA GLU D 49 -18.19 38.86 -41.65
C GLU D 49 -18.01 40.35 -41.43
N PHE D 50 -17.28 40.74 -40.40
CA PHE D 50 -17.21 42.12 -39.93
C PHE D 50 -15.99 42.88 -40.45
N GLY D 51 -16.21 44.15 -40.82
CA GLY D 51 -15.18 45.12 -41.11
C GLY D 51 -14.72 45.81 -39.84
N ASP D 52 -14.45 45.01 -38.81
CA ASP D 52 -13.87 45.42 -37.53
C ASP D 52 -12.40 45.04 -37.49
N ASN D 53 -11.56 46.00 -37.10
CA ASN D 53 -10.13 45.78 -36.94
C ASN D 53 -9.66 46.32 -35.60
N THR D 54 -10.59 46.77 -34.76
CA THR D 54 -10.24 47.42 -33.49
C THR D 54 -9.30 46.56 -32.66
N ALA D 55 -9.50 45.25 -32.66
CA ALA D 55 -8.61 44.32 -31.97
C ALA D 55 -7.89 43.39 -32.96
N GLY D 56 -7.38 43.94 -34.06
CA GLY D 56 -6.66 43.15 -35.03
C GLY D 56 -7.60 42.41 -35.96
N CYS D 57 -7.11 41.27 -36.46
CA CYS D 57 -7.95 40.43 -37.30
C CYS D 57 -8.95 39.60 -36.51
N THR D 58 -8.73 39.43 -35.20
CA THR D 58 -9.71 38.75 -34.35
C THR D 58 -11.11 39.32 -34.54
N SER D 59 -11.19 40.65 -34.65
CA SER D 59 -12.43 41.41 -34.66
C SER D 59 -13.30 41.14 -35.88
N ALA D 60 -12.75 40.50 -36.92
CA ALA D 60 -13.52 40.24 -38.14
C ALA D 60 -14.56 39.14 -37.90
N GLY D 61 -14.23 38.15 -37.07
CA GLY D 61 -15.13 37.06 -36.83
C GLY D 61 -15.04 35.97 -37.88
N PRO D 62 -16.09 35.16 -38.00
CA PRO D 62 -16.07 34.03 -38.93
C PRO D 62 -16.10 34.46 -40.39
N HIS D 63 -15.80 33.46 -41.22
CA HIS D 63 -16.07 33.51 -42.63
C HIS D 63 -17.48 34.05 -42.86
N PHE D 64 -17.64 34.91 -43.85
CA PHE D 64 -18.94 35.50 -44.17
C PHE D 64 -19.94 34.44 -44.61
N ASN D 65 -21.01 34.25 -43.86
CA ASN D 65 -21.91 33.11 -44.05
C ASN D 65 -23.36 33.51 -43.83
N PRO D 66 -23.93 34.30 -44.74
CA PRO D 66 -25.34 34.69 -44.58
C PRO D 66 -26.31 33.54 -44.75
N LEU D 67 -25.97 32.49 -45.49
CA LEU D 67 -26.90 31.41 -45.72
C LEU D 67 -26.80 30.30 -44.68
N SER D 68 -25.84 30.39 -43.75
CA SER D 68 -25.63 29.38 -42.70
C SER D 68 -25.38 27.99 -43.31
N ARG D 69 -24.26 27.89 -44.02
CA ARG D 69 -23.81 26.63 -44.60
C ARG D 69 -22.44 26.29 -44.02
N LYS D 70 -22.06 25.02 -44.16
CA LYS D 70 -20.81 24.56 -43.56
C LYS D 70 -19.63 24.92 -44.46
N HIS D 71 -18.43 24.86 -43.88
CA HIS D 71 -17.26 25.30 -44.61
C HIS D 71 -17.00 24.44 -45.83
N GLY D 72 -16.52 25.04 -46.91
CA GLY D 72 -16.16 24.31 -48.11
C GLY D 72 -15.10 25.04 -48.91
N GLY D 73 -14.86 24.58 -50.14
CA GLY D 73 -14.06 25.31 -51.09
C GLY D 73 -14.93 26.12 -52.04
N PRO D 74 -14.33 27.04 -52.79
CA PRO D 74 -15.14 27.79 -53.77
C PRO D 74 -15.89 26.90 -54.75
N LYS D 75 -15.23 25.91 -55.35
CA LYS D 75 -15.94 25.05 -56.31
C LYS D 75 -17.07 24.26 -55.66
N ASP D 76 -17.07 24.07 -54.34
CA ASP D 76 -18.12 23.30 -53.68
C ASP D 76 -19.45 24.05 -53.77
N GLU D 77 -20.54 23.35 -53.47
CA GLU D 77 -21.83 24.05 -53.35
C GLU D 77 -22.27 24.20 -51.91
N GLU D 78 -21.74 23.38 -51.01
CA GLU D 78 -21.82 23.61 -49.58
C GLU D 78 -20.53 24.31 -49.16
N ARG D 79 -20.59 25.64 -49.21
CA ARG D 79 -19.50 26.53 -48.87
C ARG D 79 -20.06 27.69 -48.05
N HIS D 80 -19.20 28.56 -47.51
CA HIS D 80 -19.69 29.87 -47.08
C HIS D 80 -19.52 30.84 -48.26
N VAL D 81 -20.05 32.05 -48.12
CA VAL D 81 -19.88 33.02 -49.20
C VAL D 81 -18.43 33.51 -49.23
N GLY D 82 -17.78 33.57 -48.07
CA GLY D 82 -16.40 34.01 -47.97
C GLY D 82 -15.39 32.91 -48.18
N ASP D 83 -15.77 31.65 -47.93
CA ASP D 83 -14.82 30.57 -48.12
C ASP D 83 -14.38 30.60 -49.59
N LEU D 84 -13.16 31.13 -49.85
CA LEU D 84 -12.55 31.27 -51.18
C LEU D 84 -11.31 30.41 -51.41
N GLY D 85 -11.10 29.38 -50.61
CA GLY D 85 -10.04 28.43 -50.91
C GLY D 85 -8.67 28.88 -50.51
N ASN D 86 -7.67 28.64 -51.37
CA ASN D 86 -6.27 28.82 -51.02
C ASN D 86 -5.54 29.65 -52.08
N VAL D 87 -4.51 30.37 -51.66
CA VAL D 87 -3.60 31.06 -52.57
C VAL D 87 -2.24 30.36 -52.49
N THR D 88 -1.41 30.56 -53.51
CA THR D 88 -0.13 29.85 -53.66
C THR D 88 1.01 30.86 -53.59
N ALA D 89 1.93 30.67 -52.63
CA ALA D 89 3.06 31.56 -52.41
C ALA D 89 4.35 30.91 -52.88
N ASP D 90 5.04 31.57 -53.82
CA ASP D 90 6.21 31.01 -54.51
C ASP D 90 7.40 30.86 -53.57
N LYS D 91 8.58 30.60 -54.14
CA LYS D 91 9.76 30.46 -53.29
C LYS D 91 10.17 31.77 -52.64
N ASP D 92 9.74 32.92 -53.17
CA ASP D 92 10.08 34.21 -52.59
C ASP D 92 8.99 34.72 -51.65
N GLY D 93 7.99 33.90 -51.37
CA GLY D 93 6.93 34.27 -50.45
C GLY D 93 5.93 35.24 -51.01
N VAL D 94 5.88 35.38 -52.33
CA VAL D 94 4.91 36.22 -53.00
C VAL D 94 3.87 35.31 -53.66
N ALA D 95 2.60 35.57 -53.36
CA ALA D 95 1.46 34.91 -53.98
C ALA D 95 0.85 35.89 -54.97
N ASP D 96 0.84 35.54 -56.24
CA ASP D 96 0.23 36.41 -57.26
C ASP D 96 -1.23 35.97 -57.37
N VAL D 97 -2.12 36.66 -56.64
CA VAL D 97 -3.53 36.24 -56.58
C VAL D 97 -4.24 36.60 -57.87
N SER D 98 -5.04 35.66 -58.38
CA SER D 98 -5.99 35.99 -59.44
C SER D 98 -7.09 34.95 -59.42
N ILE D 99 -8.30 35.38 -59.10
CA ILE D 99 -9.42 34.52 -58.80
C ILE D 99 -10.66 35.11 -59.47
N GLU D 100 -11.54 34.22 -59.90
CA GLU D 100 -12.85 34.60 -60.40
C GLU D 100 -13.87 33.83 -59.57
N ASP D 101 -14.92 34.51 -59.13
CA ASP D 101 -15.86 33.91 -58.20
C ASP D 101 -17.22 34.56 -58.36
N SER D 102 -18.26 33.73 -58.29
CA SER D 102 -19.60 34.20 -58.54
C SER D 102 -20.50 34.07 -57.32
N VAL D 103 -19.96 33.85 -56.14
CA VAL D 103 -20.78 33.85 -54.95
C VAL D 103 -20.63 35.15 -54.17
N ILE D 104 -19.40 35.66 -54.08
CA ILE D 104 -19.21 37.00 -53.55
C ILE D 104 -19.79 38.01 -54.53
N SER D 105 -20.26 39.13 -54.01
CA SER D 105 -20.68 40.18 -54.90
C SER D 105 -20.23 41.50 -54.30
N LEU D 106 -20.19 42.54 -55.15
CA LEU D 106 -19.97 43.90 -54.65
C LEU D 106 -21.27 44.61 -54.31
N SER D 107 -22.42 43.95 -54.43
CA SER D 107 -23.74 44.55 -54.23
C SER D 107 -24.71 43.44 -53.85
N GLY D 108 -25.89 43.85 -53.42
CA GLY D 108 -26.92 42.86 -53.08
C GLY D 108 -26.68 42.17 -51.75
N ASP D 109 -27.31 41.00 -51.61
CA ASP D 109 -27.21 40.25 -50.36
C ASP D 109 -25.82 39.71 -50.16
N HIS D 110 -25.09 39.45 -51.23
CA HIS D 110 -23.78 38.82 -51.17
C HIS D 110 -22.65 39.83 -51.19
N CYS D 111 -22.93 41.04 -50.75
CA CYS D 111 -21.92 42.09 -50.80
C CYS D 111 -20.84 41.80 -49.76
N ILE D 112 -19.59 42.03 -50.16
CA ILE D 112 -18.45 41.93 -49.25
C ILE D 112 -17.89 43.29 -48.91
N ILE D 113 -18.40 44.37 -49.49
CA ILE D 113 -17.83 45.70 -49.28
C ILE D 113 -18.06 46.15 -47.86
N GLY D 114 -16.99 46.52 -47.17
CA GLY D 114 -17.09 46.86 -45.77
C GLY D 114 -16.86 45.71 -44.84
N ARG D 115 -16.55 44.52 -45.37
CA ARG D 115 -16.18 43.34 -44.60
C ARG D 115 -14.67 43.17 -44.68
N THR D 116 -14.15 42.12 -44.05
CA THR D 116 -12.71 41.88 -43.94
C THR D 116 -12.23 40.76 -44.85
N LEU D 117 -11.15 41.04 -45.59
CA LEU D 117 -10.35 40.02 -46.27
C LEU D 117 -9.21 39.55 -45.38
N VAL D 118 -9.11 38.24 -45.16
CA VAL D 118 -8.08 37.65 -44.29
C VAL D 118 -7.28 36.60 -45.04
N VAL D 119 -5.96 36.65 -44.92
CA VAL D 119 -5.09 35.59 -45.42
C VAL D 119 -4.54 34.84 -44.21
N HIS D 120 -4.66 33.53 -44.24
CA HIS D 120 -4.44 32.72 -43.06
C HIS D 120 -3.05 32.08 -43.06
N GLU D 121 -2.78 31.27 -42.02
CA GLU D 121 -1.41 30.82 -41.76
C GLU D 121 -1.01 29.57 -42.53
N LYS D 122 -1.85 28.53 -42.50
CA LYS D 122 -1.70 27.30 -43.28
C LYS D 122 -2.66 27.32 -44.47
N ALA D 123 -2.95 26.13 -45.01
CA ALA D 123 -3.86 25.94 -46.12
C ALA D 123 -5.27 25.61 -45.64
N ASP D 124 -6.25 26.01 -46.43
CA ASP D 124 -7.63 25.59 -46.21
C ASP D 124 -7.75 24.15 -46.71
N ASP D 125 -8.41 23.29 -45.92
CA ASP D 125 -8.61 21.91 -46.36
C ASP D 125 -9.97 21.70 -47.04
N LEU D 126 -10.64 22.78 -47.37
CA LEU D 126 -11.85 22.75 -48.17
C LEU D 126 -12.95 21.91 -47.53
N GLY D 127 -12.87 21.75 -46.21
CA GLY D 127 -13.84 21.02 -45.44
C GLY D 127 -13.65 19.53 -45.48
N LYS D 128 -12.58 19.07 -46.11
CA LYS D 128 -12.41 17.65 -46.37
C LYS D 128 -11.53 16.97 -45.33
N GLY D 129 -11.30 17.61 -44.18
CA GLY D 129 -10.33 17.10 -43.23
C GLY D 129 -10.85 16.07 -42.26
N GLY D 130 -12.17 15.91 -42.16
CA GLY D 130 -12.72 14.86 -41.33
C GLY D 130 -12.72 15.13 -39.84
N ASN D 131 -12.85 16.40 -39.43
CA ASN D 131 -12.96 16.80 -38.02
C ASN D 131 -13.82 18.05 -37.95
N GLU D 132 -14.44 18.30 -36.80
CA GLU D 132 -15.44 19.37 -36.71
C GLU D 132 -14.90 20.70 -37.22
N GLU D 133 -13.64 21.01 -36.90
CA GLU D 133 -13.03 22.29 -37.26
C GLU D 133 -12.95 22.48 -38.77
N SER D 134 -12.66 21.39 -39.52
CA SER D 134 -12.64 21.45 -40.98
C SER D 134 -13.88 22.08 -41.58
N THR D 135 -15.05 21.79 -41.00
CA THR D 135 -16.29 22.28 -41.54
C THR D 135 -16.70 23.65 -40.98
N LYS D 136 -15.83 24.31 -40.22
CA LYS D 136 -16.06 25.71 -39.86
C LYS D 136 -15.01 26.58 -40.50
N THR D 137 -13.75 26.40 -40.13
CA THR D 137 -12.66 27.25 -40.56
C THR D 137 -11.79 26.64 -41.65
N GLY D 138 -11.97 25.36 -41.96
CA GLY D 138 -11.08 24.70 -42.89
C GLY D 138 -9.66 24.51 -42.40
N ASN D 139 -9.45 24.58 -41.08
CA ASN D 139 -8.15 24.37 -40.42
C ASN D 139 -7.04 25.27 -40.98
N ALA D 140 -7.38 26.42 -41.55
CA ALA D 140 -6.34 27.28 -42.12
C ALA D 140 -5.46 27.89 -41.04
N GLY D 141 -5.93 27.99 -39.80
CA GLY D 141 -5.08 28.46 -38.74
C GLY D 141 -5.11 29.96 -38.61
N SER D 142 -4.19 30.47 -37.79
CA SER D 142 -4.27 31.84 -37.32
C SER D 142 -4.27 32.85 -38.47
N ARG D 143 -4.76 34.05 -38.18
CA ARG D 143 -4.94 35.08 -39.20
C ARG D 143 -3.67 35.90 -39.33
N LEU D 144 -3.10 35.96 -40.54
CA LEU D 144 -1.80 36.61 -40.71
C LEU D 144 -1.92 38.09 -41.03
N ALA D 145 -2.65 38.44 -42.08
CA ALA D 145 -2.89 39.83 -42.45
C ALA D 145 -4.35 40.03 -42.84
N CYS D 146 -4.88 41.23 -42.60
CA CYS D 146 -6.28 41.51 -42.91
C CYS D 146 -6.50 42.99 -43.10
N GLY D 147 -7.50 43.30 -43.90
CA GLY D 147 -7.90 44.68 -44.08
C GLY D 147 -9.36 44.72 -44.48
N VAL D 148 -9.96 45.87 -44.29
CA VAL D 148 -11.35 46.04 -44.70
C VAL D 148 -11.40 46.28 -46.20
N ILE D 149 -12.47 45.79 -46.83
CA ILE D 149 -12.69 45.98 -48.25
C ILE D 149 -13.43 47.30 -48.45
N GLY D 150 -12.89 48.19 -49.29
CA GLY D 150 -13.52 49.46 -49.55
C GLY D 150 -13.73 49.70 -51.04
N ILE D 151 -14.61 50.65 -51.34
CA ILE D 151 -14.86 51.08 -52.72
C ILE D 151 -13.63 51.79 -53.28
N ALA D 152 -13.34 51.56 -54.57
CA ALA D 152 -12.29 52.32 -55.25
C ALA D 152 -12.75 52.94 -56.57
N GLN D 153 -13.97 52.67 -57.01
CA GLN D 153 -14.53 53.25 -58.22
C GLN D 153 -16.01 52.87 -58.40
N GLN E 4 5.11 10.49 -60.05
CA GLN E 4 4.97 11.74 -59.30
C GLN E 4 4.76 11.53 -57.79
N LEU E 5 4.00 10.52 -57.39
CA LEU E 5 3.78 10.19 -55.98
C LEU E 5 4.09 8.72 -55.76
N GLN E 6 5.06 8.44 -54.89
CA GLN E 6 5.55 7.09 -54.67
C GLN E 6 5.41 6.76 -53.18
N GLU E 7 4.46 5.90 -52.84
CA GLU E 7 4.24 5.45 -51.46
C GLU E 7 4.99 4.16 -51.19
N SER E 8 5.23 3.88 -49.90
CA SER E 8 5.90 2.66 -49.47
C SER E 8 5.58 2.42 -47.99
N GLY E 9 6.05 1.30 -47.46
CA GLY E 9 6.07 1.10 -46.03
C GLY E 9 4.85 0.47 -45.41
N GLY E 10 3.82 0.17 -46.20
CA GLY E 10 2.70 -0.56 -45.70
C GLY E 10 3.09 -1.97 -45.36
N GLY E 11 2.10 -2.73 -44.89
CA GLY E 11 2.32 -4.11 -44.51
C GLY E 11 1.13 -4.68 -43.77
N LEU E 12 1.38 -5.80 -43.08
CA LEU E 12 0.37 -6.58 -42.36
C LEU E 12 0.83 -6.70 -40.93
N VAL E 13 -0.10 -6.54 -40.00
CA VAL E 13 0.25 -6.38 -38.59
C VAL E 13 -0.94 -6.83 -37.75
N GLN E 14 -0.66 -7.41 -36.58
CA GLN E 14 -1.74 -7.70 -35.63
C GLN E 14 -2.17 -6.39 -34.94
N PRO E 15 -3.42 -6.32 -34.47
CA PRO E 15 -3.86 -5.13 -33.74
C PRO E 15 -2.88 -4.72 -32.63
N GLY E 16 -2.61 -3.42 -32.54
CA GLY E 16 -1.70 -2.83 -31.58
C GLY E 16 -0.35 -2.44 -32.17
N GLY E 17 0.03 -3.04 -33.28
CA GLY E 17 1.34 -2.80 -33.84
C GLY E 17 1.42 -1.45 -34.50
N SER E 18 2.49 -1.24 -35.24
CA SER E 18 2.82 0.06 -35.79
C SER E 18 3.50 -0.11 -37.13
N LEU E 19 3.38 0.94 -37.94
CA LEU E 19 3.97 1.03 -39.28
C LEU E 19 4.46 2.46 -39.52
N ARG E 20 5.23 2.63 -40.59
CA ARG E 20 5.73 3.94 -41.02
C ARG E 20 5.58 4.04 -42.53
N LEU E 21 4.61 4.83 -42.97
CA LEU E 21 4.31 5.00 -44.39
C LEU E 21 5.11 6.19 -44.91
N SER E 22 5.75 6.02 -46.07
CA SER E 22 6.67 7.01 -46.61
C SER E 22 6.26 7.33 -48.04
N CYS E 23 6.56 8.56 -48.47
CA CYS E 23 6.14 9.00 -49.80
C CYS E 23 7.13 10.01 -50.36
N ARG E 24 7.75 9.69 -51.48
CA ARG E 24 8.56 10.67 -52.18
C ARG E 24 7.64 11.44 -53.10
N ALA E 25 7.72 12.77 -53.03
CA ALA E 25 6.82 13.63 -53.75
C ALA E 25 7.60 14.55 -54.67
N SER E 26 7.12 14.71 -55.89
CA SER E 26 7.85 15.48 -56.88
C SER E 26 8.06 16.90 -56.36
N GLU E 27 9.15 17.53 -56.79
CA GLU E 27 9.50 18.84 -56.23
C GLU E 27 8.38 19.85 -56.44
N THR E 28 7.77 19.85 -57.62
CA THR E 28 6.76 20.88 -57.90
C THR E 28 5.46 20.68 -57.14
N LEU E 29 5.15 19.47 -56.66
CA LEU E 29 3.98 19.28 -55.78
C LEU E 29 4.32 19.54 -54.31
N PHE E 30 5.41 18.95 -53.81
CA PHE E 30 5.81 19.14 -52.41
C PHE E 30 5.84 20.61 -52.02
N SER E 31 6.26 21.46 -52.95
CA SER E 31 6.56 22.85 -52.70
C SER E 31 5.31 23.66 -52.46
N LEU E 32 4.14 23.11 -52.75
CA LEU E 32 2.91 23.75 -52.32
C LEU E 32 2.72 23.61 -50.82
N TYR E 33 3.57 22.82 -50.16
CA TYR E 33 3.55 22.58 -48.71
C TYR E 33 2.12 22.43 -48.17
N ALA E 34 1.38 21.51 -48.80
CA ALA E 34 0.05 21.14 -48.35
C ALA E 34 -0.17 19.70 -48.80
N MET E 35 0.43 18.75 -48.07
CA MET E 35 0.37 17.32 -48.37
C MET E 35 -0.56 16.59 -47.41
N GLY E 36 -1.14 15.51 -47.89
CA GLY E 36 -2.09 14.76 -47.08
C GLY E 36 -1.97 13.28 -47.33
N TRP E 37 -2.26 12.50 -46.30
CA TRP E 37 -2.40 11.06 -46.45
C TRP E 37 -3.89 10.74 -46.55
N TYR E 38 -4.28 10.03 -47.62
CA TYR E 38 -5.63 9.52 -47.81
C TYR E 38 -5.66 8.00 -47.69
N ARG E 39 -6.69 7.49 -47.00
CA ARG E 39 -6.99 6.07 -46.96
C ARG E 39 -8.19 5.81 -47.85
N GLN E 40 -8.20 4.65 -48.52
CA GLN E 40 -9.30 4.21 -49.35
C GLN E 40 -9.57 2.75 -49.01
N ALA E 41 -10.72 2.46 -48.41
CA ALA E 41 -11.16 1.09 -48.20
C ALA E 41 -11.66 0.53 -49.54
N PRO E 42 -11.98 -0.77 -49.61
CA PRO E 42 -12.54 -1.32 -50.87
C PRO E 42 -13.91 -0.75 -51.19
N GLY E 43 -14.08 -0.33 -52.46
CA GLY E 43 -15.32 0.20 -53.00
C GLY E 43 -15.77 1.53 -52.43
N LYS E 44 -14.99 2.14 -51.52
CA LYS E 44 -15.35 3.42 -50.94
C LYS E 44 -14.45 4.53 -51.49
N GLN E 45 -14.86 5.75 -51.22
CA GLN E 45 -14.14 6.92 -51.69
C GLN E 45 -12.94 7.21 -50.80
N PRO E 46 -11.77 7.50 -51.36
CA PRO E 46 -10.66 7.95 -50.50
C PRO E 46 -11.09 9.15 -49.67
N GLU E 47 -10.69 9.12 -48.39
CA GLU E 47 -11.00 10.19 -47.45
C GLU E 47 -9.69 10.69 -46.82
N LEU E 48 -9.62 12.00 -46.58
CA LEU E 48 -8.42 12.60 -46.01
C LEU E 48 -8.23 12.14 -44.57
N ILE E 49 -7.02 11.71 -44.23
CA ILE E 49 -6.77 11.19 -42.88
C ILE E 49 -5.80 12.07 -42.10
N ALA E 50 -4.87 12.72 -42.78
CA ALA E 50 -3.90 13.58 -42.11
C ALA E 50 -3.33 14.57 -43.11
N THR E 51 -3.07 15.79 -42.63
CA THR E 51 -2.63 16.93 -43.44
C THR E 51 -1.42 17.61 -42.81
N ILE E 52 -0.46 18.05 -43.65
CA ILE E 52 0.70 18.82 -43.19
C ILE E 52 0.88 20.02 -44.11
N SER E 53 0.96 21.22 -43.51
CA SER E 53 0.93 22.47 -44.26
C SER E 53 1.48 23.60 -43.37
N GLY E 54 1.65 24.80 -43.98
CA GLY E 54 2.28 25.90 -43.28
C GLY E 54 3.79 25.75 -43.16
N GLY E 55 4.44 26.76 -42.56
CA GLY E 55 5.89 26.89 -42.64
C GLY E 55 6.66 26.07 -41.62
N GLY E 56 7.98 26.19 -41.66
CA GLY E 56 8.79 25.48 -40.68
C GLY E 56 8.77 23.97 -40.85
N GLU E 57 8.68 23.26 -39.72
CA GLU E 57 8.59 21.81 -39.85
C GLU E 57 7.18 21.36 -40.19
N GLY E 58 6.25 22.28 -40.46
CA GLY E 58 4.88 21.94 -40.81
C GLY E 58 3.96 21.69 -39.64
N THR E 59 2.70 22.10 -39.75
CA THR E 59 1.69 21.82 -38.75
C THR E 59 0.72 20.77 -39.25
N GLY E 60 0.39 19.83 -38.40
CA GLY E 60 -0.31 18.63 -38.80
C GLY E 60 -1.71 18.55 -38.23
N ASN E 61 -2.67 18.18 -39.07
CA ASN E 61 -4.05 17.95 -38.69
C ASN E 61 -4.52 16.54 -38.99
N TYR E 62 -5.31 16.00 -38.06
CA TYR E 62 -5.72 14.60 -38.05
C TYR E 62 -7.23 14.50 -38.12
N ALA E 63 -7.70 13.75 -39.12
CA ALA E 63 -9.07 13.26 -39.16
C ALA E 63 -9.41 12.59 -37.83
N ASP E 64 -10.70 12.50 -37.53
CA ASP E 64 -11.12 12.18 -36.18
C ASP E 64 -10.78 10.76 -35.71
N PRO E 65 -10.92 9.70 -36.55
CA PRO E 65 -10.55 8.35 -36.08
C PRO E 65 -9.08 8.19 -35.67
N VAL E 66 -8.17 8.83 -36.39
CA VAL E 66 -6.75 8.56 -36.22
C VAL E 66 -6.08 9.49 -35.22
N LYS E 67 -6.82 10.47 -34.66
CA LYS E 67 -6.23 11.46 -33.75
C LYS E 67 -5.56 10.76 -32.59
N GLY E 68 -4.30 11.10 -32.34
CA GLY E 68 -3.60 10.50 -31.23
C GLY E 68 -2.99 9.15 -31.50
N ARG E 69 -2.93 8.72 -32.75
CA ARG E 69 -2.31 7.47 -33.15
C ARG E 69 -1.40 7.64 -34.35
N PHE E 70 -1.80 8.44 -35.33
CA PHE E 70 -0.99 8.70 -36.51
C PHE E 70 -0.31 10.06 -36.36
N THR E 71 0.88 10.19 -36.93
CA THR E 71 1.67 11.41 -36.79
C THR E 71 2.24 11.74 -38.16
N ILE E 72 1.80 12.83 -38.76
CA ILE E 72 2.29 13.18 -40.10
C ILE E 72 3.45 14.15 -39.94
N SER E 73 4.39 14.12 -40.89
CA SER E 73 5.63 14.90 -40.81
C SER E 73 6.25 14.97 -42.20
N ARG E 74 7.26 15.83 -42.35
CA ARG E 74 7.81 15.99 -43.69
C ARG E 74 9.29 16.30 -43.61
N ASN E 75 9.97 16.18 -44.76
CA ASN E 75 11.38 16.50 -44.87
C ASN E 75 11.54 17.45 -46.05
N ASN E 76 11.79 18.74 -45.77
CA ASN E 76 11.85 19.72 -46.84
C ASN E 76 12.94 19.40 -47.83
N ALA E 77 14.11 18.94 -47.35
CA ALA E 77 15.22 18.64 -48.26
C ALA E 77 14.85 17.50 -49.20
N ASP E 78 14.51 16.32 -48.66
CA ASP E 78 14.27 15.13 -49.48
C ASP E 78 12.95 15.18 -50.26
N ASN E 79 12.03 16.09 -49.93
CA ASN E 79 10.75 16.23 -50.62
C ASN E 79 9.81 15.08 -50.28
N MET E 80 9.70 14.78 -48.99
CA MET E 80 9.07 13.55 -48.53
C MET E 80 8.12 13.78 -47.36
N VAL E 81 7.12 12.89 -47.26
CA VAL E 81 6.05 12.94 -46.26
C VAL E 81 5.96 11.58 -45.57
N PHE E 82 5.72 11.60 -44.28
CA PHE E 82 5.68 10.38 -43.49
C PHE E 82 4.41 10.31 -42.66
N LEU E 83 3.92 9.10 -42.44
CA LEU E 83 2.82 8.84 -41.50
C LEU E 83 3.30 7.75 -40.55
N GLN E 84 3.49 8.09 -39.28
CA GLN E 84 3.77 7.07 -38.27
C GLN E 84 2.45 6.65 -37.65
N MET E 85 2.13 5.38 -37.78
CA MET E 85 0.92 4.84 -37.18
C MET E 85 1.31 3.95 -36.02
N ASN E 86 0.71 4.19 -34.85
CA ASN E 86 0.88 3.33 -33.70
C ASN E 86 -0.50 2.83 -33.30
N ASN E 87 -0.52 1.83 -32.43
CA ASN E 87 -1.75 1.20 -31.97
C ASN E 87 -2.76 1.01 -33.10
N LEU E 88 -2.36 0.23 -34.10
CA LEU E 88 -3.17 0.07 -35.29
C LEU E 88 -4.40 -0.77 -34.96
N LYS E 89 -5.53 -0.40 -35.50
CA LYS E 89 -6.77 -1.14 -35.31
C LYS E 89 -7.16 -1.85 -36.60
N PRO E 90 -7.99 -2.90 -36.52
CA PRO E 90 -8.59 -3.45 -37.75
C PRO E 90 -9.22 -2.40 -38.66
N GLU E 91 -10.01 -1.47 -38.10
CA GLU E 91 -10.61 -0.39 -38.90
C GLU E 91 -9.61 0.33 -39.80
N ASP E 92 -8.31 0.30 -39.50
CA ASP E 92 -7.38 1.08 -40.32
C ASP E 92 -7.01 0.40 -41.62
N THR E 93 -7.62 -0.74 -41.92
CA THR E 93 -7.22 -1.52 -43.10
C THR E 93 -7.73 -0.88 -44.38
N ALA E 94 -6.81 -0.46 -45.23
CA ALA E 94 -7.16 0.18 -46.49
C ALA E 94 -5.92 0.37 -47.34
N VAL E 95 -6.06 1.08 -48.45
CA VAL E 95 -4.90 1.49 -49.22
C VAL E 95 -4.64 2.96 -48.94
N TYR E 96 -3.40 3.29 -48.61
CA TYR E 96 -3.05 4.64 -48.21
C TYR E 96 -2.31 5.32 -49.35
N TYR E 97 -2.85 6.44 -49.81
CA TYR E 97 -2.24 7.25 -50.86
C TYR E 97 -1.81 8.57 -50.25
N CYS E 98 -0.69 9.08 -50.71
CA CYS E 98 -0.25 10.41 -50.35
C CYS E 98 -0.44 11.31 -51.56
N ASN E 99 -1.03 12.48 -51.36
CA ASN E 99 -1.32 13.45 -52.42
C ASN E 99 -1.22 14.87 -51.85
N VAL E 100 -1.63 15.87 -52.64
CA VAL E 100 -1.79 17.24 -52.13
C VAL E 100 -3.20 17.38 -51.58
N TYR E 101 -3.48 18.51 -50.91
CA TYR E 101 -4.84 18.81 -50.48
C TYR E 101 -5.07 20.30 -50.51
N GLY E 102 -6.35 20.67 -50.42
CA GLY E 102 -6.74 22.06 -50.51
C GLY E 102 -6.51 22.66 -51.88
N THR E 103 -6.41 21.84 -52.91
CA THR E 103 -6.34 22.31 -54.29
C THR E 103 -6.59 21.12 -55.21
N ASN E 104 -6.34 21.31 -56.50
CA ASN E 104 -6.64 20.30 -57.50
C ASN E 104 -5.70 19.12 -57.37
N LEU E 105 -6.25 17.92 -57.17
CA LEU E 105 -5.45 16.73 -56.92
C LEU E 105 -4.62 16.33 -58.12
N ALA E 106 -3.37 15.94 -57.88
CA ALA E 106 -2.54 15.37 -58.92
C ALA E 106 -2.99 13.93 -59.16
N PRO E 107 -2.58 13.34 -60.29
CA PRO E 107 -2.99 11.95 -60.55
C PRO E 107 -2.42 11.02 -59.49
N TRP E 108 -3.25 10.07 -59.05
CA TRP E 108 -2.97 9.34 -57.82
C TRP E 108 -1.72 8.47 -57.93
N GLY E 109 -1.06 8.29 -56.78
CA GLY E 109 -0.02 7.29 -56.66
C GLY E 109 -0.59 5.88 -56.57
N GLN E 110 0.32 4.91 -56.61
CA GLN E 110 -0.07 3.50 -56.52
C GLN E 110 -0.62 3.14 -55.14
N GLY E 111 -0.17 3.83 -54.09
CA GLY E 111 -0.64 3.58 -52.74
C GLY E 111 0.10 2.41 -52.13
N THR E 112 -0.12 2.19 -50.83
CA THR E 112 0.46 1.04 -50.14
C THR E 112 -0.60 0.41 -49.28
N GLN E 113 -0.53 -0.90 -49.16
CA GLN E 113 -1.56 -1.61 -48.44
C GLN E 113 -1.26 -1.60 -46.96
N VAL E 114 -2.31 -1.61 -46.15
CA VAL E 114 -2.17 -1.78 -44.72
C VAL E 114 -3.28 -2.71 -44.28
N THR E 115 -2.92 -3.88 -43.78
CA THR E 115 -3.90 -4.81 -43.21
C THR E 115 -3.60 -5.03 -41.75
N VAL E 116 -4.60 -4.81 -40.92
CA VAL E 116 -4.46 -4.96 -39.49
C VAL E 116 -5.42 -6.05 -39.05
N SER E 117 -4.92 -7.28 -38.94
CA SER E 117 -5.66 -8.37 -38.31
C SER E 117 -4.69 -9.40 -37.80
N SER E 118 -5.07 -10.04 -36.69
CA SER E 118 -4.19 -10.99 -35.99
C SER E 118 -4.15 -12.38 -36.61
N SER F 1 14.99 38.68 -27.00
CA SER F 1 13.89 39.59 -27.30
C SER F 1 14.07 40.17 -28.70
N GLN F 2 15.33 40.30 -29.09
CA GLN F 2 15.70 40.82 -30.39
C GLN F 2 16.51 39.76 -31.14
N VAL F 3 16.47 39.84 -32.46
CA VAL F 3 17.10 38.85 -33.32
C VAL F 3 18.61 39.10 -33.32
N GLN F 4 19.35 38.22 -32.65
CA GLN F 4 20.80 38.35 -32.51
C GLN F 4 21.51 37.41 -33.48
N LEU F 5 22.39 37.96 -34.32
CA LEU F 5 23.14 37.20 -35.30
C LEU F 5 24.59 37.04 -34.86
N GLN F 6 25.23 35.97 -35.34
CA GLN F 6 26.61 35.68 -34.95
C GLN F 6 27.29 34.95 -36.11
N GLU F 7 28.10 35.67 -36.89
CA GLU F 7 28.81 35.05 -38.00
C GLU F 7 30.04 34.30 -37.51
N SER F 8 30.74 33.66 -38.44
CA SER F 8 31.91 32.82 -38.14
C SER F 8 32.42 32.15 -39.41
N GLY F 9 33.42 31.29 -39.27
CA GLY F 9 34.00 30.56 -40.39
C GLY F 9 34.99 31.32 -41.23
N GLY F 10 35.24 32.59 -40.91
CA GLY F 10 36.05 33.46 -41.74
C GLY F 10 37.49 33.54 -41.28
N GLY F 11 38.39 33.63 -42.25
CA GLY F 11 39.81 33.74 -41.95
C GLY F 11 40.64 34.19 -43.13
N SER F 12 41.87 33.69 -43.23
CA SER F 12 42.79 34.01 -44.30
C SER F 12 42.94 32.83 -45.24
N VAL F 13 42.82 33.08 -46.55
CA VAL F 13 42.91 32.04 -47.56
C VAL F 13 43.46 32.65 -48.84
N GLN F 14 44.01 31.78 -49.70
CA GLN F 14 44.68 32.19 -50.91
C GLN F 14 43.68 32.28 -52.06
N ALA F 15 44.17 32.64 -53.25
CA ALA F 15 43.30 32.77 -54.41
C ALA F 15 43.10 31.39 -55.04
N GLY F 16 41.83 31.05 -55.30
CA GLY F 16 41.48 29.75 -55.86
C GLY F 16 41.14 28.69 -54.84
N GLY F 17 40.42 29.07 -53.78
CA GLY F 17 40.11 28.17 -52.68
C GLY F 17 38.69 28.30 -52.18
N SER F 18 38.38 27.67 -51.04
CA SER F 18 37.02 27.67 -50.49
C SER F 18 37.03 28.15 -49.05
N LEU F 19 35.90 28.75 -48.64
CA LEU F 19 35.68 29.21 -47.27
C LEU F 19 34.17 29.24 -47.03
N ARG F 20 33.70 28.57 -45.98
CA ARG F 20 32.27 28.45 -45.66
C ARG F 20 31.95 29.42 -44.53
N LEU F 21 31.00 30.31 -44.77
CA LEU F 21 30.69 31.41 -43.84
C LEU F 21 29.27 31.24 -43.31
N ALA F 22 29.16 30.85 -42.05
CA ALA F 22 27.89 30.56 -41.41
C ALA F 22 27.58 31.59 -40.33
N CYS F 23 26.29 31.91 -40.21
CA CYS F 23 25.77 32.82 -39.20
C CYS F 23 24.58 32.16 -38.52
N VAL F 24 24.64 32.03 -37.19
CA VAL F 24 23.57 31.45 -36.39
C VAL F 24 22.83 32.57 -35.68
N ALA F 25 21.53 32.66 -35.96
CA ALA F 25 20.67 33.64 -35.32
C ALA F 25 20.12 33.09 -34.01
N SER F 26 20.05 33.94 -32.99
CA SER F 26 19.51 33.55 -31.70
C SER F 26 18.41 34.52 -31.31
N GLY F 27 17.62 34.12 -30.31
CA GLY F 27 16.53 34.92 -29.83
C GLY F 27 15.60 35.36 -30.93
N GLY F 28 15.09 36.58 -30.81
CA GLY F 28 14.19 37.08 -31.83
C GLY F 28 12.92 36.24 -31.89
N ASP F 29 12.12 36.51 -32.92
CA ASP F 29 10.87 35.76 -33.06
C ASP F 29 11.15 34.38 -33.61
N THR F 30 10.59 33.39 -32.93
CA THR F 30 10.78 32.00 -33.26
C THR F 30 9.62 31.42 -34.05
N ARG F 31 8.48 32.13 -34.12
CA ARG F 31 7.31 31.62 -34.83
C ARG F 31 7.62 31.44 -36.31
N PRO F 32 7.14 30.36 -36.96
CA PRO F 32 7.61 30.04 -38.33
C PRO F 32 7.05 30.95 -39.42
N TYR F 33 6.13 31.85 -39.12
CA TYR F 33 5.59 32.75 -40.13
C TYR F 33 6.19 34.14 -40.09
N ILE F 34 7.07 34.42 -39.12
CA ILE F 34 7.89 35.62 -39.13
C ILE F 34 9.05 35.38 -40.08
N THR F 35 8.93 35.88 -41.29
CA THR F 35 9.89 35.58 -42.32
C THR F 35 10.84 36.77 -42.51
N TYR F 36 12.08 36.47 -42.88
CA TYR F 36 13.10 37.47 -43.13
C TYR F 36 13.73 37.23 -44.48
N TRP F 37 14.34 38.28 -45.01
CA TRP F 37 15.27 38.15 -46.12
C TRP F 37 16.66 38.25 -45.52
N MET F 38 17.34 37.11 -45.45
CA MET F 38 18.64 36.99 -44.82
C MET F 38 19.69 37.29 -45.87
N GLY F 39 20.66 38.12 -45.53
CA GLY F 39 21.63 38.60 -46.48
C GLY F 39 23.03 38.58 -45.92
N TRP F 40 23.98 38.29 -46.80
CA TRP F 40 25.38 38.40 -46.48
C TRP F 40 25.95 39.66 -47.10
N TYR F 41 26.79 40.36 -46.35
CA TYR F 41 27.20 41.70 -46.73
C TYR F 41 28.70 41.87 -46.56
N ARG F 42 29.23 42.89 -47.23
CA ARG F 42 30.66 43.06 -47.50
C ARG F 42 31.03 44.52 -47.29
N GLN F 43 31.96 44.78 -46.38
CA GLN F 43 32.49 46.13 -46.18
C GLN F 43 33.96 46.15 -46.58
N ALA F 44 34.22 46.60 -47.82
CA ALA F 44 35.59 46.70 -48.29
C ALA F 44 36.30 47.87 -47.60
N PRO F 45 37.63 47.81 -47.46
CA PRO F 45 38.36 48.88 -46.75
C PRO F 45 38.25 50.23 -47.46
N GLY F 46 37.72 51.22 -46.74
CA GLY F 46 37.50 52.53 -47.29
C GLY F 46 36.30 52.66 -48.20
N LYS F 47 35.53 51.58 -48.42
CA LYS F 47 34.28 51.61 -49.16
C LYS F 47 33.11 51.59 -48.17
N GLU F 48 31.90 51.28 -48.67
CA GLU F 48 30.70 51.15 -47.85
C GLU F 48 30.33 49.67 -47.71
N ARG F 49 29.08 49.39 -47.37
CA ARG F 49 28.56 48.02 -47.35
C ARG F 49 28.15 47.62 -48.75
N GLU F 50 28.38 46.34 -49.09
CA GLU F 50 28.13 45.85 -50.44
C GLU F 50 26.91 44.91 -50.41
N GLY F 51 27.11 43.60 -50.32
CA GLY F 51 25.96 42.72 -50.31
C GLY F 51 26.04 41.69 -51.41
N VAL F 52 26.38 40.46 -51.04
CA VAL F 52 26.68 39.43 -52.01
C VAL F 52 25.43 38.62 -52.34
N ALA F 53 24.81 38.02 -51.34
CA ALA F 53 23.69 37.12 -51.56
C ALA F 53 22.61 37.36 -50.53
N THR F 54 21.41 36.91 -50.87
CA THR F 54 20.27 36.93 -49.96
C THR F 54 19.40 35.70 -50.24
N ILE F 55 18.76 35.19 -49.17
CA ILE F 55 17.88 34.02 -49.24
C ILE F 55 16.67 34.24 -48.34
N TYR F 56 15.52 33.71 -48.78
CA TYR F 56 14.25 33.91 -48.10
C TYR F 56 14.04 32.82 -47.05
N THR F 57 13.97 33.20 -45.77
CA THR F 57 13.75 32.24 -44.71
C THR F 57 12.34 31.66 -44.72
N GLY F 58 11.45 32.14 -45.56
CA GLY F 58 10.14 31.55 -45.64
C GLY F 58 10.00 30.61 -46.80
N GLY F 59 11.05 30.47 -47.59
CA GLY F 59 11.06 29.60 -48.75
C GLY F 59 12.46 29.23 -49.19
N SER F 60 12.66 29.24 -50.51
CA SER F 60 13.88 28.72 -51.13
C SER F 60 14.52 29.69 -52.11
N GLY F 61 13.98 30.90 -52.27
CA GLY F 61 14.44 31.80 -53.32
C GLY F 61 15.78 32.42 -52.98
N THR F 62 16.69 32.44 -53.96
CA THR F 62 18.04 32.95 -53.80
C THR F 62 18.31 34.09 -54.78
N TYR F 63 19.01 35.12 -54.33
CA TYR F 63 19.34 36.28 -55.16
C TYR F 63 20.78 36.70 -54.89
N TYR F 64 21.63 36.63 -55.93
CA TYR F 64 23.05 36.95 -55.83
C TYR F 64 23.35 38.23 -56.61
N SER F 65 24.38 38.97 -56.18
CA SER F 65 24.76 40.23 -56.82
C SER F 65 25.46 39.96 -58.15
N ASP F 66 25.84 41.03 -58.84
CA ASP F 66 26.53 40.84 -60.11
C ASP F 66 28.03 40.69 -59.91
N SER F 67 28.57 41.24 -58.80
CA SER F 67 29.99 41.14 -58.47
C SER F 67 30.45 39.71 -58.20
N VAL F 68 29.52 38.75 -58.18
CA VAL F 68 29.81 37.33 -58.05
C VAL F 68 28.92 36.57 -59.03
N GLU F 69 29.44 35.47 -59.57
CA GLU F 69 28.64 34.67 -60.48
C GLU F 69 28.40 33.31 -59.86
N GLY F 70 28.94 32.26 -60.48
CA GLY F 70 28.91 30.94 -59.88
C GLY F 70 29.92 30.73 -58.78
N ARG F 71 30.60 31.80 -58.35
CA ARG F 71 31.60 31.67 -57.30
C ARG F 71 30.96 31.29 -55.96
N PHE F 72 29.83 31.90 -55.63
CA PHE F 72 29.21 31.74 -54.32
C PHE F 72 27.90 30.94 -54.44
N THR F 73 27.41 30.50 -53.28
CA THR F 73 26.10 29.87 -53.19
C THR F 73 25.62 29.91 -51.75
N ILE F 74 24.40 30.39 -51.55
CA ILE F 74 23.84 30.60 -50.22
C ILE F 74 22.76 29.56 -49.99
N SER F 75 22.62 29.12 -48.75
CA SER F 75 21.69 28.08 -48.37
C SER F 75 21.34 28.30 -46.91
N GLN F 76 20.47 27.44 -46.38
CA GLN F 76 20.09 27.60 -44.99
C GLN F 76 19.61 26.27 -44.42
N ASP F 77 19.91 26.06 -43.14
CA ASP F 77 19.33 24.99 -42.33
C ASP F 77 18.25 25.66 -41.49
N LYS F 78 17.03 25.75 -42.03
CA LYS F 78 15.95 26.36 -41.26
C LYS F 78 15.93 25.81 -39.84
N ALA F 79 16.05 24.48 -39.70
CA ALA F 79 15.96 23.87 -38.37
C ALA F 79 16.99 24.46 -37.41
N GLN F 80 18.25 24.54 -37.84
CA GLN F 80 19.30 25.07 -36.98
C GLN F 80 19.33 26.58 -36.97
N ARG F 81 18.32 27.24 -37.55
CA ARG F 81 18.31 28.66 -37.86
C ARG F 81 19.71 29.15 -38.18
N THR F 82 20.22 28.78 -39.35
CA THR F 82 21.56 29.15 -39.79
C THR F 82 21.54 29.32 -41.31
N VAL F 83 22.38 30.23 -41.79
CA VAL F 83 22.48 30.52 -43.22
C VAL F 83 23.95 30.42 -43.64
N TYR F 84 24.22 29.58 -44.65
CA TYR F 84 25.58 29.23 -45.05
C TYR F 84 25.97 29.90 -46.35
N LEU F 85 27.08 30.63 -46.35
CA LEU F 85 27.66 31.21 -47.56
C LEU F 85 28.90 30.45 -47.99
N GLN F 86 28.73 29.62 -49.03
CA GLN F 86 29.87 28.97 -49.69
C GLN F 86 30.62 30.01 -50.49
N MET F 87 31.96 30.03 -50.35
CA MET F 87 32.79 30.96 -51.11
C MET F 87 33.98 30.18 -51.65
N ASN F 88 33.86 29.70 -52.88
CA ASN F 88 34.93 29.02 -53.58
C ASN F 88 35.33 29.80 -54.82
N ASP F 89 36.56 29.59 -55.30
CA ASP F 89 37.11 30.31 -56.46
C ASP F 89 37.27 31.79 -56.16
N LEU F 90 37.98 32.08 -55.07
CA LEU F 90 38.10 33.45 -54.56
C LEU F 90 39.12 34.27 -55.33
N LYS F 91 38.84 35.56 -55.46
CA LYS F 91 39.73 36.55 -56.05
C LYS F 91 40.24 37.46 -54.94
N PRO F 92 41.40 38.10 -55.14
CA PRO F 92 41.94 38.97 -54.08
C PRO F 92 41.11 40.23 -53.80
N GLU F 93 40.21 40.64 -54.71
CA GLU F 93 39.43 41.86 -54.53
C GLU F 93 38.33 41.70 -53.49
N ASP F 94 37.96 40.46 -53.14
CA ASP F 94 36.95 40.19 -52.12
C ASP F 94 37.51 40.27 -50.68
N THR F 95 38.55 41.08 -50.47
CA THR F 95 39.11 41.29 -49.13
C THR F 95 38.32 42.38 -48.42
N ALA F 96 37.59 41.98 -47.37
CA ALA F 96 36.69 42.87 -46.64
C ALA F 96 36.33 42.19 -45.33
N MET F 97 35.61 42.91 -44.49
CA MET F 97 34.94 42.29 -43.35
C MET F 97 33.52 41.93 -43.74
N TYR F 98 33.15 40.66 -43.56
CA TYR F 98 31.88 40.15 -44.03
C TYR F 98 30.89 40.03 -42.88
N TYR F 99 29.70 40.63 -43.05
CA TYR F 99 28.61 40.60 -42.10
C TYR F 99 27.38 39.94 -42.74
N CYS F 100 26.49 39.45 -41.88
CA CYS F 100 25.25 38.84 -42.30
C CYS F 100 24.12 39.52 -41.55
N ALA F 101 23.10 39.99 -42.27
CA ALA F 101 22.03 40.81 -41.70
C ALA F 101 20.66 40.32 -42.14
N ALA F 102 19.66 40.66 -41.33
CA ALA F 102 18.28 40.26 -41.53
C ALA F 102 17.43 41.45 -41.94
N GLY F 103 16.61 41.27 -42.98
CA GLY F 103 15.62 42.26 -43.35
C GLY F 103 14.21 41.72 -43.28
N ASN F 104 13.22 42.63 -43.23
CA ASN F 104 11.81 42.23 -43.21
C ASN F 104 11.49 41.28 -44.35
N GLY F 105 10.64 40.30 -44.07
CA GLY F 105 10.32 39.25 -45.02
C GLY F 105 9.45 39.67 -46.18
N ALA F 106 8.90 40.87 -46.17
CA ALA F 106 8.02 41.31 -47.25
C ALA F 106 8.75 42.21 -48.25
N LEU F 107 10.09 42.26 -48.18
CA LEU F 107 10.85 43.25 -48.93
C LEU F 107 10.66 43.04 -50.43
N PRO F 108 10.34 44.08 -51.20
CA PRO F 108 10.03 43.90 -52.61
C PRO F 108 11.27 43.52 -53.39
N PRO F 109 11.13 43.09 -54.64
CA PRO F 109 12.30 42.95 -55.51
C PRO F 109 13.12 44.25 -55.53
N GLY F 110 14.42 44.12 -55.67
CA GLY F 110 15.29 45.29 -55.69
C GLY F 110 15.80 45.74 -54.33
N ARG F 111 14.92 45.78 -53.32
CA ARG F 111 15.33 46.16 -51.98
C ARG F 111 15.93 45.00 -51.19
N ARG F 112 15.90 43.78 -51.73
CA ARG F 112 16.27 42.61 -50.94
C ARG F 112 17.74 42.62 -50.59
N LEU F 113 18.57 43.06 -51.54
CA LEU F 113 20.02 43.13 -51.32
C LEU F 113 20.48 44.58 -51.15
N SER F 114 19.78 45.35 -50.32
CA SER F 114 20.17 46.72 -50.01
C SER F 114 20.50 46.80 -48.51
N PRO F 115 21.72 47.19 -48.14
CA PRO F 115 22.11 47.18 -46.72
C PRO F 115 21.43 48.24 -45.88
N GLN F 116 20.56 49.05 -46.48
CA GLN F 116 19.85 50.10 -45.79
C GLN F 116 18.39 49.74 -45.51
N ASN F 117 17.86 48.72 -46.18
CA ASN F 117 16.60 48.07 -45.81
C ASN F 117 16.80 46.93 -44.82
N MET F 118 18.00 46.73 -44.29
CA MET F 118 18.21 45.67 -43.31
C MET F 118 18.04 46.20 -41.89
N ASP F 119 17.37 45.39 -41.07
CA ASP F 119 16.99 45.81 -39.72
C ASP F 119 18.13 45.51 -38.74
N THR F 120 18.45 44.22 -38.56
CA THR F 120 19.49 43.79 -37.63
C THR F 120 20.72 43.26 -38.37
N TRP F 121 21.87 43.52 -37.76
CA TRP F 121 23.19 43.21 -38.31
C TRP F 121 23.98 42.35 -37.32
N GLY F 122 24.88 41.52 -37.83
CA GLY F 122 25.73 40.69 -36.99
C GLY F 122 27.14 41.23 -36.86
N PRO F 123 27.81 40.98 -35.71
CA PRO F 123 29.12 41.60 -35.47
C PRO F 123 30.10 41.47 -36.64
N GLY F 124 30.27 40.28 -37.19
CA GLY F 124 30.97 40.15 -38.45
C GLY F 124 32.33 39.48 -38.32
N THR F 125 32.78 38.86 -39.42
CA THR F 125 34.08 38.22 -39.52
C THR F 125 34.78 38.67 -40.82
N GLN F 126 36.11 38.75 -40.77
CA GLN F 126 36.91 39.27 -41.88
C GLN F 126 37.35 38.15 -42.82
N VAL F 127 37.19 38.39 -44.11
CA VAL F 127 37.47 37.39 -45.14
C VAL F 127 38.43 38.03 -46.13
N THR F 128 39.73 37.79 -45.93
CA THR F 128 40.78 38.32 -46.78
C THR F 128 41.25 37.28 -47.79
N VAL F 129 41.47 37.71 -49.03
CA VAL F 129 41.93 36.84 -50.11
C VAL F 129 43.29 37.34 -50.59
N SER F 130 44.31 36.49 -50.49
CA SER F 130 45.66 36.85 -50.93
C SER F 130 45.93 36.24 -52.31
N SER F 131 46.70 36.96 -53.12
CA SER F 131 47.03 36.48 -54.46
C SER F 131 48.51 36.16 -54.56
N ALA G 1 10.00 -26.32 1.47
CA ALA G 1 10.97 -25.63 2.32
C ALA G 1 10.32 -24.85 3.48
N THR G 2 9.94 -25.56 4.56
CA THR G 2 9.32 -24.93 5.71
C THR G 2 10.32 -24.14 6.56
N LYS G 3 9.94 -22.94 6.97
CA LYS G 3 10.75 -22.20 7.93
C LYS G 3 9.96 -21.95 9.21
N ALA G 4 10.70 -21.85 10.31
CA ALA G 4 10.19 -21.45 11.61
C ALA G 4 11.13 -20.40 12.20
N VAL G 5 10.70 -19.82 13.32
CA VAL G 5 11.41 -18.73 13.99
C VAL G 5 11.03 -18.79 15.46
N CYS G 6 11.82 -18.12 16.32
CA CYS G 6 11.59 -18.15 17.76
C CYS G 6 12.32 -16.96 18.38
N VAL G 7 11.62 -16.23 19.26
CA VAL G 7 12.15 -15.04 19.93
C VAL G 7 12.31 -15.39 21.40
N LEU G 8 13.56 -15.53 21.87
CA LEU G 8 13.79 -15.89 23.27
C LEU G 8 13.85 -14.65 24.16
N LYS G 9 13.00 -14.61 25.19
CA LYS G 9 13.06 -13.60 26.22
C LYS G 9 13.03 -14.31 27.57
N GLY G 10 13.41 -13.59 28.62
CA GLY G 10 13.37 -14.14 29.96
C GLY G 10 13.30 -13.05 31.02
N ASP G 11 13.39 -13.42 32.29
CA ASP G 11 13.28 -12.40 33.33
C ASP G 11 14.51 -11.51 33.41
N GLY G 12 15.65 -11.93 32.88
CA GLY G 12 16.85 -11.16 32.92
C GLY G 12 17.23 -10.69 31.54
N PRO G 13 18.46 -10.20 31.39
CA PRO G 13 18.85 -9.52 30.13
C PRO G 13 18.88 -10.42 28.90
N VAL G 14 18.99 -11.74 29.07
CA VAL G 14 19.26 -12.64 27.95
C VAL G 14 18.11 -12.57 26.97
N GLN G 15 18.45 -12.58 25.68
CA GLN G 15 17.41 -12.43 24.66
C GLN G 15 18.02 -12.59 23.27
N GLY G 16 17.23 -13.12 22.34
CA GLY G 16 17.75 -13.38 21.02
C GLY G 16 16.69 -13.88 20.06
N ILE G 17 17.12 -14.14 18.83
CA ILE G 17 16.31 -14.72 17.78
C ILE G 17 17.01 -15.97 17.23
N ILE G 18 16.24 -17.04 17.02
CA ILE G 18 16.72 -18.29 16.49
C ILE G 18 15.80 -18.69 15.36
N ASN G 19 16.36 -19.06 14.21
CA ASN G 19 15.58 -19.52 13.07
C ASN G 19 15.73 -21.03 12.87
N PHE G 20 14.69 -21.64 12.32
CA PHE G 20 14.75 -23.04 11.91
C PHE G 20 14.36 -23.13 10.45
N GLU G 21 15.12 -23.88 9.66
CA GLU G 21 14.78 -24.04 8.25
C GLU G 21 14.95 -25.50 7.87
N GLN G 22 13.97 -26.05 7.14
CA GLN G 22 13.97 -27.46 6.72
C GLN G 22 13.60 -27.60 5.25
N LYS G 23 14.59 -27.81 4.40
CA LYS G 23 14.36 -27.88 2.97
C LYS G 23 13.46 -29.07 2.67
N GLU G 24 13.97 -30.28 2.80
CA GLU G 24 13.18 -31.49 2.59
C GLU G 24 12.47 -31.92 3.86
N SER G 25 11.30 -32.53 3.67
CA SER G 25 10.62 -33.19 4.77
C SER G 25 11.51 -34.32 5.31
N ASN G 26 11.54 -34.43 6.64
CA ASN G 26 12.39 -35.42 7.31
C ASN G 26 13.84 -35.35 6.82
N GLY G 27 14.31 -34.13 6.54
CA GLY G 27 15.70 -33.86 6.30
C GLY G 27 16.28 -33.05 7.44
N PRO G 28 17.49 -32.52 7.23
CA PRO G 28 18.13 -31.67 8.24
C PRO G 28 17.36 -30.37 8.50
N VAL G 29 17.37 -29.94 9.75
CA VAL G 29 16.83 -28.65 10.15
C VAL G 29 18.03 -27.72 10.41
N LYS G 30 18.19 -26.68 9.60
CA LYS G 30 19.12 -25.62 9.96
C LYS G 30 18.62 -24.92 11.22
N VAL G 31 19.52 -24.54 12.11
CA VAL G 31 19.18 -23.76 13.30
C VAL G 31 20.22 -22.65 13.45
N TRP G 32 19.83 -21.40 13.27
CA TRP G 32 20.83 -20.33 13.34
C TRP G 32 20.23 -19.03 13.88
N GLY G 33 21.09 -18.22 14.48
CA GLY G 33 20.65 -16.97 15.07
C GLY G 33 21.68 -16.45 16.05
N SER G 34 21.21 -15.59 16.96
CA SER G 34 22.12 -14.85 17.83
C SER G 34 21.43 -14.57 19.16
N ILE G 35 22.08 -14.95 20.26
CA ILE G 35 21.58 -14.71 21.61
C ILE G 35 22.52 -13.74 22.31
N LYS G 36 21.95 -12.76 23.02
CA LYS G 36 22.73 -11.74 23.71
C LYS G 36 22.36 -11.64 25.20
N GLY G 37 23.28 -11.04 25.96
CA GLY G 37 23.13 -10.96 27.41
C GLY G 37 23.53 -12.20 28.18
N LEU G 38 24.12 -13.19 27.50
CA LEU G 38 24.63 -14.40 28.17
C LEU G 38 25.98 -14.13 28.83
N THR G 39 26.23 -14.82 29.95
CA THR G 39 27.56 -14.86 30.52
C THR G 39 28.49 -15.66 29.62
N GLU G 40 29.67 -15.11 29.34
CA GLU G 40 30.63 -15.78 28.46
C GLU G 40 30.78 -17.25 28.82
N GLY G 41 30.90 -18.09 27.79
CA GLY G 41 31.06 -19.52 27.93
C GLY G 41 29.92 -20.31 27.32
N LEU G 42 29.86 -21.58 27.70
CA LEU G 42 28.88 -22.54 27.17
C LEU G 42 27.54 -22.41 27.89
N HIS G 43 26.45 -22.65 27.13
CA HIS G 43 25.08 -22.59 27.63
C HIS G 43 24.21 -23.66 26.98
N GLY G 44 23.58 -24.48 27.81
CA GLY G 44 22.72 -25.51 27.28
C GLY G 44 21.53 -24.93 26.53
N PHE G 45 21.02 -25.73 25.60
CA PHE G 45 20.21 -25.24 24.50
C PHE G 45 19.32 -26.42 24.15
N HIS G 46 18.04 -26.34 24.50
CA HIS G 46 17.15 -27.49 24.40
C HIS G 46 15.78 -27.04 23.90
N VAL G 47 15.07 -27.97 23.29
CA VAL G 47 13.68 -27.77 22.90
C VAL G 47 12.83 -28.50 23.92
N HIS G 48 12.16 -27.77 24.79
CA HIS G 48 11.31 -28.44 25.75
C HIS G 48 9.93 -28.76 25.13
N GLU G 49 9.19 -29.62 25.84
CA GLU G 49 8.03 -30.29 25.26
C GLU G 49 6.94 -29.31 24.85
N PHE G 50 6.54 -28.47 25.80
CA PHE G 50 5.30 -27.69 25.77
C PHE G 50 5.55 -26.27 25.28
N GLY G 51 4.60 -25.75 24.49
CA GLY G 51 4.56 -24.35 24.10
C GLY G 51 3.84 -23.48 25.11
N ASP G 52 3.93 -23.85 26.38
CA ASP G 52 3.33 -23.10 27.47
C ASP G 52 4.35 -22.16 28.10
N ASN G 53 3.92 -20.92 28.34
CA ASN G 53 4.78 -19.90 28.95
C ASN G 53 4.04 -19.17 30.05
N THR G 54 2.87 -19.67 30.47
CA THR G 54 2.04 -18.97 31.43
C THR G 54 2.78 -18.66 32.72
N ALA G 55 3.83 -19.43 33.03
CA ALA G 55 4.61 -19.27 34.23
C ALA G 55 6.09 -19.21 33.87
N GLY G 56 6.38 -18.55 32.76
CA GLY G 56 7.73 -18.37 32.32
C GLY G 56 8.33 -19.64 31.76
N CYS G 57 9.63 -19.74 31.89
CA CYS G 57 10.17 -20.94 31.28
C CYS G 57 9.92 -22.20 32.12
N THR G 58 9.20 -22.10 33.23
CA THR G 58 8.85 -23.30 33.99
C THR G 58 7.78 -24.11 33.27
N SER G 59 6.85 -23.41 32.63
CA SER G 59 5.71 -24.02 31.95
C SER G 59 6.10 -24.96 30.83
N ALA G 60 7.33 -24.84 30.30
CA ALA G 60 7.66 -25.56 29.06
C ALA G 60 7.83 -27.05 29.30
N GLY G 61 8.06 -27.49 30.53
CA GLY G 61 8.25 -28.88 30.82
C GLY G 61 9.65 -29.34 30.44
N PRO G 62 9.82 -30.66 30.33
CA PRO G 62 11.17 -31.23 30.16
C PRO G 62 11.63 -31.22 28.71
N HIS G 63 12.92 -31.50 28.55
CA HIS G 63 13.48 -31.74 27.23
C HIS G 63 12.52 -32.60 26.43
N PHE G 64 12.11 -32.11 25.26
CA PHE G 64 11.20 -32.85 24.38
C PHE G 64 11.69 -34.27 24.14
N ASN G 65 10.97 -35.26 24.67
CA ASN G 65 11.41 -36.65 24.68
C ASN G 65 10.27 -37.59 24.29
N PRO G 66 9.98 -37.71 22.99
CA PRO G 66 8.86 -38.56 22.54
C PRO G 66 9.23 -40.03 22.30
N LEU G 67 10.51 -40.31 22.05
CA LEU G 67 10.99 -41.70 22.02
C LEU G 67 11.34 -42.20 23.41
N SER G 68 10.98 -41.45 24.44
CA SER G 68 11.16 -41.82 25.83
C SER G 68 12.58 -42.33 26.11
N ARG G 69 13.58 -41.47 25.90
CA ARG G 69 14.99 -41.83 26.00
C ARG G 69 15.72 -40.99 27.07
N LYS G 70 16.96 -41.38 27.36
CA LYS G 70 17.77 -40.65 28.33
C LYS G 70 18.43 -39.45 27.65
N HIS G 71 18.92 -38.53 28.48
CA HIS G 71 19.47 -37.28 27.96
C HIS G 71 20.86 -37.54 27.37
N GLY G 72 21.20 -36.75 26.35
CA GLY G 72 22.54 -36.82 25.80
C GLY G 72 22.89 -35.58 25.00
N GLY G 73 24.12 -35.59 24.48
CA GLY G 73 24.55 -34.57 23.56
C GLY G 73 23.91 -34.86 22.22
N PRO G 74 23.87 -33.87 21.32
CA PRO G 74 23.17 -34.08 20.05
C PRO G 74 23.81 -35.15 19.21
N LYS G 75 25.13 -35.27 19.23
CA LYS G 75 25.80 -36.31 18.45
C LYS G 75 25.49 -37.70 18.98
N ASP G 76 25.01 -37.82 20.22
CA ASP G 76 24.80 -39.13 20.79
C ASP G 76 23.49 -39.72 20.26
N GLU G 77 23.38 -41.04 20.37
CA GLU G 77 22.22 -41.78 19.87
C GLU G 77 21.23 -42.04 20.98
N GLU G 78 21.70 -42.11 22.22
CA GLU G 78 20.82 -42.03 23.38
C GLU G 78 20.76 -40.56 23.76
N ARG G 79 19.69 -39.88 23.32
CA ARG G 79 19.45 -38.47 23.56
C ARG G 79 17.95 -38.23 23.48
N HIS G 80 17.51 -37.10 24.06
CA HIS G 80 16.15 -36.62 23.84
C HIS G 80 16.06 -35.94 22.48
N VAL G 81 14.84 -35.78 21.97
CA VAL G 81 14.76 -35.14 20.66
C VAL G 81 15.22 -33.71 20.78
N GLY G 82 14.79 -33.02 21.84
CA GLY G 82 15.16 -31.65 22.08
C GLY G 82 16.58 -31.42 22.52
N ASP G 83 17.38 -32.46 22.72
CA ASP G 83 18.66 -32.26 23.40
C ASP G 83 19.64 -31.84 22.30
N LEU G 84 20.07 -30.56 22.30
CA LEU G 84 20.89 -29.94 21.25
C LEU G 84 22.24 -29.41 21.71
N GLY G 85 22.81 -29.94 22.79
CA GLY G 85 24.16 -29.51 23.12
C GLY G 85 24.22 -28.16 23.83
N ASN G 86 25.24 -27.37 23.48
CA ASN G 86 25.49 -26.03 24.02
C ASN G 86 25.75 -25.01 22.91
N VAL G 87 25.49 -23.73 23.23
CA VAL G 87 25.91 -22.57 22.45
C VAL G 87 26.96 -21.79 23.25
N THR G 88 27.79 -21.04 22.53
CA THR G 88 29.02 -20.44 23.07
C THR G 88 28.92 -18.93 22.95
N ALA G 89 28.71 -18.25 24.08
CA ALA G 89 28.76 -16.80 24.14
C ALA G 89 30.21 -16.31 24.24
N ASP G 90 30.56 -15.29 23.45
CA ASP G 90 31.92 -14.80 23.45
C ASP G 90 32.11 -13.81 24.60
N LYS G 91 33.31 -13.20 24.69
CA LYS G 91 33.60 -12.24 25.75
C LYS G 91 32.57 -11.12 25.83
N ASP G 92 31.71 -11.00 24.81
CA ASP G 92 30.70 -9.95 24.73
C ASP G 92 29.30 -10.42 25.11
N GLY G 93 29.11 -11.70 25.41
CA GLY G 93 27.80 -12.21 25.70
C GLY G 93 26.99 -12.61 24.49
N VAL G 94 27.58 -12.60 23.30
CA VAL G 94 26.88 -12.88 22.05
C VAL G 94 27.23 -14.29 21.61
N ALA G 95 26.31 -15.23 21.81
CA ALA G 95 26.43 -16.53 21.18
C ALA G 95 25.84 -16.46 19.78
N ASP G 96 26.68 -16.67 18.76
CA ASP G 96 26.19 -16.82 17.40
C ASP G 96 25.86 -18.29 17.20
N VAL G 97 24.59 -18.62 17.06
CA VAL G 97 24.16 -20.01 16.99
C VAL G 97 24.22 -20.46 15.54
N SER G 98 24.78 -21.66 15.31
CA SER G 98 24.77 -22.26 13.97
C SER G 98 24.83 -23.79 14.14
N ILE G 99 23.68 -24.44 14.00
CA ILE G 99 23.54 -25.87 14.15
C ILE G 99 22.91 -26.42 12.88
N GLU G 100 23.23 -27.68 12.60
CA GLU G 100 22.38 -28.56 11.83
C GLU G 100 22.00 -29.71 12.75
N ASP G 101 20.75 -30.13 12.70
CA ASP G 101 20.33 -31.33 13.39
C ASP G 101 19.30 -32.04 12.54
N SER G 102 19.26 -33.36 12.69
CA SER G 102 18.36 -34.18 11.90
C SER G 102 17.42 -35.01 12.77
N VAL G 103 17.45 -34.85 14.09
CA VAL G 103 16.49 -35.55 14.94
C VAL G 103 15.19 -34.75 15.07
N ILE G 104 15.31 -33.45 15.37
CA ILE G 104 14.21 -32.49 15.28
C ILE G 104 13.73 -32.34 13.84
N SER G 105 12.46 -31.98 13.68
CA SER G 105 11.88 -31.70 12.38
C SER G 105 10.90 -30.54 12.52
N LEU G 106 10.48 -29.99 11.37
CA LEU G 106 9.38 -29.03 11.37
C LEU G 106 8.02 -29.69 11.07
N SER G 107 7.98 -31.01 10.86
CA SER G 107 6.73 -31.71 10.63
C SER G 107 6.91 -33.17 11.01
N GLY G 108 5.79 -33.88 11.09
CA GLY G 108 5.82 -35.27 11.47
C GLY G 108 5.83 -35.45 12.98
N ASP G 109 6.25 -36.64 13.44
CA ASP G 109 6.25 -36.89 14.87
C ASP G 109 7.29 -36.03 15.59
N HIS G 110 8.46 -35.83 14.95
CA HIS G 110 9.52 -34.99 15.51
C HIS G 110 9.33 -33.50 15.20
N CYS G 111 8.07 -33.05 15.15
CA CYS G 111 7.76 -31.65 14.94
C CYS G 111 7.98 -30.87 16.22
N ILE G 112 8.64 -29.72 16.09
CA ILE G 112 8.87 -28.81 17.22
C ILE G 112 8.07 -27.53 17.11
N ILE G 113 7.48 -27.23 15.95
CA ILE G 113 6.55 -26.11 15.79
C ILE G 113 5.48 -26.25 16.86
N GLY G 114 5.33 -25.27 17.72
CA GLY G 114 4.40 -25.33 18.81
C GLY G 114 5.05 -25.53 20.15
N ARG G 115 6.35 -25.78 20.20
CA ARG G 115 7.08 -26.06 21.43
C ARG G 115 7.99 -24.87 21.79
N THR G 116 8.70 -24.99 22.93
CA THR G 116 9.51 -23.92 23.52
C THR G 116 10.99 -24.23 23.37
N LEU G 117 11.72 -23.35 22.68
CA LEU G 117 13.18 -23.30 22.71
C LEU G 117 13.65 -22.61 23.98
N VAL G 118 14.63 -23.21 24.66
CA VAL G 118 15.12 -22.67 25.92
C VAL G 118 16.65 -22.58 25.88
N VAL G 119 17.20 -21.50 26.44
CA VAL G 119 18.65 -21.37 26.63
C VAL G 119 18.93 -21.29 28.13
N HIS G 120 19.90 -22.07 28.60
CA HIS G 120 20.01 -22.40 30.02
C HIS G 120 21.16 -21.58 30.63
N GLU G 121 21.39 -21.80 31.94
CA GLU G 121 22.31 -20.99 32.74
C GLU G 121 23.78 -21.43 32.65
N LYS G 122 24.06 -22.73 32.84
CA LYS G 122 25.38 -23.33 32.69
C LYS G 122 25.49 -24.14 31.38
N ALA G 123 26.54 -24.95 31.32
CA ALA G 123 26.75 -25.90 30.24
C ALA G 123 25.99 -27.19 30.52
N ASP G 124 25.57 -27.83 29.43
CA ASP G 124 24.98 -29.17 29.43
C ASP G 124 26.14 -30.17 29.42
N ASP G 125 26.19 -31.08 30.41
CA ASP G 125 27.33 -32.00 30.50
C ASP G 125 27.17 -33.19 29.57
N LEU G 126 26.05 -33.27 28.85
CA LEU G 126 25.88 -34.20 27.75
C LEU G 126 25.69 -35.62 28.26
N GLY G 127 25.27 -35.77 29.52
CA GLY G 127 25.02 -37.05 30.12
C GLY G 127 26.24 -37.67 30.78
N LYS G 128 27.43 -37.25 30.41
CA LYS G 128 28.71 -37.79 30.89
C LYS G 128 29.06 -37.36 32.37
N GLY G 129 28.06 -36.83 33.07
CA GLY G 129 28.33 -36.13 34.31
C GLY G 129 28.67 -37.05 35.46
N GLY G 130 27.97 -38.18 35.56
CA GLY G 130 28.20 -39.10 36.66
C GLY G 130 27.09 -39.15 37.69
N ASN G 131 26.01 -38.37 37.52
CA ASN G 131 24.91 -38.33 38.49
C ASN G 131 23.57 -38.43 37.77
N GLU G 132 22.51 -38.55 38.57
CA GLU G 132 21.19 -38.88 38.03
C GLU G 132 20.65 -37.77 37.16
N GLU G 133 20.90 -36.51 37.57
CA GLU G 133 20.43 -35.35 36.80
C GLU G 133 21.12 -35.27 35.44
N SER G 134 22.32 -35.80 35.32
CA SER G 134 23.02 -35.70 34.06
C SER G 134 22.28 -36.45 32.96
N THR G 135 21.69 -37.60 33.30
CA THR G 135 20.90 -38.37 32.34
C THR G 135 19.47 -37.85 32.21
N LYS G 136 19.06 -36.86 32.99
CA LYS G 136 17.76 -36.24 32.82
C LYS G 136 17.87 -34.91 32.10
N THR G 137 18.61 -33.98 32.70
CA THR G 137 18.69 -32.64 32.21
C THR G 137 20.08 -32.22 31.76
N GLY G 138 21.11 -33.02 32.02
CA GLY G 138 22.45 -32.60 31.74
C GLY G 138 22.99 -31.48 32.59
N ASN G 139 22.36 -31.17 33.73
CA ASN G 139 22.83 -30.14 34.64
C ASN G 139 23.12 -28.84 33.91
N ALA G 140 22.30 -28.51 32.93
CA ALA G 140 22.44 -27.26 32.21
C ALA G 140 22.12 -26.05 33.07
N GLY G 141 21.65 -26.26 34.30
CA GLY G 141 21.27 -25.14 35.15
C GLY G 141 19.91 -24.60 34.80
N SER G 142 19.52 -23.54 35.50
CA SER G 142 18.20 -22.92 35.35
C SER G 142 17.93 -22.47 33.91
N ARG G 143 16.67 -22.07 33.67
CA ARG G 143 16.22 -21.71 32.32
C ARG G 143 16.26 -20.19 32.20
N LEU G 144 17.26 -19.64 31.48
CA LEU G 144 17.44 -18.19 31.39
C LEU G 144 16.47 -17.50 30.45
N ALA G 145 16.14 -18.11 29.32
CA ALA G 145 15.23 -17.48 28.35
C ALA G 145 14.57 -18.55 27.50
N CYS G 146 13.43 -18.19 26.89
CA CYS G 146 12.61 -19.17 26.19
C CYS G 146 11.72 -18.48 25.18
N GLY G 147 11.16 -19.29 24.30
CA GLY G 147 10.22 -18.79 23.31
C GLY G 147 9.51 -19.92 22.62
N VAL G 148 8.30 -19.65 22.20
CA VAL G 148 7.52 -20.63 21.45
C VAL G 148 7.95 -20.61 20.00
N ILE G 149 8.23 -21.79 19.45
CA ILE G 149 8.69 -21.89 18.06
C ILE G 149 7.48 -21.77 17.14
N GLY G 150 7.48 -20.75 16.27
CA GLY G 150 6.32 -20.46 15.42
C GLY G 150 6.53 -20.53 13.91
N ILE G 151 5.45 -20.56 13.13
CA ILE G 151 5.59 -20.74 11.69
C ILE G 151 6.04 -19.42 11.08
N ALA G 152 7.01 -19.50 10.13
CA ALA G 152 7.57 -18.32 9.49
C ALA G 152 7.39 -18.27 7.98
N GLN G 153 6.93 -19.35 7.35
CA GLN G 153 6.63 -19.33 5.92
C GLN G 153 5.92 -20.62 5.47
N GLN H 4 49.34 -26.24 26.70
CA GLN H 4 47.86 -26.10 26.56
C GLN H 4 46.98 -26.52 27.77
N LEU H 5 47.30 -27.64 28.43
CA LEU H 5 46.72 -28.02 29.72
C LEU H 5 47.80 -28.67 30.58
N GLN H 6 47.97 -28.16 31.81
CA GLN H 6 49.04 -28.55 32.73
C GLN H 6 48.45 -28.85 34.10
N GLU H 7 48.22 -30.12 34.41
CA GLU H 7 47.73 -30.52 35.73
C GLU H 7 48.89 -30.68 36.71
N SER H 8 48.65 -30.35 37.97
CA SER H 8 49.67 -30.59 38.99
C SER H 8 49.03 -30.87 40.34
N GLY H 9 49.83 -31.46 41.23
CA GLY H 9 49.53 -31.48 42.64
C GLY H 9 49.02 -32.78 43.24
N GLY H 10 49.28 -33.94 42.60
CA GLY H 10 48.97 -35.22 43.20
C GLY H 10 50.13 -35.74 44.05
N GLY H 11 49.96 -36.94 44.58
CA GLY H 11 51.03 -37.60 45.31
C GLY H 11 50.54 -38.85 46.03
N LEU H 12 51.36 -39.28 46.99
CA LEU H 12 51.10 -40.49 47.78
C LEU H 12 50.54 -40.08 49.13
N VAL H 13 49.40 -40.65 49.51
CA VAL H 13 48.72 -40.20 50.72
C VAL H 13 47.96 -41.34 51.36
N GLN H 14 48.05 -41.40 52.68
CA GLN H 14 47.36 -42.42 53.44
C GLN H 14 45.85 -42.17 53.39
N PRO H 15 45.05 -43.23 53.42
CA PRO H 15 43.59 -43.07 53.38
C PRO H 15 43.09 -42.13 54.46
N GLY H 16 42.19 -41.23 54.05
CA GLY H 16 41.66 -40.19 54.88
C GLY H 16 42.30 -38.84 54.65
N GLY H 17 43.45 -38.81 53.99
CA GLY H 17 44.22 -37.59 53.82
C GLY H 17 43.55 -36.59 52.89
N SER H 18 44.31 -35.55 52.54
CA SER H 18 43.80 -34.62 51.55
C SER H 18 44.91 -34.17 50.63
N LEU H 19 44.48 -33.57 49.53
CA LEU H 19 45.32 -33.13 48.42
C LEU H 19 44.56 -32.08 47.62
N ARG H 20 45.31 -31.27 46.88
CA ARG H 20 44.71 -30.18 46.09
C ARG H 20 45.35 -30.12 44.71
N LEU H 21 44.55 -30.38 43.66
CA LEU H 21 45.02 -30.36 42.28
C LEU H 21 44.74 -29.05 41.57
N SER H 22 45.68 -28.70 40.70
CA SER H 22 45.63 -27.45 39.99
C SER H 22 45.80 -27.74 38.51
N CYS H 23 45.34 -26.81 37.69
CA CYS H 23 45.50 -26.99 36.27
C CYS H 23 45.46 -25.64 35.62
N ARG H 24 46.49 -25.33 34.86
CA ARG H 24 46.53 -24.10 34.07
C ARG H 24 46.02 -24.46 32.69
N ALA H 25 44.94 -23.81 32.27
CA ALA H 25 44.37 -24.01 30.95
C ALA H 25 44.60 -22.78 30.10
N SER H 26 44.89 -23.00 28.82
CA SER H 26 45.09 -21.90 27.89
C SER H 26 43.84 -21.04 27.83
N GLU H 27 44.05 -19.74 27.64
CA GLU H 27 42.92 -18.81 27.67
C GLU H 27 41.81 -19.29 26.73
N THR H 28 42.18 -19.78 25.54
CA THR H 28 41.17 -20.21 24.58
C THR H 28 40.29 -21.32 25.16
N LEU H 29 40.88 -22.34 25.79
CA LEU H 29 40.08 -23.40 26.42
C LEU H 29 39.34 -22.93 27.66
N PHE H 30 40.00 -22.14 28.53
CA PHE H 30 39.37 -21.67 29.75
C PHE H 30 38.18 -20.78 29.46
N SER H 31 38.28 -19.97 28.40
CA SER H 31 37.25 -19.00 28.05
C SER H 31 35.94 -19.66 27.65
N LEU H 32 35.88 -21.00 27.59
CA LEU H 32 34.63 -21.70 27.33
C LEU H 32 33.82 -21.85 28.60
N TYR H 33 34.44 -21.57 29.74
CA TYR H 33 33.82 -21.68 31.06
C TYR H 33 32.93 -22.93 31.12
N ALA H 34 33.55 -24.04 30.74
CA ALA H 34 33.05 -25.38 31.04
C ALA H 34 34.30 -26.27 31.12
N MET H 35 34.77 -26.50 32.32
CA MET H 35 35.93 -27.32 32.54
C MET H 35 35.53 -28.42 33.50
N GLY H 36 36.11 -29.61 33.33
CA GLY H 36 35.84 -30.71 34.21
C GLY H 36 37.13 -31.34 34.69
N TRP H 37 37.05 -31.95 35.86
CA TRP H 37 38.14 -32.79 36.32
C TRP H 37 37.77 -34.23 36.05
N TYR H 38 38.53 -34.88 35.15
CA TYR H 38 38.36 -36.29 34.81
C TYR H 38 39.41 -37.13 35.53
N ARG H 39 39.02 -38.35 35.90
CA ARG H 39 39.89 -39.32 36.53
C ARG H 39 39.89 -40.61 35.71
N GLN H 40 41.02 -41.31 35.72
CA GLN H 40 41.22 -42.56 34.98
C GLN H 40 41.93 -43.54 35.91
N ALA H 41 41.19 -44.47 36.48
CA ALA H 41 41.81 -45.61 37.15
C ALA H 41 42.30 -46.60 36.09
N PRO H 42 43.07 -47.65 36.47
CA PRO H 42 43.87 -48.33 35.44
C PRO H 42 43.06 -49.11 34.41
N GLY H 43 43.35 -48.80 33.14
CA GLY H 43 42.79 -49.49 32.00
C GLY H 43 41.35 -49.17 31.71
N LYS H 44 40.65 -48.52 32.64
CA LYS H 44 39.27 -48.11 32.42
C LYS H 44 39.24 -46.77 31.69
N GLN H 45 38.14 -46.51 30.99
CA GLN H 45 38.02 -45.22 30.34
C GLN H 45 38.09 -44.09 31.37
N PRO H 46 38.55 -42.91 30.98
CA PRO H 46 38.49 -41.78 31.90
C PRO H 46 37.04 -41.38 32.10
N GLU H 47 36.75 -40.80 33.25
CA GLU H 47 35.39 -40.52 33.64
C GLU H 47 35.32 -39.10 34.18
N LEU H 48 34.21 -38.41 33.87
CA LEU H 48 34.03 -37.05 34.36
C LEU H 48 33.65 -37.13 35.84
N ILE H 49 34.32 -36.31 36.66
CA ILE H 49 34.21 -36.39 38.10
C ILE H 49 33.69 -35.12 38.71
N ALA H 50 34.15 -33.97 38.25
CA ALA H 50 33.55 -32.73 38.71
C ALA H 50 33.60 -31.72 37.58
N THR H 51 32.58 -30.84 37.53
CA THR H 51 32.44 -29.82 36.50
C THR H 51 32.26 -28.43 37.11
N ILE H 52 32.72 -27.42 36.39
CA ILE H 52 32.57 -26.03 36.75
C ILE H 52 32.24 -25.21 35.50
N SER H 53 31.02 -24.67 35.45
CA SER H 53 30.59 -23.83 34.35
C SER H 53 29.60 -22.81 34.89
N GLY H 54 29.25 -21.86 34.04
CA GLY H 54 28.38 -20.77 34.44
C GLY H 54 29.14 -19.52 34.83
N GLY H 55 28.40 -18.42 34.93
CA GLY H 55 28.98 -17.14 35.24
C GLY H 55 29.51 -17.05 36.65
N GLY H 56 30.13 -15.91 36.95
CA GLY H 56 30.62 -15.66 38.29
C GLY H 56 31.87 -16.44 38.63
N GLU H 57 31.91 -16.95 39.85
CA GLU H 57 32.95 -17.89 40.27
C GLU H 57 32.61 -19.31 39.86
N GLY H 58 31.59 -19.49 39.05
CA GLY H 58 31.20 -20.79 38.54
C GLY H 58 30.42 -21.59 39.54
N THR H 59 29.55 -22.46 39.01
CA THR H 59 28.82 -23.45 39.79
C THR H 59 29.36 -24.84 39.54
N GLY H 60 29.50 -25.61 40.61
CA GLY H 60 30.21 -26.88 40.53
C GLY H 60 29.36 -28.11 40.75
N ASN H 61 29.53 -29.10 39.89
CA ASN H 61 28.72 -30.31 39.92
C ASN H 61 29.60 -31.55 40.04
N TYR H 62 29.10 -32.58 40.73
CA TYR H 62 29.92 -33.71 41.14
C TYR H 62 29.30 -35.06 40.82
N ALA H 63 30.16 -36.02 40.46
CA ALA H 63 29.75 -37.41 40.24
C ALA H 63 29.46 -38.11 41.57
N ASP H 64 28.55 -39.08 41.52
CA ASP H 64 28.10 -39.71 42.76
C ASP H 64 29.23 -40.21 43.66
N PRO H 65 30.29 -40.85 43.15
CA PRO H 65 31.37 -41.30 44.05
C PRO H 65 31.97 -40.19 44.88
N VAL H 66 32.10 -38.97 44.35
CA VAL H 66 32.92 -37.97 45.01
C VAL H 66 32.12 -36.89 45.72
N LYS H 67 30.79 -36.85 45.58
CA LYS H 67 30.00 -35.74 46.13
C LYS H 67 30.30 -35.53 47.61
N GLY H 68 30.41 -34.27 48.01
CA GLY H 68 30.60 -33.95 49.40
C GLY H 68 31.95 -34.36 49.99
N ARG H 69 32.88 -34.83 49.15
CA ARG H 69 34.29 -34.94 49.49
C ARG H 69 35.20 -34.13 48.57
N PHE H 70 34.78 -33.80 47.36
CA PHE H 70 35.58 -32.98 46.45
C PHE H 70 34.90 -31.62 46.23
N THR H 71 35.71 -30.62 45.86
CA THR H 71 35.23 -29.25 45.68
C THR H 71 35.94 -28.63 44.48
N ILE H 72 35.20 -28.36 43.42
CA ILE H 72 35.79 -27.78 42.22
C ILE H 72 35.70 -26.25 42.33
N SER H 73 36.72 -25.56 41.84
CA SER H 73 36.75 -24.10 41.94
C SER H 73 37.52 -23.54 40.76
N ARG H 74 37.53 -22.22 40.65
CA ARG H 74 38.27 -21.63 39.54
C ARG H 74 38.71 -20.21 39.88
N ASN H 75 39.77 -19.78 39.17
CA ASN H 75 40.30 -18.43 39.21
C ASN H 75 40.15 -17.81 37.83
N ASN H 76 39.12 -16.95 37.66
CA ASN H 76 38.80 -16.40 36.34
C ASN H 76 39.95 -15.61 35.76
N ALA H 77 40.70 -14.89 36.60
CA ALA H 77 41.79 -14.04 36.16
C ALA H 77 43.03 -14.84 35.78
N ASP H 78 43.30 -15.92 36.50
CA ASP H 78 44.53 -16.67 36.26
C ASP H 78 44.32 -17.87 35.34
N ASN H 79 43.11 -18.07 34.79
CA ASN H 79 42.86 -19.19 33.91
C ASN H 79 43.12 -20.53 34.60
N MET H 80 42.69 -20.68 35.84
CA MET H 80 43.11 -21.78 36.71
C MET H 80 41.91 -22.55 37.22
N VAL H 81 41.97 -23.88 37.13
CA VAL H 81 40.95 -24.74 37.71
C VAL H 81 41.58 -25.56 38.81
N PHE H 82 40.90 -25.67 39.95
CA PHE H 82 41.42 -26.35 41.13
C PHE H 82 40.46 -27.45 41.55
N LEU H 83 40.99 -28.44 42.27
CA LEU H 83 40.16 -29.53 42.79
C LEU H 83 40.67 -29.87 44.19
N GLN H 84 39.88 -29.57 45.21
CA GLN H 84 40.24 -29.89 46.58
C GLN H 84 39.59 -31.21 46.96
N MET H 85 40.41 -32.22 47.27
CA MET H 85 39.93 -33.52 47.68
C MET H 85 40.25 -33.75 49.14
N ASN H 86 39.20 -33.89 49.97
CA ASN H 86 39.30 -34.25 51.37
C ASN H 86 38.72 -35.65 51.59
N ASN H 87 39.11 -36.26 52.70
CA ASN H 87 38.67 -37.61 53.05
C ASN H 87 38.90 -38.60 51.90
N LEU H 88 40.17 -38.67 51.48
CA LEU H 88 40.56 -39.53 50.37
C LEU H 88 40.35 -41.00 50.71
N LYS H 89 39.85 -41.75 49.72
CA LYS H 89 39.64 -43.21 49.82
C LYS H 89 40.60 -43.87 48.84
N PRO H 90 40.80 -45.19 48.91
CA PRO H 90 41.71 -45.84 47.94
C PRO H 90 41.15 -45.90 46.53
N GLU H 91 39.85 -46.08 46.37
CA GLU H 91 39.22 -46.05 45.06
C GLU H 91 39.47 -44.74 44.33
N ASP H 92 39.83 -43.69 45.04
CA ASP H 92 40.11 -42.47 44.32
C ASP H 92 41.45 -42.53 43.63
N THR H 93 42.13 -43.66 43.66
CA THR H 93 43.44 -43.75 43.05
C THR H 93 43.27 -43.71 41.54
N ALA H 94 44.03 -42.82 40.89
CA ALA H 94 43.94 -42.68 39.44
C ALA H 94 44.90 -41.62 38.95
N VAL H 95 44.89 -41.40 37.65
CA VAL H 95 45.49 -40.21 37.06
C VAL H 95 44.37 -39.23 36.73
N TYR H 96 44.49 -38.01 37.23
CA TYR H 96 43.50 -36.96 37.09
C TYR H 96 43.91 -36.02 35.96
N TYR H 97 42.99 -35.80 35.03
CA TYR H 97 43.17 -34.85 33.93
C TYR H 97 42.12 -33.77 33.97
N CYS H 98 42.46 -32.61 33.40
CA CYS H 98 41.57 -31.45 33.37
C CYS H 98 41.34 -31.01 31.94
N ASN H 99 40.08 -31.11 31.48
CA ASN H 99 39.72 -30.80 30.10
C ASN H 99 38.37 -30.13 30.08
N VAL H 100 38.05 -29.47 28.95
CA VAL H 100 36.73 -28.87 28.78
C VAL H 100 35.67 -29.98 28.73
N TYR H 101 34.41 -29.57 28.93
CA TYR H 101 33.28 -30.50 28.93
C TYR H 101 32.12 -29.88 28.15
N GLY H 102 31.11 -30.70 27.90
CA GLY H 102 30.02 -30.33 27.04
C GLY H 102 30.41 -29.89 25.63
N THR H 103 31.63 -30.18 25.20
CA THR H 103 32.01 -29.84 23.83
C THR H 103 33.07 -30.83 23.34
N ASN H 104 33.65 -30.58 22.17
CA ASN H 104 34.72 -31.42 21.66
C ASN H 104 35.94 -31.28 22.55
N LEU H 105 36.41 -32.41 23.09
CA LEU H 105 37.44 -32.36 24.11
C LEU H 105 38.76 -31.88 23.53
N ALA H 106 39.50 -31.13 24.32
CA ALA H 106 40.81 -30.66 23.87
C ALA H 106 41.82 -31.80 23.97
N PRO H 107 42.92 -31.73 23.23
CA PRO H 107 43.95 -32.76 23.36
C PRO H 107 44.42 -32.87 24.79
N TRP H 108 44.55 -34.10 25.27
CA TRP H 108 44.75 -34.31 26.70
C TRP H 108 46.11 -33.81 27.20
N GLY H 109 46.13 -33.32 28.45
CA GLY H 109 47.38 -32.99 29.10
C GLY H 109 48.04 -34.22 29.69
N GLN H 110 49.15 -33.99 30.39
CA GLN H 110 49.88 -35.11 30.98
C GLN H 110 49.14 -35.75 32.16
N GLY H 111 48.34 -34.98 32.88
CA GLY H 111 47.63 -35.48 34.06
C GLY H 111 48.46 -35.32 35.32
N THR H 112 47.98 -35.93 36.39
CA THR H 112 48.75 -35.98 37.63
C THR H 112 48.25 -37.15 38.48
N GLN H 113 49.16 -37.90 39.11
CA GLN H 113 48.75 -39.17 39.71
C GLN H 113 48.42 -39.02 41.18
N VAL H 114 47.23 -39.48 41.55
CA VAL H 114 46.79 -39.50 42.94
C VAL H 114 46.78 -40.95 43.40
N THR H 115 47.62 -41.27 44.40
CA THR H 115 47.75 -42.63 44.93
C THR H 115 47.36 -42.63 46.40
N VAL H 116 46.41 -43.49 46.76
CA VAL H 116 45.87 -43.55 48.14
C VAL H 116 46.16 -44.92 48.71
N SER H 117 47.21 -45.04 49.54
CA SER H 117 47.49 -46.32 50.17
C SER H 117 48.37 -46.11 51.41
N SER H 118 48.00 -46.80 52.49
CA SER H 118 48.71 -46.72 53.77
C SER H 118 50.15 -47.24 53.73
N SER I 1 17.51 -3.12 46.15
CA SER I 1 16.60 -3.46 45.07
C SER I 1 16.89 -2.64 43.82
N GLN I 2 17.14 -1.35 43.98
CA GLN I 2 17.59 -0.57 42.85
C GLN I 2 19.12 -0.67 42.81
N VAL I 3 19.68 -0.77 41.62
CA VAL I 3 21.12 -0.84 41.48
C VAL I 3 21.69 0.58 41.63
N GLN I 4 22.63 0.77 42.57
CA GLN I 4 23.25 2.07 42.86
C GLN I 4 24.74 2.07 42.55
N LEU I 5 25.21 3.14 41.91
CA LEU I 5 26.61 3.25 41.51
C LEU I 5 27.27 4.40 42.26
N GLN I 6 28.57 4.27 42.54
CA GLN I 6 29.27 5.32 43.29
C GLN I 6 30.75 5.36 42.89
N GLU I 7 31.17 6.41 42.21
CA GLU I 7 32.54 6.58 41.76
C GLU I 7 33.41 6.99 42.94
N SER I 8 34.70 7.22 42.66
CA SER I 8 35.71 7.53 43.66
C SER I 8 37.01 7.74 42.90
N GLY I 9 37.96 8.37 43.56
CA GLY I 9 39.24 8.51 42.91
C GLY I 9 39.36 9.71 42.01
N GLY I 10 38.40 10.63 42.04
CA GLY I 10 38.61 11.89 41.36
C GLY I 10 39.83 12.63 41.86
N GLY I 11 40.09 13.80 41.29
CA GLY I 11 41.10 14.68 41.84
C GLY I 11 41.79 15.50 40.75
N SER I 12 42.78 16.26 41.20
CA SER I 12 43.47 17.25 40.39
C SER I 12 44.91 16.79 40.20
N VAL I 13 45.39 16.81 38.97
CA VAL I 13 46.61 16.09 38.63
C VAL I 13 47.31 16.82 37.49
N GLN I 14 48.60 16.56 37.38
CA GLN I 14 49.49 17.27 36.48
C GLN I 14 49.52 16.59 35.11
N ALA I 15 49.72 17.38 34.07
CA ALA I 15 49.76 16.82 32.72
C ALA I 15 50.81 15.72 32.62
N GLY I 16 50.38 14.53 32.17
CA GLY I 16 51.22 13.36 32.17
C GLY I 16 50.96 12.41 33.32
N GLY I 17 50.28 12.88 34.36
CA GLY I 17 49.97 12.07 35.53
C GLY I 17 48.99 10.94 35.24
N SER I 18 48.66 10.23 36.31
CA SER I 18 47.72 9.13 36.26
C SER I 18 46.61 9.35 37.28
N LEU I 19 45.59 8.51 37.16
CA LEU I 19 44.44 8.49 38.05
C LEU I 19 43.72 7.17 37.82
N ARG I 20 43.35 6.53 38.92
CA ARG I 20 42.59 5.28 38.92
C ARG I 20 41.24 5.60 39.50
N LEU I 21 40.27 5.85 38.61
CA LEU I 21 38.87 5.91 38.99
C LEU I 21 38.35 4.52 39.32
N ALA I 22 37.35 4.49 40.19
CA ALA I 22 36.73 3.23 40.54
C ALA I 22 35.27 3.51 40.83
N CYS I 23 34.43 2.51 40.56
CA CYS I 23 32.99 2.62 40.78
C CYS I 23 32.48 1.35 41.42
N VAL I 24 31.78 1.46 42.55
CA VAL I 24 31.23 0.30 43.25
C VAL I 24 29.72 0.30 43.13
N ALA I 25 29.18 -0.82 42.65
CA ALA I 25 27.74 -1.01 42.70
C ALA I 25 27.33 -1.56 44.05
N SER I 26 26.07 -1.28 44.39
CA SER I 26 25.45 -1.65 45.65
C SER I 26 23.98 -1.97 45.39
N GLY I 27 23.46 -2.93 46.16
CA GLY I 27 22.09 -3.38 46.00
C GLY I 27 21.82 -3.92 44.61
N GLY I 28 20.57 -3.78 44.17
CA GLY I 28 20.17 -4.34 42.90
C GLY I 28 20.29 -5.85 42.89
N ASP I 29 20.15 -6.41 41.69
CA ASP I 29 20.16 -7.87 41.52
C ASP I 29 21.58 -8.39 41.40
N THR I 30 21.86 -9.44 42.16
CA THR I 30 23.21 -9.81 42.51
C THR I 30 23.62 -11.20 42.05
N ARG I 31 22.66 -12.03 41.60
CA ARG I 31 22.86 -13.29 40.90
C ARG I 31 23.82 -13.00 39.74
N PRO I 32 24.64 -13.93 39.28
CA PRO I 32 25.69 -13.56 38.31
C PRO I 32 25.23 -13.51 36.85
N TYR I 33 24.11 -14.15 36.48
CA TYR I 33 23.70 -14.11 35.08
C TYR I 33 22.98 -12.83 34.72
N ILE I 34 23.03 -11.84 35.61
CA ILE I 34 22.46 -10.52 35.39
C ILE I 34 23.62 -9.65 34.92
N THR I 35 23.73 -9.48 33.62
CA THR I 35 24.88 -8.82 33.04
C THR I 35 24.54 -7.41 32.58
N TYR I 36 25.54 -6.52 32.64
CA TYR I 36 25.40 -5.14 32.24
C TYR I 36 26.53 -4.75 31.29
N TRP I 37 26.41 -3.58 30.69
CA TRP I 37 27.51 -2.97 29.95
C TRP I 37 27.97 -1.71 30.70
N MET I 38 28.66 -1.95 31.82
CA MET I 38 29.20 -0.90 32.68
C MET I 38 30.22 -0.04 31.96
N GLY I 39 29.95 1.26 31.89
CA GLY I 39 30.78 2.17 31.12
C GLY I 39 31.10 3.44 31.89
N TRP I 40 32.17 4.10 31.45
CA TRP I 40 32.59 5.38 32.03
C TRP I 40 32.32 6.50 31.03
N TYR I 41 31.67 7.55 31.52
CA TYR I 41 31.24 8.70 30.74
C TYR I 41 31.87 9.97 31.30
N ARG I 42 32.05 10.92 30.40
CA ARG I 42 32.84 12.12 30.58
C ARG I 42 32.01 13.32 30.13
N GLN I 43 32.01 14.40 30.92
CA GLN I 43 31.21 15.56 30.54
C GLN I 43 32.00 16.82 30.84
N ALA I 44 32.43 17.51 29.77
CA ALA I 44 33.13 18.76 29.89
C ALA I 44 32.11 19.87 30.10
N PRO I 45 32.48 20.97 30.76
CA PRO I 45 31.45 21.96 31.09
C PRO I 45 30.95 22.63 29.84
N GLY I 46 29.65 22.54 29.60
CA GLY I 46 29.08 23.06 28.36
C GLY I 46 29.28 22.17 27.16
N LYS I 47 29.51 20.87 27.37
CA LYS I 47 29.52 19.85 26.34
C LYS I 47 28.68 18.65 26.81
N GLU I 48 28.35 17.73 25.90
CA GLU I 48 27.49 16.58 26.21
C GLU I 48 28.27 15.40 26.76
N ARG I 49 27.65 14.65 27.69
CA ARG I 49 28.25 13.41 28.19
C ARG I 49 28.80 12.65 27.01
N GLU I 50 29.99 12.11 27.18
CA GLU I 50 30.77 11.55 26.08
C GLU I 50 30.82 10.03 26.16
N GLY I 51 31.35 9.48 27.25
CA GLY I 51 31.53 8.05 27.20
C GLY I 51 32.84 7.64 26.57
N VAL I 52 33.72 7.11 27.40
CA VAL I 52 35.10 6.86 27.02
C VAL I 52 35.41 5.38 26.95
N ALA I 53 34.88 4.56 27.86
CA ALA I 53 35.12 3.12 27.79
C ALA I 53 33.97 2.37 28.43
N THR I 54 33.84 1.09 28.05
CA THR I 54 32.75 0.25 28.50
C THR I 54 33.26 -1.19 28.58
N ILE I 55 32.63 -1.99 29.43
CA ILE I 55 33.13 -3.36 29.67
C ILE I 55 31.94 -4.26 30.02
N TYR I 56 31.97 -5.50 29.54
CA TYR I 56 30.85 -6.42 29.73
C TYR I 56 31.03 -7.14 31.06
N THR I 57 29.99 -7.10 31.92
CA THR I 57 30.08 -7.75 33.23
C THR I 57 29.74 -9.24 33.17
N GLY I 58 29.32 -9.74 32.00
CA GLY I 58 29.29 -11.15 31.80
C GLY I 58 30.57 -11.72 31.23
N GLY I 59 31.54 -10.88 30.87
CA GLY I 59 32.75 -11.44 30.31
C GLY I 59 33.98 -10.58 30.50
N SER I 60 34.56 -10.11 29.40
CA SER I 60 35.78 -9.32 29.44
C SER I 60 35.87 -8.38 28.26
N GLY I 61 34.85 -8.31 27.41
CA GLY I 61 34.92 -7.42 26.27
C GLY I 61 34.99 -5.97 26.72
N THR I 62 35.84 -5.22 26.03
CA THR I 62 36.01 -3.80 26.30
C THR I 62 36.01 -3.01 25.01
N TYR I 63 35.34 -1.86 25.03
CA TYR I 63 35.43 -0.91 23.93
C TYR I 63 35.76 0.47 24.49
N TYR I 64 36.53 1.22 23.72
CA TYR I 64 37.00 2.55 24.12
C TYR I 64 36.51 3.57 23.10
N SER I 65 36.78 4.84 23.34
CA SER I 65 36.42 5.88 22.41
C SER I 65 37.69 6.32 21.71
N ASP I 66 37.55 6.79 20.47
CA ASP I 66 38.74 7.10 19.68
C ASP I 66 39.61 8.14 20.37
N SER I 67 38.99 9.11 21.06
CA SER I 67 39.67 10.17 21.78
C SER I 67 40.46 9.66 22.97
N VAL I 68 40.44 8.36 23.23
CA VAL I 68 41.36 7.76 24.19
C VAL I 68 41.99 6.50 23.61
N GLU I 69 43.19 6.60 23.06
CA GLU I 69 43.75 5.43 22.39
C GLU I 69 44.08 4.40 23.46
N GLY I 70 45.34 4.31 23.84
CA GLY I 70 45.75 3.35 24.85
C GLY I 70 46.07 4.12 26.10
N ARG I 71 45.53 5.33 26.18
CA ARG I 71 45.75 6.07 27.42
C ARG I 71 44.83 5.60 28.53
N PHE I 72 43.59 5.20 28.26
CA PHE I 72 42.79 4.74 29.38
C PHE I 72 42.56 3.24 29.25
N THR I 73 42.34 2.59 30.40
CA THR I 73 42.12 1.15 30.47
C THR I 73 41.01 0.84 31.47
N ILE I 74 40.03 0.05 31.04
CA ILE I 74 38.90 -0.29 31.89
C ILE I 74 39.04 -1.75 32.28
N SER I 75 38.87 -2.02 33.57
CA SER I 75 38.97 -3.36 34.12
C SER I 75 37.84 -3.52 35.11
N GLN I 76 37.62 -4.74 35.61
CA GLN I 76 36.58 -4.92 36.61
C GLN I 76 37.03 -5.96 37.62
N ASP I 77 36.38 -5.98 38.76
CA ASP I 77 36.57 -6.95 39.84
C ASP I 77 35.20 -7.53 40.19
N LYS I 78 34.72 -8.50 39.40
CA LYS I 78 33.31 -8.91 39.49
C LYS I 78 32.92 -9.30 40.93
N ALA I 79 33.83 -9.98 41.63
CA ALA I 79 33.55 -10.41 42.99
C ALA I 79 33.24 -9.23 43.89
N GLN I 80 33.96 -8.12 43.70
CA GLN I 80 33.78 -6.88 44.47
C GLN I 80 32.82 -5.90 43.78
N ARG I 81 32.07 -6.36 42.76
CA ARG I 81 31.27 -5.55 41.86
C ARG I 81 31.81 -4.13 41.71
N THR I 82 33.05 -4.01 41.25
CA THR I 82 33.73 -2.74 41.05
C THR I 82 34.27 -2.69 39.63
N VAL I 83 34.18 -1.52 38.99
CA VAL I 83 34.75 -1.29 37.66
C VAL I 83 35.72 -0.11 37.80
N TYR I 84 36.88 -0.25 37.18
CA TYR I 84 38.01 0.66 37.37
C TYR I 84 38.31 1.38 36.05
N LEU I 85 38.75 2.63 36.14
CA LEU I 85 39.23 3.32 34.95
C LEU I 85 40.62 3.85 35.26
N GLN I 86 41.61 3.33 34.57
CA GLN I 86 43.00 3.69 34.79
C GLN I 86 43.37 4.73 33.75
N MET I 87 43.21 6.00 34.09
CA MET I 87 43.59 7.06 33.17
C MET I 87 45.05 7.40 33.41
N ASN I 88 45.91 7.12 32.43
CA ASN I 88 47.24 7.71 32.53
C ASN I 88 47.66 8.33 31.21
N ASP I 89 48.77 9.05 31.31
CA ASP I 89 49.24 10.08 30.40
C ASP I 89 48.05 11.01 30.13
N LEU I 90 47.75 11.89 31.08
CA LEU I 90 46.53 12.68 31.07
C LEU I 90 46.75 14.04 30.43
N LYS I 91 46.07 14.31 29.30
CA LYS I 91 46.08 15.64 28.68
C LYS I 91 45.24 16.62 29.48
N PRO I 92 45.42 17.93 29.28
CA PRO I 92 44.51 18.88 29.94
C PRO I 92 43.07 18.82 29.45
N GLU I 93 42.82 18.37 28.21
CA GLU I 93 41.42 18.25 27.77
C GLU I 93 40.70 17.05 28.35
N ASP I 94 41.36 16.26 29.21
CA ASP I 94 40.64 15.24 29.95
C ASP I 94 39.89 15.77 31.15
N THR I 95 40.04 17.04 31.51
CA THR I 95 39.22 17.60 32.56
C THR I 95 37.75 17.50 32.18
N ALA I 96 36.96 17.00 33.13
CA ALA I 96 35.54 16.79 32.96
C ALA I 96 34.97 16.19 34.23
N MET I 97 33.67 15.96 34.25
CA MET I 97 33.09 15.14 35.28
C MET I 97 33.02 13.74 34.75
N TYR I 98 33.54 12.78 35.52
CA TYR I 98 33.54 11.38 35.09
C TYR I 98 32.41 10.64 35.80
N TYR I 99 31.40 10.23 35.04
CA TYR I 99 30.28 9.48 35.56
C TYR I 99 30.37 8.02 35.14
N CYS I 100 29.98 7.13 36.06
CA CYS I 100 29.88 5.72 35.76
C CYS I 100 28.42 5.37 35.49
N ALA I 101 28.16 4.57 34.48
CA ALA I 101 26.78 4.20 34.24
C ALA I 101 26.66 2.73 33.83
N ALA I 102 25.43 2.23 33.86
CA ALA I 102 25.09 0.84 33.62
C ALA I 102 23.99 0.74 32.58
N GLY I 103 24.11 -0.18 31.64
CA GLY I 103 22.99 -0.50 30.78
C GLY I 103 22.82 -1.98 30.62
N ASN I 104 21.71 -2.36 29.98
CA ASN I 104 21.37 -3.76 29.84
C ASN I 104 22.52 -4.55 29.25
N GLY I 105 22.71 -5.78 29.71
CA GLY I 105 23.77 -6.62 29.18
C GLY I 105 23.59 -7.05 27.73
N ALA I 106 22.45 -6.78 27.13
CA ALA I 106 22.23 -7.19 25.75
C ALA I 106 22.28 -6.03 24.75
N LEU I 107 22.82 -4.88 25.12
CA LEU I 107 22.90 -3.80 24.15
C LEU I 107 23.72 -4.25 22.94
N PRO I 108 23.32 -3.90 21.73
CA PRO I 108 24.04 -4.35 20.53
C PRO I 108 25.33 -3.59 20.34
N PRO I 109 26.24 -4.12 19.54
CA PRO I 109 27.34 -3.30 19.00
C PRO I 109 26.81 -1.99 18.42
N GLY I 110 27.45 -0.89 18.82
CA GLY I 110 27.06 0.44 18.42
C GLY I 110 26.14 1.16 19.38
N ARG I 111 25.71 0.51 20.47
CA ARG I 111 24.84 1.16 21.44
C ARG I 111 25.28 0.94 22.89
N ARG I 112 26.54 0.59 23.14
CA ARG I 112 27.01 0.23 24.48
C ARG I 112 27.73 1.36 25.19
N LEU I 113 28.44 2.22 24.44
CA LEU I 113 28.99 3.49 24.93
C LEU I 113 28.16 4.67 24.43
N SER I 114 26.86 4.61 24.69
CA SER I 114 25.94 5.64 24.23
C SER I 114 25.08 6.09 25.39
N PRO I 115 25.35 7.26 25.98
CA PRO I 115 24.72 7.57 27.27
C PRO I 115 23.20 7.49 27.23
N GLN I 116 22.64 7.68 26.04
CA GLN I 116 21.20 7.59 25.84
C GLN I 116 20.65 6.19 26.13
N ASN I 117 21.46 5.13 25.99
CA ASN I 117 20.95 3.79 26.21
C ASN I 117 21.32 3.25 27.59
N MET I 118 21.40 4.12 28.59
CA MET I 118 22.04 3.74 29.84
C MET I 118 21.02 3.89 30.95
N ASP I 119 20.99 2.95 31.88
CA ASP I 119 19.82 2.89 32.74
C ASP I 119 20.01 3.47 34.13
N THR I 120 21.10 3.23 34.82
CA THR I 120 21.29 3.89 36.10
C THR I 120 22.65 4.61 36.07
N TRP I 121 22.76 5.72 36.80
CA TRP I 121 23.93 6.57 36.70
C TRP I 121 24.52 6.81 38.09
N GLY I 122 25.74 7.32 38.09
CA GLY I 122 26.40 7.66 39.33
C GLY I 122 26.52 9.15 39.48
N PRO I 123 26.77 9.60 40.71
CA PRO I 123 26.88 11.05 40.96
C PRO I 123 28.09 11.70 40.31
N GLY I 124 29.19 10.99 40.13
CA GLY I 124 30.32 11.54 39.38
C GLY I 124 31.38 12.14 40.28
N THR I 125 32.63 11.91 39.91
CA THR I 125 33.77 12.62 40.48
C THR I 125 34.33 13.58 39.44
N GLN I 126 34.97 14.64 39.90
CA GLN I 126 35.63 15.52 38.97
C GLN I 126 37.08 15.11 38.82
N VAL I 127 37.55 15.05 37.59
CA VAL I 127 38.95 14.85 37.26
C VAL I 127 39.39 16.11 36.52
N THR I 128 40.32 16.86 37.10
CA THR I 128 40.80 18.11 36.51
C THR I 128 42.33 18.02 36.33
N VAL I 129 42.83 18.53 35.19
CA VAL I 129 44.19 18.22 34.70
C VAL I 129 44.93 19.53 34.35
N SER I 130 46.00 19.82 35.09
CA SER I 130 46.74 21.09 35.04
C SER I 130 47.90 21.06 34.05
N SER I 131 47.94 22.04 33.12
CA SER I 131 49.03 22.08 32.11
C SER I 131 50.23 22.95 32.50
N ALA J 1 -7.51 -35.84 23.15
CA ALA J 1 -8.03 -34.48 23.40
C ALA J 1 -6.93 -33.38 23.38
N THR J 2 -6.83 -32.67 22.25
CA THR J 2 -5.74 -31.72 22.02
C THR J 2 -5.93 -30.41 22.78
N LYS J 3 -4.96 -30.06 23.62
CA LYS J 3 -5.00 -28.77 24.28
C LYS J 3 -3.92 -27.86 23.68
N ALA J 4 -4.13 -26.55 23.84
CA ALA J 4 -3.17 -25.52 23.42
C ALA J 4 -3.37 -24.29 24.29
N VAL J 5 -2.38 -23.40 24.27
CA VAL J 5 -2.33 -22.24 25.15
C VAL J 5 -1.62 -21.09 24.44
N CYS J 6 -1.90 -19.86 24.89
CA CYS J 6 -1.30 -18.65 24.34
C CYS J 6 -1.17 -17.60 25.44
N VAL J 7 -0.08 -16.81 25.39
CA VAL J 7 0.13 -15.71 26.34
C VAL J 7 0.27 -14.42 25.53
N LEU J 8 -0.70 -13.54 25.65
CA LEU J 8 -0.69 -12.28 24.91
C LEU J 8 0.10 -11.25 25.71
N LYS J 9 1.19 -10.74 25.12
CA LYS J 9 1.94 -9.60 25.65
C LYS J 9 2.12 -8.56 24.55
N GLY J 10 2.40 -7.32 24.95
CA GLY J 10 2.57 -6.24 24.00
C GLY J 10 3.27 -5.04 24.61
N ASP J 11 3.35 -3.97 23.83
CA ASP J 11 4.06 -2.78 24.30
C ASP J 11 3.28 -2.03 25.37
N GLY J 12 1.96 -1.95 25.24
CA GLY J 12 1.13 -1.31 26.25
C GLY J 12 0.87 -2.24 27.42
N PRO J 13 -0.09 -1.91 28.28
CA PRO J 13 -0.34 -2.77 29.44
C PRO J 13 -1.15 -4.01 29.13
N VAL J 14 -1.58 -4.24 27.88
CA VAL J 14 -2.47 -5.36 27.61
C VAL J 14 -1.72 -6.67 27.80
N GLN J 15 -2.31 -7.57 28.57
CA GLN J 15 -1.70 -8.87 28.78
C GLN J 15 -2.76 -9.88 29.21
N GLY J 16 -2.69 -11.08 28.62
CA GLY J 16 -3.60 -12.15 29.02
C GLY J 16 -3.11 -13.53 28.63
N ILE J 17 -3.90 -14.54 29.06
CA ILE J 17 -3.70 -15.94 28.68
C ILE J 17 -5.00 -16.57 28.14
N ILE J 18 -4.90 -17.17 26.97
CA ILE J 18 -6.03 -17.72 26.24
C ILE J 18 -5.75 -19.21 25.98
N ASN J 19 -6.76 -20.04 26.19
CA ASN J 19 -6.62 -21.47 26.05
C ASN J 19 -7.45 -21.97 24.88
N PHE J 20 -6.99 -23.05 24.27
CA PHE J 20 -7.69 -23.74 23.20
C PHE J 20 -7.83 -25.21 23.56
N GLU J 21 -8.98 -25.79 23.25
CA GLU J 21 -9.18 -27.21 23.46
C GLU J 21 -10.10 -27.75 22.37
N GLN J 22 -9.75 -28.91 21.83
CA GLN J 22 -10.50 -29.58 20.77
C GLN J 22 -10.67 -31.03 21.18
N LYS J 23 -11.90 -31.44 21.51
CA LYS J 23 -12.10 -32.74 22.18
C LYS J 23 -11.94 -33.89 21.20
N GLU J 24 -12.38 -33.70 19.97
CA GLU J 24 -12.02 -34.56 18.87
C GLU J 24 -11.78 -33.68 17.66
N SER J 25 -11.04 -34.24 16.69
CA SER J 25 -10.81 -33.54 15.45
C SER J 25 -12.14 -33.22 14.79
N ASN J 26 -12.15 -32.55 13.65
CA ASN J 26 -13.39 -32.14 12.98
C ASN J 26 -14.36 -31.38 13.86
N GLY J 27 -14.00 -31.15 15.13
CA GLY J 27 -14.93 -30.63 16.10
C GLY J 27 -14.78 -29.15 16.35
N PRO J 28 -15.72 -28.60 17.09
CA PRO J 28 -15.53 -27.25 17.63
C PRO J 28 -14.25 -27.17 18.45
N VAL J 29 -13.61 -25.99 18.40
CA VAL J 29 -12.56 -25.59 19.33
C VAL J 29 -13.18 -24.70 20.39
N LYS J 30 -13.02 -25.07 21.64
CA LYS J 30 -13.32 -24.15 22.73
C LYS J 30 -12.13 -23.19 22.95
N VAL J 31 -12.43 -21.89 23.07
CA VAL J 31 -11.42 -20.84 23.28
C VAL J 31 -11.86 -19.94 24.43
N TRP J 32 -11.10 -19.92 25.51
CA TRP J 32 -11.50 -19.26 26.73
C TRP J 32 -10.28 -18.72 27.47
N GLY J 33 -10.50 -17.70 28.30
CA GLY J 33 -9.41 -17.10 29.04
C GLY J 33 -9.75 -15.66 29.43
N SER J 34 -8.70 -14.86 29.61
CA SER J 34 -8.84 -13.49 30.08
C SER J 34 -7.79 -12.59 29.43
N ILE J 35 -8.17 -11.34 29.17
CA ILE J 35 -7.24 -10.30 28.77
C ILE J 35 -7.48 -9.09 29.67
N LYS J 36 -6.41 -8.47 30.17
CA LYS J 36 -6.55 -7.29 31.03
C LYS J 36 -5.83 -6.09 30.45
N GLY J 37 -6.18 -4.90 30.96
CA GLY J 37 -5.57 -3.66 30.54
C GLY J 37 -6.11 -3.03 29.27
N LEU J 38 -7.21 -3.55 28.72
CA LEU J 38 -7.86 -2.96 27.56
C LEU J 38 -8.75 -1.77 27.96
N THR J 39 -8.98 -0.90 26.98
CA THR J 39 -10.07 0.06 27.05
C THR J 39 -11.40 -0.66 27.05
N GLU J 40 -12.30 -0.26 27.95
CA GLU J 40 -13.61 -0.89 28.08
C GLU J 40 -14.37 -0.82 26.77
N GLY J 41 -14.90 -1.96 26.32
CA GLY J 41 -15.65 -2.10 25.09
C GLY J 41 -15.14 -3.23 24.20
N LEU J 42 -15.48 -3.15 22.92
CA LEU J 42 -15.19 -4.23 21.98
C LEU J 42 -13.77 -4.14 21.43
N HIS J 43 -13.18 -5.32 21.22
CA HIS J 43 -11.82 -5.45 20.69
C HIS J 43 -11.75 -6.64 19.73
N GLY J 44 -11.37 -6.39 18.47
CA GLY J 44 -11.11 -7.45 17.50
C GLY J 44 -10.15 -8.52 17.97
N PHE J 45 -10.17 -9.70 17.34
CA PHE J 45 -9.60 -10.89 17.98
C PHE J 45 -9.36 -11.94 16.90
N HIS J 46 -8.10 -12.13 16.52
CA HIS J 46 -7.83 -12.84 15.28
C HIS J 46 -6.65 -13.79 15.46
N VAL J 47 -6.61 -14.81 14.59
CA VAL J 47 -5.43 -15.63 14.41
C VAL J 47 -4.76 -15.17 13.13
N HIS J 48 -3.56 -14.62 13.27
CA HIS J 48 -2.78 -14.13 12.14
C HIS J 48 -1.83 -15.22 11.69
N GLU J 49 -1.35 -15.06 10.45
CA GLU J 49 -0.80 -16.19 9.71
C GLU J 49 0.45 -16.76 10.35
N PHE J 50 1.38 -15.90 10.75
CA PHE J 50 2.74 -16.29 11.10
C PHE J 50 2.98 -16.17 12.60
N GLY J 51 3.72 -17.14 13.16
CA GLY J 51 4.09 -17.11 14.58
C GLY J 51 5.39 -16.36 14.85
N ASP J 52 5.58 -15.28 14.12
CA ASP J 52 6.84 -14.56 14.01
C ASP J 52 6.70 -13.31 14.84
N ASN J 53 7.49 -13.21 15.90
CA ASN J 53 7.45 -12.06 16.78
C ASN J 53 8.72 -11.25 16.73
N THR J 54 9.59 -11.57 15.76
CA THR J 54 10.89 -10.92 15.61
C THR J 54 10.77 -9.40 15.71
N ALA J 55 9.79 -8.83 15.02
CA ALA J 55 9.58 -7.39 14.98
C ALA J 55 8.24 -7.00 15.58
N GLY J 56 7.90 -7.59 16.74
CA GLY J 56 6.63 -7.35 17.40
C GLY J 56 5.48 -8.11 16.75
N CYS J 57 4.27 -7.56 16.94
CA CYS J 57 3.08 -8.16 16.34
C CYS J 57 2.99 -7.93 14.84
N THR J 58 3.71 -6.94 14.32
CA THR J 58 3.75 -6.67 12.89
C THR J 58 4.14 -7.91 12.08
N SER J 59 5.01 -8.75 12.63
CA SER J 59 5.50 -9.89 11.88
C SER J 59 4.47 -11.02 11.76
N ALA J 60 3.37 -10.95 12.52
CA ALA J 60 2.38 -12.02 12.43
C ALA J 60 1.59 -11.93 11.14
N GLY J 61 1.49 -10.74 10.56
CA GLY J 61 0.95 -10.56 9.25
C GLY J 61 -0.55 -10.64 9.25
N PRO J 62 -1.10 -11.02 8.11
CA PRO J 62 -2.56 -10.98 7.91
C PRO J 62 -3.30 -12.04 8.69
N HIS J 63 -4.57 -11.75 8.89
CA HIS J 63 -5.53 -12.74 9.35
C HIS J 63 -5.34 -14.04 8.58
N PHE J 64 -5.20 -15.15 9.31
CA PHE J 64 -4.92 -16.46 8.73
C PHE J 64 -6.01 -16.84 7.73
N ASN J 65 -5.63 -16.98 6.47
CA ASN J 65 -6.59 -17.10 5.38
C ASN J 65 -6.10 -18.08 4.33
N PRO J 66 -6.00 -19.37 4.67
CA PRO J 66 -5.52 -20.35 3.70
C PRO J 66 -6.45 -20.52 2.51
N LEU J 67 -7.76 -20.39 2.73
CA LEU J 67 -8.80 -20.59 1.72
C LEU J 67 -9.04 -19.36 0.86
N SER J 68 -8.27 -18.28 1.06
CA SER J 68 -8.33 -17.02 0.29
C SER J 68 -9.75 -16.50 0.16
N ARG J 69 -10.29 -16.06 1.28
CA ARG J 69 -11.60 -15.44 1.30
C ARG J 69 -11.45 -13.97 1.65
N LYS J 70 -12.58 -13.28 1.74
CA LYS J 70 -12.59 -11.90 2.23
C LYS J 70 -12.95 -11.91 3.70
N HIS J 71 -12.71 -10.78 4.35
CA HIS J 71 -12.86 -10.72 5.80
C HIS J 71 -14.30 -11.02 6.20
N GLY J 72 -14.48 -11.45 7.44
CA GLY J 72 -15.83 -11.65 7.90
C GLY J 72 -15.92 -11.79 9.41
N GLY J 73 -17.16 -11.96 9.88
CA GLY J 73 -17.38 -12.27 11.26
C GLY J 73 -17.26 -13.77 11.46
N PRO J 74 -17.17 -14.24 12.71
CA PRO J 74 -17.13 -15.70 12.90
C PRO J 74 -18.32 -16.41 12.28
N LYS J 75 -19.52 -15.84 12.40
CA LYS J 75 -20.75 -16.49 11.96
C LYS J 75 -20.98 -16.39 10.46
N ASP J 76 -20.17 -15.64 9.72
CA ASP J 76 -20.29 -15.51 8.27
C ASP J 76 -19.64 -16.69 7.57
N GLU J 77 -20.17 -17.05 6.39
CA GLU J 77 -19.51 -18.11 5.63
C GLU J 77 -18.36 -17.54 4.80
N GLU J 78 -18.46 -16.29 4.40
CA GLU J 78 -17.32 -15.59 3.80
C GLU J 78 -16.56 -14.88 4.91
N ARG J 79 -15.41 -15.45 5.28
CA ARG J 79 -14.59 -14.99 6.40
C ARG J 79 -13.21 -15.62 6.26
N HIS J 80 -12.25 -15.09 7.03
CA HIS J 80 -10.92 -15.71 7.07
C HIS J 80 -10.92 -16.79 8.15
N VAL J 81 -10.07 -17.81 7.95
CA VAL J 81 -10.01 -18.94 8.89
C VAL J 81 -9.67 -18.47 10.30
N GLY J 82 -9.01 -17.32 10.43
CA GLY J 82 -8.70 -16.77 11.73
C GLY J 82 -9.64 -15.68 12.21
N ASP J 83 -10.51 -15.17 11.34
CA ASP J 83 -11.33 -14.04 11.73
C ASP J 83 -12.35 -14.54 12.77
N LEU J 84 -12.17 -14.16 14.05
CA LEU J 84 -13.03 -14.59 15.16
C LEU J 84 -13.88 -13.51 15.84
N GLY J 85 -13.98 -12.31 15.26
CA GLY J 85 -14.88 -11.33 15.86
C GLY J 85 -14.32 -10.44 16.94
N ASN J 86 -15.08 -10.18 18.01
CA ASN J 86 -14.72 -9.20 19.02
C ASN J 86 -14.93 -9.77 20.42
N VAL J 87 -13.95 -9.57 21.29
CA VAL J 87 -14.10 -9.83 22.71
C VAL J 87 -14.55 -8.54 23.37
N THR J 88 -15.02 -8.59 24.61
CA THR J 88 -15.61 -7.45 25.31
C THR J 88 -14.89 -7.19 26.62
N ALA J 89 -14.52 -5.93 26.87
CA ALA J 89 -13.82 -5.53 28.08
C ALA J 89 -14.76 -4.78 29.00
N ASP J 90 -14.80 -5.19 30.26
CA ASP J 90 -15.77 -4.63 31.18
C ASP J 90 -15.25 -3.29 31.69
N LYS J 91 -15.86 -2.79 32.76
CA LYS J 91 -15.45 -1.51 33.33
C LYS J 91 -14.10 -1.58 34.01
N ASP J 92 -13.56 -2.77 34.27
CA ASP J 92 -12.22 -2.95 34.82
C ASP J 92 -11.14 -3.11 33.75
N GLY J 93 -11.49 -3.09 32.48
CA GLY J 93 -10.52 -3.38 31.45
C GLY J 93 -10.23 -4.84 31.27
N VAL J 94 -11.03 -5.73 31.88
CA VAL J 94 -10.85 -7.18 31.79
C VAL J 94 -11.79 -7.77 30.76
N ALA J 95 -11.33 -8.81 30.07
CA ALA J 95 -12.13 -9.40 28.99
C ALA J 95 -12.08 -10.91 29.15
N ASP J 96 -13.18 -11.49 29.64
CA ASP J 96 -13.21 -12.93 29.87
C ASP J 96 -13.67 -13.59 28.57
N VAL J 97 -12.69 -13.98 27.74
CA VAL J 97 -12.97 -14.64 26.46
C VAL J 97 -13.65 -15.97 26.72
N SER J 98 -14.68 -16.28 25.92
CA SER J 98 -15.27 -17.62 25.90
C SER J 98 -15.97 -17.75 24.56
N ILE J 99 -15.42 -18.57 23.68
CA ILE J 99 -15.88 -18.71 22.30
C ILE J 99 -15.86 -20.20 21.97
N GLU J 100 -16.70 -20.59 21.01
CA GLU J 100 -16.51 -21.86 20.33
C GLU J 100 -16.44 -21.58 18.85
N ASP J 101 -15.64 -22.37 18.12
CA ASP J 101 -15.55 -22.08 16.69
C ASP J 101 -15.12 -23.34 15.97
N SER J 102 -15.64 -23.51 14.75
CA SER J 102 -15.40 -24.72 13.99
C SER J 102 -14.58 -24.49 12.74
N VAL J 103 -14.19 -23.26 12.43
CA VAL J 103 -13.30 -23.10 11.28
C VAL J 103 -11.84 -23.34 11.69
N ILE J 104 -11.40 -22.69 12.78
CA ILE J 104 -10.07 -22.95 13.33
C ILE J 104 -9.98 -24.40 13.80
N SER J 105 -8.84 -25.04 13.52
CA SER J 105 -8.53 -26.35 14.05
C SER J 105 -7.16 -26.31 14.75
N LEU J 106 -6.95 -27.25 15.66
CA LEU J 106 -5.63 -27.46 16.24
C LEU J 106 -4.85 -28.51 15.47
N SER J 107 -5.33 -28.90 14.27
CA SER J 107 -4.76 -29.99 13.49
C SER J 107 -5.06 -29.83 12.02
N GLY J 108 -4.10 -30.24 11.20
CA GLY J 108 -4.35 -30.42 9.79
C GLY J 108 -4.07 -29.19 8.93
N ASP J 109 -5.08 -28.73 8.21
CA ASP J 109 -4.92 -27.67 7.22
C ASP J 109 -5.22 -26.31 7.82
N HIS J 110 -6.27 -26.25 8.64
CA HIS J 110 -6.60 -25.06 9.40
C HIS J 110 -5.85 -25.07 10.73
N CYS J 111 -4.63 -25.64 10.78
CA CYS J 111 -3.93 -25.74 12.06
C CYS J 111 -3.41 -24.37 12.48
N ILE J 112 -3.84 -23.91 13.66
CA ILE J 112 -3.42 -22.63 14.18
C ILE J 112 -2.29 -22.77 15.21
N ILE J 113 -1.87 -23.99 15.54
CA ILE J 113 -0.73 -24.17 16.43
C ILE J 113 0.53 -23.77 15.69
N GLY J 114 1.31 -22.89 16.28
CA GLY J 114 2.45 -22.32 15.60
C GLY J 114 2.21 -20.96 14.99
N ARG J 115 0.97 -20.46 15.03
CA ARG J 115 0.60 -19.15 14.52
C ARG J 115 0.30 -18.21 15.70
N THR J 116 -0.16 -16.98 15.40
CA THR J 116 -0.21 -15.91 16.41
C THR J 116 -1.63 -15.42 16.67
N LEU J 117 -1.96 -15.27 17.96
CA LEU J 117 -3.24 -14.75 18.40
C LEU J 117 -3.06 -13.30 18.81
N VAL J 118 -3.77 -12.40 18.13
CA VAL J 118 -3.60 -10.97 18.32
C VAL J 118 -4.91 -10.38 18.83
N VAL J 119 -4.83 -9.47 19.79
CA VAL J 119 -5.99 -8.72 20.25
C VAL J 119 -5.77 -7.27 19.82
N HIS J 120 -6.76 -6.69 19.10
CA HIS J 120 -6.56 -5.42 18.41
C HIS J 120 -7.05 -4.27 19.30
N GLU J 121 -7.11 -3.03 18.77
CA GLU J 121 -7.24 -1.82 19.60
C GLU J 121 -8.65 -1.24 19.68
N LYS J 122 -9.37 -1.17 18.54
CA LYS J 122 -10.80 -0.88 18.46
C LYS J 122 -11.60 -2.14 18.16
N ALA J 123 -12.74 -2.02 17.46
CA ALA J 123 -13.62 -3.17 17.24
C ALA J 123 -13.69 -3.53 15.75
N ASP J 124 -13.69 -4.84 15.49
CA ASP J 124 -13.84 -5.39 14.14
C ASP J 124 -15.26 -5.11 13.65
N ASP J 125 -15.38 -4.35 12.54
CA ASP J 125 -16.69 -4.10 11.94
C ASP J 125 -17.21 -5.29 11.13
N LEU J 126 -16.64 -6.50 11.30
CA LEU J 126 -17.20 -7.75 10.82
C LEU J 126 -17.36 -7.79 9.31
N GLY J 127 -16.78 -6.82 8.60
CA GLY J 127 -16.88 -6.72 7.16
C GLY J 127 -17.99 -5.79 6.67
N LYS J 128 -18.85 -5.31 7.55
CA LYS J 128 -20.01 -4.52 7.13
C LYS J 128 -19.69 -3.03 7.04
N GLY J 129 -18.42 -2.67 6.81
CA GLY J 129 -17.99 -1.30 6.99
C GLY J 129 -18.11 -0.44 5.75
N GLY J 130 -18.26 -1.08 4.61
CA GLY J 130 -18.44 -0.32 3.39
C GLY J 130 -17.22 0.44 2.92
N ASN J 131 -16.02 0.09 3.39
CA ASN J 131 -14.76 0.55 2.81
C ASN J 131 -13.91 -0.65 2.46
N GLU J 132 -12.82 -0.43 1.71
CA GLU J 132 -11.99 -1.55 1.26
C GLU J 132 -11.39 -2.31 2.44
N GLU J 133 -10.63 -1.59 3.28
CA GLU J 133 -9.97 -2.14 4.47
C GLU J 133 -10.93 -2.98 5.33
N SER J 134 -12.25 -2.78 5.20
CA SER J 134 -13.18 -3.55 6.01
C SER J 134 -13.21 -4.99 5.55
N THR J 135 -13.02 -5.22 4.27
CA THR J 135 -12.91 -6.57 3.77
C THR J 135 -11.51 -7.18 3.97
N LYS J 136 -10.58 -6.46 4.60
CA LYS J 136 -9.24 -6.98 4.81
C LYS J 136 -9.06 -7.26 6.30
N THR J 137 -8.82 -6.21 7.09
CA THR J 137 -8.63 -6.37 8.53
C THR J 137 -9.90 -6.12 9.32
N GLY J 138 -10.94 -5.57 8.69
CA GLY J 138 -12.12 -5.22 9.45
C GLY J 138 -11.96 -4.01 10.34
N ASN J 139 -10.95 -3.17 10.06
CA ASN J 139 -10.78 -1.87 10.72
C ASN J 139 -10.72 -2.02 12.23
N ALA J 140 -10.08 -3.09 12.71
CA ALA J 140 -10.00 -3.34 14.14
C ALA J 140 -9.02 -2.43 14.84
N GLY J 141 -8.07 -1.86 14.11
CA GLY J 141 -7.07 -0.98 14.70
C GLY J 141 -5.74 -1.67 14.87
N SER J 142 -4.80 -0.91 15.43
CA SER J 142 -3.47 -1.45 15.67
C SER J 142 -3.54 -2.62 16.64
N ARG J 143 -2.46 -3.39 16.66
CA ARG J 143 -2.43 -4.68 17.35
C ARG J 143 -1.89 -4.46 18.75
N LEU J 144 -2.76 -4.45 19.75
CA LEU J 144 -2.32 -4.11 21.11
C LEU J 144 -1.41 -5.17 21.73
N ALA J 145 -1.60 -6.44 21.41
CA ALA J 145 -0.90 -7.52 22.10
C ALA J 145 -1.03 -8.81 21.32
N CYS J 146 -0.02 -9.67 21.43
CA CYS J 146 0.01 -10.90 20.66
C CYS J 146 0.91 -11.91 21.36
N GLY J 147 0.87 -13.13 20.81
CA GLY J 147 1.48 -14.28 21.41
C GLY J 147 1.37 -15.47 20.47
N VAL J 148 2.34 -16.38 20.52
CA VAL J 148 2.32 -17.55 19.65
C VAL J 148 1.52 -18.64 20.33
N ILE J 149 0.74 -19.37 19.53
CA ILE J 149 -0.13 -20.44 20.01
C ILE J 149 0.68 -21.73 20.13
N GLY J 150 0.87 -22.24 21.36
CA GLY J 150 1.71 -23.41 21.59
C GLY J 150 0.95 -24.56 22.23
N ILE J 151 1.60 -25.71 22.25
CA ILE J 151 0.99 -26.96 22.71
C ILE J 151 0.97 -27.01 24.23
N ALA J 152 -0.08 -27.59 24.82
CA ALA J 152 -0.18 -27.73 26.28
C ALA J 152 -0.45 -29.14 26.77
N GLN J 153 -0.84 -30.06 25.88
CA GLN J 153 -1.16 -31.46 26.20
C GLN J 153 -1.16 -32.33 24.93
N GLN K 4 -34.25 3.21 24.34
CA GLN K 4 -32.93 2.63 24.14
C GLN K 4 -32.03 3.45 23.22
N LEU K 5 -32.52 3.77 22.02
CA LEU K 5 -31.78 4.52 20.98
C LEU K 5 -32.66 5.64 20.43
N GLN K 6 -32.28 6.89 20.71
CA GLN K 6 -33.05 8.08 20.34
C GLN K 6 -32.26 8.99 19.39
N GLU K 7 -32.52 8.91 18.08
CA GLU K 7 -31.88 9.78 17.10
C GLU K 7 -32.62 11.11 16.97
N SER K 8 -31.99 12.07 16.28
CA SER K 8 -32.56 13.41 16.16
C SER K 8 -31.75 14.27 15.19
N GLY K 9 -32.33 15.42 14.83
CA GLY K 9 -31.62 16.47 14.14
C GLY K 9 -31.60 16.38 12.63
N GLY K 10 -32.41 15.51 12.04
CA GLY K 10 -32.52 15.48 10.60
C GLY K 10 -33.27 16.69 10.11
N GLY K 11 -33.43 16.76 8.79
CA GLY K 11 -34.29 17.77 8.22
C GLY K 11 -34.26 17.80 6.71
N LEU K 12 -34.82 18.89 6.18
CA LEU K 12 -34.81 19.20 4.76
C LEU K 12 -33.73 20.24 4.52
N VAL K 13 -32.87 19.99 3.52
CA VAL K 13 -31.74 20.86 3.26
C VAL K 13 -31.43 20.82 1.77
N GLN K 14 -30.92 21.93 1.27
CA GLN K 14 -30.50 22.01 -0.12
C GLN K 14 -29.18 21.28 -0.30
N PRO K 15 -28.91 20.78 -1.50
CA PRO K 15 -27.59 20.18 -1.75
C PRO K 15 -26.46 21.15 -1.43
N GLY K 16 -25.54 20.71 -0.55
CA GLY K 16 -24.37 21.46 -0.11
C GLY K 16 -24.45 21.95 1.31
N GLY K 17 -25.65 22.05 1.87
CA GLY K 17 -25.80 22.42 3.25
C GLY K 17 -25.38 21.26 4.14
N SER K 18 -25.68 21.42 5.42
CA SER K 18 -25.17 20.47 6.38
C SER K 18 -26.17 20.30 7.50
N LEU K 19 -26.07 19.17 8.18
CA LEU K 19 -26.84 18.85 9.37
C LEU K 19 -25.91 18.17 10.37
N ARG K 20 -26.45 17.88 11.55
CA ARG K 20 -25.73 17.20 12.63
C ARG K 20 -26.70 16.29 13.37
N LEU K 21 -26.67 14.99 13.05
CA LEU K 21 -27.54 14.08 13.75
C LEU K 21 -26.99 13.78 15.14
N SER K 22 -27.88 13.38 16.04
CA SER K 22 -27.51 13.09 17.41
C SER K 22 -28.21 11.81 17.80
N CYS K 23 -27.63 11.06 18.73
CA CYS K 23 -28.29 9.84 19.18
C CYS K 23 -27.92 9.63 20.63
N ARG K 24 -28.89 9.67 21.52
CA ARG K 24 -28.62 9.34 22.90
C ARG K 24 -28.86 7.84 23.01
N ALA K 25 -27.91 7.12 23.63
CA ALA K 25 -28.03 5.65 23.75
C ALA K 25 -27.91 5.24 25.20
N SER K 26 -28.52 4.09 25.54
CA SER K 26 -28.42 3.64 26.92
C SER K 26 -26.96 3.48 27.30
N GLU K 27 -26.68 3.68 28.58
CA GLU K 27 -25.31 3.47 29.02
C GLU K 27 -24.83 2.07 28.66
N THR K 28 -25.67 1.05 28.84
CA THR K 28 -25.21 -0.31 28.61
C THR K 28 -24.92 -0.59 27.13
N LEU K 29 -25.65 0.06 26.20
CA LEU K 29 -25.27 -0.04 24.79
C LEU K 29 -24.06 0.85 24.44
N PHE K 30 -23.85 1.93 25.19
CA PHE K 30 -22.73 2.83 24.88
C PHE K 30 -21.41 2.26 25.39
N SER K 31 -21.40 1.65 26.58
CA SER K 31 -20.17 1.16 27.19
C SER K 31 -19.61 -0.05 26.45
N LEU K 32 -20.21 -0.42 25.33
CA LEU K 32 -19.51 -1.27 24.37
C LEU K 32 -18.54 -0.45 23.52
N TYR K 33 -18.62 0.87 23.60
CA TYR K 33 -17.80 1.79 22.81
C TYR K 33 -17.58 1.22 21.41
N ALA K 34 -18.70 0.93 20.73
CA ALA K 34 -18.65 0.54 19.32
C ALA K 34 -20.04 0.87 18.75
N MET K 35 -20.16 2.07 18.18
CA MET K 35 -21.44 2.62 17.73
C MET K 35 -21.32 2.98 16.25
N GLY K 36 -22.42 2.84 15.56
CA GLY K 36 -22.44 3.02 14.11
C GLY K 36 -23.63 3.86 13.72
N TRP K 37 -23.42 4.71 12.72
CA TRP K 37 -24.50 5.44 12.09
C TRP K 37 -24.81 4.73 10.78
N TYR K 38 -25.99 4.09 10.72
CA TYR K 38 -26.54 3.48 9.51
C TYR K 38 -27.57 4.40 8.88
N ARG K 39 -27.55 4.49 7.56
CA ARG K 39 -28.62 5.09 6.80
C ARG K 39 -29.40 3.97 6.11
N GLN K 40 -30.61 4.29 5.68
CA GLN K 40 -31.46 3.35 4.95
C GLN K 40 -32.29 4.13 3.94
N ALA K 41 -32.04 3.88 2.65
CA ALA K 41 -32.88 4.42 1.61
C ALA K 41 -34.16 3.59 1.51
N PRO K 42 -35.24 4.12 0.92
CA PRO K 42 -36.51 3.38 0.92
C PRO K 42 -36.40 2.00 0.26
N GLY K 43 -36.94 0.98 0.95
CA GLY K 43 -36.93 -0.37 0.45
C GLY K 43 -35.56 -1.01 0.31
N LYS K 44 -34.48 -0.29 0.57
CA LYS K 44 -33.13 -0.85 0.67
C LYS K 44 -32.81 -1.17 2.12
N GLN K 45 -31.87 -2.12 2.29
CA GLN K 45 -31.45 -2.50 3.63
C GLN K 45 -30.60 -1.39 4.25
N PRO K 46 -30.65 -1.25 5.58
CA PRO K 46 -29.74 -0.29 6.23
C PRO K 46 -28.30 -0.72 6.05
N GLU K 47 -27.45 0.22 5.63
CA GLU K 47 -26.02 -0.02 5.51
C GLU K 47 -25.27 0.80 6.55
N LEU K 48 -24.11 0.30 6.98
CA LEU K 48 -23.30 1.00 7.98
C LEU K 48 -22.44 2.08 7.30
N ILE K 49 -22.40 3.28 7.86
CA ILE K 49 -21.86 4.45 7.19
C ILE K 49 -20.64 5.02 7.92
N ALA K 50 -20.74 5.15 9.24
CA ALA K 50 -19.63 5.66 10.02
C ALA K 50 -19.63 4.94 11.35
N THR K 51 -18.43 4.64 11.86
CA THR K 51 -18.26 3.89 13.10
C THR K 51 -17.25 4.58 14.00
N ILE K 52 -17.31 4.24 15.27
CA ILE K 52 -16.48 4.88 16.28
C ILE K 52 -16.24 3.90 17.43
N SER K 53 -15.02 3.40 17.55
CA SER K 53 -14.65 2.51 18.65
C SER K 53 -13.27 2.88 19.13
N GLY K 54 -12.92 2.31 20.27
CA GLY K 54 -11.62 2.55 20.87
C GLY K 54 -11.70 3.48 22.07
N GLY K 55 -10.53 3.69 22.66
CA GLY K 55 -10.46 4.47 23.88
C GLY K 55 -10.50 5.97 23.63
N GLY K 56 -10.52 6.70 24.74
CA GLY K 56 -10.55 8.15 24.68
C GLY K 56 -11.78 8.69 24.00
N GLU K 57 -11.56 9.57 23.04
CA GLU K 57 -12.64 10.12 22.22
C GLU K 57 -13.04 9.18 21.09
N GLY K 58 -12.31 8.09 20.89
CA GLY K 58 -12.69 7.12 19.89
C GLY K 58 -12.20 7.47 18.51
N THR K 59 -11.95 6.45 17.69
CA THR K 59 -11.43 6.60 16.34
C THR K 59 -12.60 6.41 15.38
N GLY K 60 -12.70 7.29 14.39
CA GLY K 60 -13.75 7.19 13.42
C GLY K 60 -13.31 6.40 12.22
N ASN K 61 -14.24 5.61 11.68
CA ASN K 61 -14.13 4.98 10.37
C ASN K 61 -15.33 5.38 9.52
N TYR K 62 -15.11 5.54 8.22
CA TYR K 62 -16.11 6.09 7.32
C TYR K 62 -16.14 5.27 6.03
N ALA K 63 -17.35 4.97 5.55
CA ALA K 63 -17.63 4.21 4.33
C ALA K 63 -17.45 5.08 3.10
N ASP K 64 -17.18 4.43 1.97
CA ASP K 64 -16.64 5.15 0.81
C ASP K 64 -17.45 6.36 0.36
N PRO K 65 -18.78 6.36 0.34
CA PRO K 65 -19.50 7.49 -0.23
C PRO K 65 -19.69 8.67 0.72
N VAL K 66 -19.14 8.62 1.93
CA VAL K 66 -19.21 9.75 2.85
C VAL K 66 -17.80 10.11 3.33
N LYS K 67 -16.78 9.45 2.76
CA LYS K 67 -15.39 9.64 3.17
C LYS K 67 -14.97 11.10 3.04
N GLY K 68 -14.80 11.73 4.18
CA GLY K 68 -14.32 13.09 4.21
C GLY K 68 -15.39 14.14 4.18
N ARG K 69 -16.66 13.77 4.14
CA ARG K 69 -17.75 14.71 4.30
C ARG K 69 -18.47 14.54 5.63
N PHE K 70 -18.50 13.33 6.18
CA PHE K 70 -19.14 13.09 7.46
C PHE K 70 -18.04 12.86 8.51
N THR K 71 -18.37 13.15 9.76
CA THR K 71 -17.44 12.98 10.88
C THR K 71 -18.21 12.57 12.13
N ILE K 72 -17.90 11.38 12.64
CA ILE K 72 -18.57 10.80 13.80
C ILE K 72 -17.79 11.18 15.04
N SER K 73 -18.49 11.58 16.10
CA SER K 73 -17.87 11.89 17.37
C SER K 73 -18.67 11.24 18.48
N ARG K 74 -18.31 11.51 19.73
CA ARG K 74 -19.08 10.97 20.83
C ARG K 74 -18.81 11.76 22.10
N ASN K 75 -19.63 11.50 23.11
CA ASN K 75 -19.51 12.13 24.41
C ASN K 75 -19.67 11.07 25.49
N ASN K 76 -18.55 10.65 26.10
CA ASN K 76 -18.60 9.57 27.09
C ASN K 76 -19.52 9.92 28.23
N ALA K 77 -19.36 11.13 28.77
CA ALA K 77 -20.12 11.52 29.94
C ALA K 77 -21.61 11.54 29.65
N ASP K 78 -22.00 11.90 28.43
CA ASP K 78 -23.42 12.03 28.07
C ASP K 78 -23.99 10.79 27.36
N ASN K 79 -23.16 9.77 27.11
CA ASN K 79 -23.52 8.58 26.32
C ASN K 79 -24.21 8.97 25.00
N MET K 80 -23.52 9.77 24.18
CA MET K 80 -24.13 10.21 22.93
C MET K 80 -23.15 10.15 21.77
N VAL K 81 -23.72 10.01 20.57
CA VAL K 81 -22.98 9.80 19.33
C VAL K 81 -23.53 10.80 18.31
N PHE K 82 -22.65 11.62 17.75
CA PHE K 82 -23.03 12.69 16.84
C PHE K 82 -22.57 12.36 15.43
N LEU K 83 -23.20 12.98 14.43
CA LEU K 83 -22.78 12.80 13.04
C LEU K 83 -22.96 14.15 12.33
N GLN K 84 -21.84 14.82 12.10
CA GLN K 84 -21.80 16.08 11.35
C GLN K 84 -21.69 15.74 9.87
N MET K 85 -22.72 16.10 9.09
CA MET K 85 -22.78 15.72 7.68
C MET K 85 -22.65 16.98 6.84
N ASN K 86 -21.44 17.30 6.39
CA ASN K 86 -21.21 18.50 5.61
C ASN K 86 -21.24 18.21 4.12
N ASN K 87 -21.39 19.27 3.35
CA ASN K 87 -21.64 19.20 1.91
C ASN K 87 -22.57 18.06 1.50
N LEU K 88 -23.87 18.22 1.67
CA LEU K 88 -24.81 17.12 1.47
C LEU K 88 -25.02 16.83 -0.02
N LYS K 89 -25.53 15.63 -0.33
CA LYS K 89 -25.82 15.28 -1.71
C LYS K 89 -27.23 14.69 -1.81
N PRO K 90 -27.88 14.79 -2.99
CA PRO K 90 -29.17 14.10 -3.20
C PRO K 90 -29.17 12.67 -2.69
N GLU K 91 -28.14 11.89 -3.05
CA GLU K 91 -28.05 10.48 -2.68
C GLU K 91 -27.95 10.26 -1.17
N ASP K 92 -27.59 11.29 -0.39
CA ASP K 92 -27.59 11.14 1.07
C ASP K 92 -28.98 11.05 1.64
N THR K 93 -30.02 11.20 0.81
CA THR K 93 -31.39 11.16 1.29
C THR K 93 -31.70 9.77 1.79
N ALA K 94 -32.02 9.66 3.08
CA ALA K 94 -32.35 8.37 3.67
C ALA K 94 -32.84 8.63 5.07
N VAL K 95 -33.06 7.56 5.81
CA VAL K 95 -33.37 7.63 7.23
C VAL K 95 -32.16 7.13 7.98
N TYR K 96 -31.62 7.97 8.86
CA TYR K 96 -30.38 7.66 9.55
C TYR K 96 -30.68 7.16 10.96
N TYR K 97 -30.39 5.89 11.17
CA TYR K 97 -30.45 5.26 12.48
C TYR K 97 -29.04 5.17 13.05
N CYS K 98 -28.95 5.06 14.36
CA CYS K 98 -27.67 4.86 14.99
C CYS K 98 -27.82 3.70 15.97
N ASN K 99 -27.00 2.67 15.78
CA ASN K 99 -27.07 1.40 16.47
C ASN K 99 -25.64 1.02 16.84
N VAL K 100 -25.48 -0.14 17.51
CA VAL K 100 -24.13 -0.61 17.83
C VAL K 100 -23.65 -1.38 16.60
N TYR K 101 -22.38 -1.76 16.59
CA TYR K 101 -21.83 -2.50 15.46
C TYR K 101 -20.74 -3.44 15.94
N GLY K 102 -20.41 -4.41 15.08
CA GLY K 102 -19.48 -5.48 15.40
C GLY K 102 -20.02 -6.56 16.32
N THR K 103 -21.32 -6.56 16.62
CA THR K 103 -21.90 -7.55 17.52
C THR K 103 -23.37 -7.73 17.14
N ASN K 104 -24.19 -8.20 18.09
CA ASN K 104 -25.61 -8.37 17.86
C ASN K 104 -26.31 -7.02 17.97
N LEU K 105 -26.88 -6.55 16.84
CA LEU K 105 -27.50 -5.22 16.81
C LEU K 105 -28.55 -5.03 17.90
N ALA K 106 -28.93 -3.84 18.16
CA ALA K 106 -29.98 -3.59 19.14
C ALA K 106 -31.31 -3.45 18.41
N PRO K 107 -32.46 -3.54 19.10
CA PRO K 107 -33.71 -3.29 18.37
C PRO K 107 -33.71 -1.84 17.94
N TRP K 108 -33.85 -1.61 16.64
CA TRP K 108 -33.64 -0.27 16.11
C TRP K 108 -34.46 0.76 16.87
N GLY K 109 -33.99 2.01 16.87
CA GLY K 109 -34.74 3.13 17.40
C GLY K 109 -35.55 3.77 16.30
N GLN K 110 -36.08 4.95 16.60
CA GLN K 110 -36.94 5.59 15.60
C GLN K 110 -36.18 6.03 14.37
N GLY K 111 -34.95 6.47 14.52
CA GLY K 111 -34.21 6.98 13.38
C GLY K 111 -34.48 8.45 13.19
N THR K 112 -34.06 8.97 12.04
CA THR K 112 -34.31 10.38 11.77
C THR K 112 -34.17 10.62 10.28
N GLN K 113 -34.92 11.58 9.77
CA GLN K 113 -35.07 11.72 8.33
C GLN K 113 -34.21 12.84 7.79
N VAL K 114 -33.54 12.57 6.68
CA VAL K 114 -32.67 13.55 6.03
C VAL K 114 -33.08 13.59 4.57
N THR K 115 -33.62 14.72 4.13
CA THR K 115 -33.96 14.93 2.74
C THR K 115 -33.13 16.06 2.16
N VAL K 116 -32.51 15.81 1.03
CA VAL K 116 -31.60 16.74 0.42
C VAL K 116 -32.11 17.02 -0.99
N SER K 117 -32.78 18.17 -1.17
CA SER K 117 -33.04 18.68 -2.51
C SER K 117 -33.67 20.06 -2.39
N SER K 118 -33.18 21.02 -3.20
CA SER K 118 -33.67 22.41 -3.17
C SER K 118 -34.69 22.68 -4.28
N SER L 1 7.90 13.87 29.55
CA SER L 1 8.11 12.53 28.99
C SER L 1 7.85 11.46 30.03
N GLN L 2 7.79 11.85 31.29
CA GLN L 2 7.36 10.97 32.35
C GLN L 2 6.13 11.54 33.02
N VAL L 3 5.23 10.65 33.42
CA VAL L 3 3.95 11.04 34.01
C VAL L 3 4.21 11.68 35.37
N GLN L 4 3.92 12.97 35.48
CA GLN L 4 4.04 13.69 36.74
C GLN L 4 2.65 13.91 37.32
N LEU L 5 2.49 13.58 38.59
CA LEU L 5 1.27 13.84 39.31
C LEU L 5 1.44 15.05 40.23
N GLN L 6 0.32 15.59 40.69
CA GLN L 6 0.34 16.84 41.45
C GLN L 6 -1.02 16.96 42.13
N GLU L 7 -1.03 16.87 43.46
CA GLU L 7 -2.28 16.83 44.19
C GLU L 7 -2.53 18.16 44.89
N SER L 8 -3.78 18.35 45.30
CA SER L 8 -4.29 19.63 45.77
C SER L 8 -5.67 19.41 46.36
N GLY L 9 -6.09 20.33 47.22
CA GLY L 9 -7.37 20.23 47.89
C GLY L 9 -7.27 19.94 49.37
N GLY L 10 -6.09 19.56 49.86
CA GLY L 10 -5.94 19.24 51.26
C GLY L 10 -5.74 20.48 52.11
N GLY L 11 -6.40 20.48 53.25
CA GLY L 11 -6.26 21.54 54.22
C GLY L 11 -6.66 21.06 55.60
N SER L 12 -7.09 21.99 56.45
CA SER L 12 -7.56 21.69 57.80
C SER L 12 -9.08 21.84 57.85
N VAL L 13 -9.76 20.75 58.21
CA VAL L 13 -11.22 20.73 58.25
C VAL L 13 -11.63 20.00 59.53
N GLN L 14 -12.75 20.43 60.11
CA GLN L 14 -13.27 19.76 61.29
C GLN L 14 -13.99 18.48 60.90
N ALA L 15 -14.08 17.57 61.87
CA ALA L 15 -14.81 16.32 61.66
C ALA L 15 -16.20 16.58 61.10
N GLY L 16 -16.67 15.68 60.27
CA GLY L 16 -17.95 15.89 59.61
C GLY L 16 -17.96 17.09 58.68
N GLY L 17 -16.83 17.34 58.01
CA GLY L 17 -16.78 18.26 56.90
C GLY L 17 -16.66 17.50 55.59
N SER L 18 -16.65 18.27 54.51
CA SER L 18 -16.28 17.72 53.21
C SER L 18 -14.96 18.34 52.78
N LEU L 19 -14.38 17.75 51.74
CA LEU L 19 -13.07 18.15 51.22
C LEU L 19 -12.78 17.33 49.97
N ARG L 20 -12.71 17.98 48.81
CA ARG L 20 -12.50 17.30 47.52
C ARG L 20 -11.01 17.36 47.18
N LEU L 21 -10.28 16.28 47.44
CA LEU L 21 -8.93 16.32 46.91
C LEU L 21 -9.00 16.10 45.41
N ALA L 22 -7.93 16.48 44.74
CA ALA L 22 -7.87 16.28 43.31
C ALA L 22 -6.42 16.25 42.89
N CYS L 23 -6.11 15.38 41.95
CA CYS L 23 -4.77 15.31 41.40
C CYS L 23 -4.89 15.43 39.90
N VAL L 24 -3.87 16.01 39.26
CA VAL L 24 -3.88 16.27 37.83
C VAL L 24 -2.52 15.84 37.27
N ALA L 25 -2.54 15.11 36.15
CA ALA L 25 -1.33 14.57 35.56
C ALA L 25 -0.88 15.42 34.38
N SER L 26 0.44 15.49 34.20
CA SER L 26 1.05 16.10 33.03
C SER L 26 2.12 15.21 32.43
N GLY L 27 2.41 15.43 31.15
CA GLY L 27 3.38 14.72 30.36
C GLY L 27 3.06 13.22 30.34
N GLY L 28 4.09 12.43 30.07
CA GLY L 28 3.92 11.00 30.03
C GLY L 28 3.28 10.55 28.73
N ASP L 29 2.84 9.30 28.70
CA ASP L 29 2.32 8.72 27.46
C ASP L 29 0.84 9.00 27.32
N THR L 30 0.49 9.64 26.21
CA THR L 30 -0.81 10.25 26.02
C THR L 30 -1.74 9.41 25.17
N ARG L 31 -1.30 8.20 24.73
CA ARG L 31 -2.07 7.41 23.77
C ARG L 31 -3.26 6.74 24.48
N PRO L 32 -4.45 6.75 23.86
CA PRO L 32 -5.67 6.36 24.60
C PRO L 32 -5.68 4.92 25.09
N TYR L 33 -4.78 4.07 24.62
CA TYR L 33 -4.79 2.67 24.95
C TYR L 33 -3.82 2.30 26.03
N ILE L 34 -3.18 3.29 26.65
CA ILE L 34 -2.26 3.08 27.75
C ILE L 34 -3.08 3.34 29.01
N THR L 35 -3.69 2.28 29.52
CA THR L 35 -4.57 2.46 30.68
C THR L 35 -3.81 2.30 31.98
N TYR L 36 -4.36 2.90 33.04
CA TYR L 36 -3.72 2.99 34.35
C TYR L 36 -4.74 2.68 35.43
N TRP L 37 -4.24 2.24 36.60
CA TRP L 37 -5.03 2.15 37.82
C TRP L 37 -4.60 3.28 38.74
N MET L 38 -5.48 4.28 38.92
CA MET L 38 -5.19 5.50 39.66
C MET L 38 -5.73 5.39 41.08
N GLY L 39 -4.94 5.78 42.06
CA GLY L 39 -5.25 5.47 43.45
C GLY L 39 -4.86 6.61 44.37
N TRP L 40 -5.73 6.82 45.37
CA TRP L 40 -5.51 7.77 46.45
C TRP L 40 -5.00 7.01 47.67
N TYR L 41 -3.86 7.43 48.19
CA TYR L 41 -3.17 6.71 49.24
C TYR L 41 -3.11 7.54 50.51
N ARG L 42 -2.50 6.98 51.55
CA ARG L 42 -2.56 7.55 52.89
C ARG L 42 -1.35 7.08 53.68
N GLN L 43 -0.64 8.01 54.31
CA GLN L 43 0.51 7.70 55.16
C GLN L 43 0.35 8.53 56.44
N ALA L 44 -0.28 7.94 57.46
CA ALA L 44 -0.50 8.60 58.74
C ALA L 44 0.83 8.74 59.49
N PRO L 45 0.88 9.61 60.52
CA PRO L 45 2.11 9.70 61.33
C PRO L 45 2.45 8.41 62.07
N GLY L 46 3.37 7.62 61.54
CA GLY L 46 3.77 6.38 62.18
C GLY L 46 3.18 5.12 61.59
N LYS L 47 2.62 5.17 60.39
CA LYS L 47 2.11 4.01 59.69
C LYS L 47 2.77 3.96 58.32
N GLU L 48 2.58 2.87 57.58
CA GLU L 48 3.12 2.81 56.22
C GLU L 48 2.18 3.48 55.25
N ARG L 49 2.20 3.08 53.98
CA ARG L 49 1.28 3.61 52.97
C ARG L 49 0.01 2.79 52.95
N GLU L 50 -1.15 3.46 53.05
CA GLU L 50 -2.39 2.72 53.19
C GLU L 50 -3.05 2.53 51.82
N GLY L 51 -4.07 3.33 51.51
CA GLY L 51 -4.72 3.21 50.23
C GLY L 51 -6.22 3.11 50.38
N VAL L 52 -6.94 4.07 49.82
CA VAL L 52 -8.35 4.23 50.08
C VAL L 52 -9.22 3.92 48.87
N ALA L 53 -8.75 4.25 47.68
CA ALA L 53 -9.64 4.19 46.53
C ALA L 53 -8.82 4.22 45.26
N THR L 54 -9.33 3.53 44.25
CA THR L 54 -8.66 3.46 42.96
C THR L 54 -9.70 3.45 41.85
N ILE L 55 -9.27 3.89 40.66
CA ILE L 55 -10.15 3.99 39.50
C ILE L 55 -9.38 3.59 38.23
N TYR L 56 -10.06 2.90 37.32
CA TYR L 56 -9.46 2.40 36.10
C TYR L 56 -9.72 3.37 34.96
N THR L 57 -8.63 3.87 34.37
CA THR L 57 -8.74 4.99 33.46
C THR L 57 -9.13 4.61 32.05
N GLY L 58 -9.18 3.33 31.72
CA GLY L 58 -9.64 2.87 30.42
C GLY L 58 -11.07 2.40 30.45
N GLY L 59 -11.77 2.70 31.54
CA GLY L 59 -13.16 2.37 31.77
C GLY L 59 -13.69 3.20 32.92
N SER L 60 -14.50 2.61 33.79
CA SER L 60 -15.14 3.33 34.88
C SER L 60 -14.93 2.68 36.24
N GLY L 61 -14.19 1.59 36.29
CA GLY L 61 -14.17 0.78 37.49
C GLY L 61 -13.59 1.51 38.69
N THR L 62 -14.26 1.37 39.83
CA THR L 62 -13.82 2.00 41.08
C THR L 62 -13.76 0.95 42.18
N TYR L 63 -12.68 0.96 42.94
CA TYR L 63 -12.55 0.07 44.07
C TYR L 63 -12.11 0.90 45.27
N TYR L 64 -12.69 0.63 46.43
CA TYR L 64 -12.37 1.39 47.63
C TYR L 64 -11.90 0.47 48.75
N SER L 65 -11.07 1.00 49.64
CA SER L 65 -10.79 0.27 50.87
C SER L 65 -12.04 0.29 51.75
N ASP L 66 -12.07 -0.59 52.74
CA ASP L 66 -13.16 -0.59 53.70
C ASP L 66 -12.78 0.05 55.03
N SER L 67 -11.56 0.58 55.13
CA SER L 67 -11.29 1.64 56.09
C SER L 67 -12.11 2.88 55.77
N VAL L 68 -12.74 2.90 54.60
CA VAL L 68 -13.73 3.91 54.21
C VAL L 68 -14.94 3.21 53.62
N GLU L 69 -16.13 3.66 54.00
CA GLU L 69 -17.37 3.12 53.45
C GLU L 69 -17.95 4.18 52.50
N GLY L 70 -19.26 4.42 52.49
CA GLY L 70 -19.84 5.43 51.62
C GLY L 70 -19.43 6.85 51.98
N ARG L 71 -18.26 7.02 52.60
CA ARG L 71 -17.76 8.35 52.94
C ARG L 71 -17.04 8.99 51.74
N PHE L 72 -16.16 8.23 51.07
CA PHE L 72 -15.34 8.74 49.98
C PHE L 72 -15.86 8.26 48.63
N THR L 73 -15.66 9.08 47.59
CA THR L 73 -16.03 8.75 46.22
C THR L 73 -14.90 9.20 45.30
N ILE L 74 -14.52 8.35 44.35
CA ILE L 74 -13.45 8.66 43.40
C ILE L 74 -14.05 8.68 42.00
N SER L 75 -13.54 9.60 41.17
CA SER L 75 -14.06 9.87 39.84
C SER L 75 -12.91 10.37 38.98
N GLN L 76 -13.20 10.63 37.71
CA GLN L 76 -12.16 11.14 36.85
C GLN L 76 -12.74 11.98 35.72
N ASP L 77 -12.08 13.10 35.47
CA ASP L 77 -12.22 13.91 34.27
C ASP L 77 -11.12 13.46 33.32
N LYS L 78 -11.39 12.37 32.59
CA LYS L 78 -10.45 11.86 31.60
C LYS L 78 -9.92 12.99 30.73
N ALA L 79 -10.80 13.93 30.36
CA ALA L 79 -10.44 14.93 29.37
C ALA L 79 -9.46 15.94 29.93
N GLN L 80 -9.46 16.16 31.25
CA GLN L 80 -8.49 17.05 31.87
C GLN L 80 -7.51 16.28 32.74
N ARG L 81 -7.40 14.98 32.52
CA ARG L 81 -6.50 14.08 33.21
C ARG L 81 -6.44 14.40 34.69
N THR L 82 -7.62 14.38 35.30
CA THR L 82 -7.78 14.70 36.71
C THR L 82 -8.57 13.60 37.41
N VAL L 83 -8.15 13.25 38.63
CA VAL L 83 -8.89 12.34 39.48
C VAL L 83 -9.32 13.09 40.74
N TYR L 84 -10.61 13.03 41.03
CA TYR L 84 -11.22 13.73 42.15
C TYR L 84 -11.45 12.72 43.27
N LEU L 85 -11.25 13.14 44.51
CA LEU L 85 -11.60 12.31 45.66
C LEU L 85 -12.47 13.12 46.61
N GLN L 86 -13.76 12.83 46.59
CA GLN L 86 -14.70 13.39 47.54
C GLN L 86 -14.50 12.76 48.91
N MET L 87 -14.30 13.60 49.93
CA MET L 87 -14.11 13.19 51.33
C MET L 87 -15.12 13.92 52.21
N ASN L 88 -16.34 13.41 52.31
CA ASN L 88 -17.32 13.92 53.26
C ASN L 88 -17.53 12.91 54.39
N ASP L 89 -17.95 13.41 55.55
CA ASP L 89 -18.09 12.61 56.78
C ASP L 89 -16.74 12.10 57.26
N LEU L 90 -15.88 13.04 57.65
CA LEU L 90 -14.50 12.75 58.01
C LEU L 90 -14.37 12.45 59.49
N LYS L 91 -13.60 11.45 59.79
CA LYS L 91 -13.20 11.10 61.13
C LYS L 91 -11.90 11.80 61.47
N PRO L 92 -11.54 11.91 62.75
CA PRO L 92 -10.24 12.51 63.09
C PRO L 92 -9.05 11.62 62.82
N GLU L 93 -9.25 10.34 62.50
CA GLU L 93 -8.13 9.44 62.23
C GLU L 93 -7.65 9.47 60.78
N ASP L 94 -8.45 9.99 59.84
CA ASP L 94 -7.97 10.17 58.48
C ASP L 94 -6.78 11.12 58.38
N THR L 95 -6.45 11.82 59.47
CA THR L 95 -5.34 12.76 59.54
C THR L 95 -4.04 12.20 58.98
N ALA L 96 -3.74 12.51 57.72
CA ALA L 96 -2.55 11.96 57.10
C ALA L 96 -2.26 12.70 55.81
N MET L 97 -1.00 12.63 55.39
CA MET L 97 -0.65 13.01 54.03
C MET L 97 -1.34 12.08 53.05
N TYR L 98 -2.10 12.65 52.11
CA TYR L 98 -2.80 11.93 51.06
C TYR L 98 -2.03 12.08 49.76
N TYR L 99 -1.68 10.96 49.15
CA TYR L 99 -0.97 10.98 47.88
C TYR L 99 -1.84 10.36 46.81
N CYS L 100 -1.51 10.69 45.58
CA CYS L 100 -2.09 10.05 44.42
C CYS L 100 -0.96 9.35 43.68
N ALA L 101 -1.28 8.22 43.06
CA ALA L 101 -0.27 7.47 42.32
C ALA L 101 -0.93 6.67 41.21
N ALA L 102 -0.14 6.35 40.19
CA ALA L 102 -0.57 5.54 39.06
C ALA L 102 0.20 4.23 39.02
N GLY L 103 -0.51 3.14 38.73
CA GLY L 103 0.10 1.84 38.50
C GLY L 103 -0.30 1.29 37.14
N ASN L 104 0.23 0.10 36.85
CA ASN L 104 0.02 -0.50 35.55
C ASN L 104 -1.45 -0.82 35.28
N GLY L 105 -1.87 -0.64 34.01
CA GLY L 105 -3.27 -0.77 33.68
C GLY L 105 -3.84 -2.16 33.83
N ALA L 106 -3.02 -3.19 33.66
CA ALA L 106 -3.52 -4.55 33.70
C ALA L 106 -3.40 -5.19 35.08
N LEU L 107 -3.16 -4.40 36.13
CA LEU L 107 -3.04 -4.92 37.47
C LEU L 107 -4.23 -5.81 37.79
N PRO L 108 -4.03 -6.97 38.42
CA PRO L 108 -5.12 -7.90 38.63
C PRO L 108 -5.77 -7.63 39.98
N PRO L 109 -6.96 -8.18 40.22
CA PRO L 109 -7.73 -7.76 41.40
C PRO L 109 -6.98 -8.02 42.69
N GLY L 110 -7.10 -7.08 43.64
CA GLY L 110 -6.38 -7.18 44.88
C GLY L 110 -5.11 -6.36 44.85
N ARG L 111 -4.24 -6.67 43.88
CA ARG L 111 -2.99 -5.94 43.65
C ARG L 111 -3.19 -4.50 43.16
N ARG L 112 -4.43 -4.02 43.01
CA ARG L 112 -4.73 -2.69 42.47
C ARG L 112 -4.62 -1.58 43.52
N LEU L 113 -4.79 -1.90 44.80
CA LEU L 113 -4.67 -0.94 45.88
C LEU L 113 -3.43 -1.18 46.74
N SER L 114 -2.44 -1.88 46.20
CA SER L 114 -1.20 -2.13 46.92
C SER L 114 -0.18 -1.06 46.57
N PRO L 115 0.33 -0.32 47.55
CA PRO L 115 1.40 0.65 47.25
C PRO L 115 2.66 0.03 46.67
N GLN L 116 2.92 -1.26 46.93
CA GLN L 116 4.09 -1.90 46.37
C GLN L 116 4.04 -1.91 44.85
N ASN L 117 2.84 -2.13 44.30
CA ASN L 117 2.64 -2.23 42.86
C ASN L 117 2.29 -0.89 42.22
N MET L 118 2.81 0.21 42.73
CA MET L 118 2.41 1.53 42.26
C MET L 118 3.63 2.20 41.64
N ASP L 119 3.44 2.77 40.44
CA ASP L 119 4.57 3.09 39.57
C ASP L 119 5.14 4.47 39.88
N THR L 120 4.40 5.53 39.59
CA THR L 120 4.82 6.90 39.87
C THR L 120 3.88 7.53 40.89
N TRP L 121 4.45 8.39 41.75
CA TRP L 121 3.80 8.93 42.94
C TRP L 121 3.68 10.45 42.86
N GLY L 122 2.93 11.02 43.80
CA GLY L 122 2.70 12.45 43.82
C GLY L 122 3.13 13.10 45.13
N PRO L 123 3.60 14.36 45.04
CA PRO L 123 4.15 15.05 46.23
C PRO L 123 3.30 14.92 47.47
N GLY L 124 2.00 15.03 47.33
CA GLY L 124 1.07 14.83 48.43
C GLY L 124 0.36 16.11 48.81
N THR L 125 -0.55 15.96 49.77
CA THR L 125 -1.35 17.06 50.27
C THR L 125 -1.97 16.63 51.61
N GLN L 126 -1.76 17.44 52.65
CA GLN L 126 -2.18 17.02 53.99
C GLN L 126 -3.63 17.32 54.26
N VAL L 127 -4.31 16.36 54.85
CA VAL L 127 -5.71 16.49 55.21
C VAL L 127 -5.78 16.18 56.70
N THR L 128 -5.68 17.22 57.53
CA THR L 128 -5.67 17.07 58.98
C THR L 128 -7.08 17.32 59.51
N VAL L 129 -7.73 16.26 59.98
CA VAL L 129 -9.09 16.32 60.52
C VAL L 129 -8.99 16.44 62.03
N SER L 130 -9.71 17.40 62.60
CA SER L 130 -9.76 17.61 64.04
C SER L 130 -11.13 17.21 64.59
N SER L 131 -11.14 16.98 65.90
CA SER L 131 -12.37 16.57 66.59
C SER L 131 -12.87 17.67 67.54
N ALA M 1 -5.16 -33.01 0.90
CA ALA M 1 -6.31 -33.70 0.30
C ALA M 1 -6.22 -35.26 0.46
N THR M 2 -6.80 -35.77 1.55
CA THR M 2 -6.69 -37.20 1.87
C THR M 2 -7.70 -38.02 1.08
N LYS M 3 -7.22 -39.03 0.37
CA LYS M 3 -8.08 -39.91 -0.42
C LYS M 3 -7.99 -41.35 0.12
N ALA M 4 -9.06 -42.13 -0.09
CA ALA M 4 -9.16 -43.54 0.33
C ALA M 4 -10.04 -44.33 -0.64
N VAL M 5 -9.90 -45.66 -0.60
CA VAL M 5 -10.56 -46.54 -1.55
C VAL M 5 -10.92 -47.84 -0.82
N CYS M 6 -11.95 -48.53 -1.31
CA CYS M 6 -12.41 -49.76 -0.67
C CYS M 6 -13.08 -50.69 -1.66
N VAL M 7 -12.69 -51.97 -1.64
CA VAL M 7 -13.20 -53.00 -2.57
C VAL M 7 -14.15 -53.93 -1.81
N LEU M 8 -15.42 -53.92 -2.21
CA LEU M 8 -16.47 -54.72 -1.56
C LEU M 8 -16.64 -56.06 -2.28
N LYS M 9 -16.45 -57.16 -1.54
CA LYS M 9 -16.59 -58.53 -2.03
C LYS M 9 -17.19 -59.42 -0.94
N GLY M 10 -18.07 -60.34 -1.35
CA GLY M 10 -18.73 -61.21 -0.40
C GLY M 10 -18.93 -62.61 -0.94
N ASP M 11 -19.58 -63.44 -0.12
CA ASP M 11 -19.90 -64.81 -0.50
C ASP M 11 -20.97 -64.89 -1.58
N GLY M 12 -21.81 -63.88 -1.76
CA GLY M 12 -22.74 -63.85 -2.87
C GLY M 12 -22.10 -63.16 -4.06
N PRO M 13 -22.91 -62.72 -5.02
CA PRO M 13 -22.37 -61.97 -6.17
C PRO M 13 -22.18 -60.50 -5.93
N VAL M 14 -22.38 -60.01 -4.70
CA VAL M 14 -22.27 -58.57 -4.43
C VAL M 14 -20.81 -58.15 -4.57
N GLN M 15 -20.58 -57.05 -5.28
CA GLN M 15 -19.24 -56.49 -5.31
C GLN M 15 -19.25 -55.07 -5.83
N GLY M 16 -18.29 -54.27 -5.37
CA GLY M 16 -18.19 -52.90 -5.83
C GLY M 16 -16.94 -52.24 -5.28
N ILE M 17 -16.63 -51.07 -5.84
CA ILE M 17 -15.52 -50.22 -5.40
C ILE M 17 -16.11 -48.92 -4.89
N ILE M 18 -15.66 -48.48 -3.72
CA ILE M 18 -16.13 -47.24 -3.11
C ILE M 18 -14.93 -46.34 -2.85
N ASN M 19 -15.12 -45.04 -3.06
CA ASN M 19 -14.06 -44.05 -2.86
C ASN M 19 -14.42 -43.06 -1.76
N PHE M 20 -13.41 -42.65 -0.98
CA PHE M 20 -13.48 -41.64 0.07
C PHE M 20 -12.49 -40.54 -0.24
N GLU M 21 -12.90 -39.28 0.00
CA GLU M 21 -12.06 -38.13 -0.31
C GLU M 21 -12.38 -36.97 0.63
N GLN M 22 -11.37 -36.45 1.34
CA GLN M 22 -11.65 -35.50 2.41
C GLN M 22 -11.19 -34.07 2.15
N LYS M 23 -10.49 -33.77 1.06
CA LYS M 23 -9.97 -32.42 0.83
C LYS M 23 -9.29 -31.90 2.09
N GLU M 24 -9.93 -30.97 2.82
CA GLU M 24 -9.34 -30.52 4.08
C GLU M 24 -9.86 -31.32 5.26
N SER M 25 -8.99 -31.50 6.28
CA SER M 25 -9.34 -32.21 7.52
C SER M 25 -10.46 -31.46 8.18
N ASN M 26 -11.03 -31.95 9.28
CA ASN M 26 -12.12 -31.25 9.99
C ASN M 26 -13.24 -30.79 9.04
N GLY M 27 -13.24 -31.31 7.81
CA GLY M 27 -14.24 -31.01 6.83
C GLY M 27 -15.05 -32.25 6.51
N PRO M 28 -15.75 -32.23 5.39
CA PRO M 28 -16.65 -33.35 5.09
C PRO M 28 -16.01 -34.33 4.12
N VAL M 29 -16.46 -35.58 4.16
CA VAL M 29 -15.96 -36.65 3.31
C VAL M 29 -16.94 -36.92 2.17
N LYS M 30 -16.50 -36.75 0.93
CA LYS M 30 -17.28 -37.31 -0.17
C LYS M 30 -17.06 -38.82 -0.21
N VAL M 31 -18.11 -39.56 -0.53
CA VAL M 31 -18.11 -41.03 -0.52
C VAL M 31 -18.87 -41.55 -1.73
N TRP M 32 -18.15 -41.96 -2.76
CA TRP M 32 -18.81 -42.34 -4.00
C TRP M 32 -18.22 -43.62 -4.57
N GLY M 33 -18.97 -44.22 -5.50
CA GLY M 33 -18.59 -45.50 -6.08
C GLY M 33 -19.83 -46.21 -6.58
N SER M 34 -19.68 -47.50 -6.86
CA SER M 34 -20.88 -48.28 -7.16
C SER M 34 -20.71 -49.75 -6.76
N ILE M 35 -21.82 -50.34 -6.32
CA ILE M 35 -21.95 -51.73 -5.95
C ILE M 35 -22.90 -52.38 -6.95
N LYS M 36 -22.66 -53.65 -7.27
CA LYS M 36 -23.48 -54.36 -8.25
C LYS M 36 -23.91 -55.70 -7.68
N GLY M 37 -24.93 -56.29 -8.30
CA GLY M 37 -25.47 -57.56 -7.88
C GLY M 37 -26.34 -57.55 -6.63
N LEU M 38 -26.80 -56.38 -6.20
CA LEU M 38 -27.77 -56.32 -5.10
C LEU M 38 -29.17 -56.59 -5.63
N THR M 39 -30.03 -57.13 -4.76
CA THR M 39 -31.48 -57.08 -4.96
C THR M 39 -31.96 -55.64 -5.02
N GLU M 40 -32.86 -55.33 -5.99
CA GLU M 40 -33.45 -54.00 -6.12
C GLU M 40 -33.82 -53.40 -4.78
N GLY M 41 -33.67 -52.08 -4.64
CA GLY M 41 -34.10 -51.36 -3.45
C GLY M 41 -32.99 -50.89 -2.51
N LEU M 42 -33.45 -50.49 -1.31
CA LEU M 42 -32.62 -49.87 -0.29
C LEU M 42 -31.85 -50.91 0.52
N HIS M 43 -30.52 -50.75 0.60
CA HIS M 43 -29.64 -51.58 1.41
C HIS M 43 -28.85 -50.78 2.45
N GLY M 44 -28.79 -51.30 3.67
CA GLY M 44 -28.03 -50.63 4.73
C GLY M 44 -26.54 -50.62 4.45
N PHE M 45 -25.91 -49.49 4.76
CA PHE M 45 -24.56 -49.17 4.30
C PHE M 45 -23.81 -48.58 5.49
N HIS M 46 -22.87 -49.33 6.06
CA HIS M 46 -22.26 -48.90 7.32
C HIS M 46 -20.76 -49.14 7.34
N VAL M 47 -20.09 -48.34 8.17
CA VAL M 47 -18.69 -48.51 8.50
C VAL M 47 -18.62 -49.25 9.81
N HIS M 48 -18.11 -50.49 9.78
CA HIS M 48 -17.93 -51.25 11.00
C HIS M 48 -16.54 -51.02 11.60
N GLU M 49 -16.35 -51.54 12.81
CA GLU M 49 -15.28 -51.04 13.68
C GLU M 49 -13.91 -51.53 13.23
N PHE M 50 -13.75 -52.85 13.04
CA PHE M 50 -12.46 -53.48 12.77
C PHE M 50 -12.28 -53.80 11.30
N GLY M 51 -11.02 -53.85 10.86
CA GLY M 51 -10.67 -54.30 9.52
C GLY M 51 -10.29 -55.76 9.54
N ASP M 52 -10.91 -56.51 10.44
CA ASP M 52 -10.62 -57.92 10.62
C ASP M 52 -11.49 -58.69 9.65
N ASN M 53 -10.90 -59.12 8.54
CA ASN M 53 -11.61 -59.92 7.55
C ASN M 53 -11.20 -61.41 7.65
N THR M 54 -10.66 -61.80 8.79
CA THR M 54 -10.25 -63.18 8.97
C THR M 54 -11.42 -64.14 8.85
N ALA M 55 -12.63 -63.69 9.16
CA ALA M 55 -13.81 -64.55 9.20
C ALA M 55 -14.90 -63.97 8.31
N GLY M 56 -14.52 -63.48 7.14
CA GLY M 56 -15.43 -62.72 6.33
C GLY M 56 -15.97 -61.49 7.06
N CYS M 57 -17.11 -61.00 6.58
CA CYS M 57 -17.67 -59.78 7.15
C CYS M 57 -18.11 -59.93 8.60
N THR M 58 -18.15 -61.16 9.14
CA THR M 58 -18.58 -61.36 10.52
C THR M 58 -17.59 -60.77 11.52
N SER M 59 -16.32 -60.82 11.20
CA SER M 59 -15.29 -60.40 12.13
C SER M 59 -15.03 -58.90 12.09
N ALA M 60 -15.78 -58.15 11.28
CA ALA M 60 -15.66 -56.69 11.29
C ALA M 60 -16.27 -56.06 12.52
N GLY M 61 -16.98 -56.84 13.35
CA GLY M 61 -17.57 -56.30 14.55
C GLY M 61 -18.81 -55.47 14.29
N PRO M 62 -19.14 -54.64 15.27
CA PRO M 62 -20.37 -53.85 15.23
C PRO M 62 -20.28 -52.59 14.36
N HIS M 63 -21.37 -51.85 14.32
CA HIS M 63 -21.32 -50.48 13.86
C HIS M 63 -20.19 -49.75 14.59
N PHE M 64 -19.35 -49.06 13.81
CA PHE M 64 -18.26 -48.25 14.36
C PHE M 64 -18.77 -47.17 15.32
N ASN M 65 -18.50 -47.30 16.61
CA ASN M 65 -19.12 -46.42 17.60
C ASN M 65 -18.20 -46.04 18.75
N PRO M 66 -17.23 -45.13 18.50
CA PRO M 66 -16.33 -44.72 19.56
C PRO M 66 -16.95 -43.75 20.54
N LEU M 67 -18.12 -43.19 20.21
CA LEU M 67 -18.78 -42.20 21.05
C LEU M 67 -19.98 -42.81 21.78
N SER M 68 -20.17 -44.12 21.64
CA SER M 68 -21.09 -44.90 22.48
C SER M 68 -22.54 -44.41 22.40
N ARG M 69 -22.97 -44.03 21.20
CA ARG M 69 -24.35 -43.62 20.95
C ARG M 69 -25.20 -44.79 20.46
N LYS M 70 -26.50 -44.52 20.30
CA LYS M 70 -27.42 -45.49 19.73
C LYS M 70 -27.48 -45.29 18.22
N HIS M 71 -27.99 -46.30 17.53
CA HIS M 71 -28.02 -46.27 16.07
C HIS M 71 -28.92 -45.12 15.58
N GLY M 72 -28.86 -44.86 14.28
CA GLY M 72 -29.59 -43.75 13.71
C GLY M 72 -29.24 -43.58 12.25
N GLY M 73 -29.98 -42.69 11.60
CA GLY M 73 -29.66 -42.31 10.25
C GLY M 73 -28.50 -41.36 10.25
N PRO M 74 -27.94 -41.10 9.07
CA PRO M 74 -26.81 -40.16 8.98
C PRO M 74 -27.17 -38.73 9.39
N LYS M 75 -28.36 -38.26 9.01
CA LYS M 75 -28.85 -36.94 9.42
C LYS M 75 -29.05 -36.86 10.92
N ASP M 76 -29.36 -37.99 11.58
CA ASP M 76 -29.64 -37.98 13.02
C ASP M 76 -28.41 -37.51 13.79
N GLU M 77 -28.64 -36.99 14.99
CA GLU M 77 -27.53 -36.60 15.84
C GLU M 77 -27.14 -37.71 16.80
N GLU M 78 -28.12 -38.47 17.26
CA GLU M 78 -27.87 -39.70 17.99
C GLU M 78 -27.68 -40.77 16.91
N ARG M 79 -26.41 -41.13 16.66
CA ARG M 79 -26.04 -42.02 15.56
C ARG M 79 -24.65 -42.60 15.84
N HIS M 80 -24.41 -43.85 15.39
CA HIS M 80 -23.04 -44.35 15.45
C HIS M 80 -22.19 -43.54 14.46
N VAL M 81 -20.87 -43.55 14.68
CA VAL M 81 -20.01 -42.81 13.77
C VAL M 81 -20.17 -43.34 12.36
N GLY M 82 -20.21 -44.65 12.19
CA GLY M 82 -20.28 -45.26 10.89
C GLY M 82 -21.67 -45.43 10.32
N ASP M 83 -22.71 -44.93 10.99
CA ASP M 83 -24.06 -45.22 10.53
C ASP M 83 -24.29 -44.28 9.34
N LEU M 84 -24.24 -44.79 8.10
CA LEU M 84 -24.41 -43.96 6.91
C LEU M 84 -25.71 -44.20 6.16
N GLY M 85 -26.67 -44.90 6.73
CA GLY M 85 -27.98 -44.97 6.09
C GLY M 85 -28.07 -46.07 5.05
N ASN M 86 -28.54 -45.71 3.85
CA ASN M 86 -29.06 -46.69 2.89
C ASN M 86 -28.68 -46.32 1.46
N VAL M 87 -28.14 -47.27 0.70
CA VAL M 87 -27.88 -47.06 -0.72
C VAL M 87 -29.03 -47.70 -1.48
N THR M 88 -29.19 -47.31 -2.75
CA THR M 88 -30.35 -47.74 -3.55
C THR M 88 -29.91 -48.48 -4.82
N ALA M 89 -30.26 -49.76 -4.93
CA ALA M 89 -30.02 -50.51 -6.15
C ALA M 89 -31.20 -50.39 -7.10
N ASP M 90 -30.91 -50.18 -8.39
CA ASP M 90 -31.97 -50.00 -9.37
C ASP M 90 -32.45 -51.36 -9.87
N LYS M 91 -33.18 -51.38 -10.97
CA LYS M 91 -33.70 -52.64 -11.47
C LYS M 91 -32.60 -53.54 -12.02
N ASP M 92 -31.34 -53.09 -12.03
CA ASP M 92 -30.22 -53.92 -12.49
C ASP M 92 -29.29 -54.31 -11.35
N GLY M 93 -29.65 -53.99 -10.12
CA GLY M 93 -28.79 -54.34 -9.02
C GLY M 93 -27.58 -53.47 -8.89
N VAL M 94 -27.60 -52.25 -9.43
CA VAL M 94 -26.45 -51.36 -9.40
C VAL M 94 -26.80 -50.19 -8.47
N ALA M 95 -26.17 -50.16 -7.31
CA ALA M 95 -26.30 -49.03 -6.41
C ALA M 95 -25.22 -48.01 -6.74
N ASP M 96 -25.59 -46.92 -7.40
CA ASP M 96 -24.68 -45.84 -7.75
C ASP M 96 -24.59 -44.88 -6.56
N VAL M 97 -23.57 -45.07 -5.69
CA VAL M 97 -23.48 -44.40 -4.39
C VAL M 97 -22.91 -43.00 -4.51
N SER M 98 -23.49 -42.03 -3.80
CA SER M 98 -22.89 -40.69 -3.67
C SER M 98 -23.35 -40.04 -2.37
N ILE M 99 -22.47 -40.06 -1.37
CA ILE M 99 -22.74 -39.65 -0.01
C ILE M 99 -21.78 -38.54 0.37
N GLU M 100 -22.27 -37.56 1.11
CA GLU M 100 -21.42 -36.60 1.77
C GLU M 100 -21.74 -36.69 3.26
N ASP M 101 -20.72 -36.90 4.08
CA ASP M 101 -20.93 -37.03 5.52
C ASP M 101 -19.88 -36.24 6.27
N SER M 102 -20.25 -35.77 7.46
CA SER M 102 -19.36 -34.98 8.28
C SER M 102 -19.13 -35.55 9.67
N VAL M 103 -19.49 -36.81 9.91
CA VAL M 103 -19.25 -37.40 11.23
C VAL M 103 -18.07 -38.37 11.11
N ILE M 104 -17.88 -39.00 9.89
CA ILE M 104 -16.76 -39.90 9.63
C ILE M 104 -15.55 -39.11 9.09
N SER M 105 -14.34 -39.48 9.53
CA SER M 105 -13.12 -38.88 9.02
C SER M 105 -12.12 -39.90 8.46
N LEU M 106 -11.14 -39.35 7.74
CA LEU M 106 -9.97 -40.10 7.27
C LEU M 106 -8.72 -39.70 8.03
N SER M 107 -8.84 -39.41 9.33
CA SER M 107 -7.79 -38.72 10.09
C SER M 107 -8.19 -38.42 11.54
N GLY M 108 -7.44 -38.94 12.49
CA GLY M 108 -7.57 -38.56 13.88
C GLY M 108 -8.25 -39.62 14.72
N ASP M 109 -9.36 -39.25 15.37
CA ASP M 109 -10.08 -40.16 16.27
C ASP M 109 -11.17 -40.90 15.49
N HIS M 110 -12.07 -40.15 14.87
CA HIS M 110 -13.11 -40.69 13.99
C HIS M 110 -12.53 -41.20 12.67
N CYS M 111 -11.28 -41.71 12.69
CA CYS M 111 -10.66 -42.26 11.49
C CYS M 111 -11.23 -43.64 11.18
N ILE M 112 -11.67 -43.81 9.93
CA ILE M 112 -12.24 -45.07 9.43
C ILE M 112 -11.26 -45.87 8.58
N ILE M 113 -10.08 -45.30 8.28
CA ILE M 113 -9.04 -45.96 7.49
C ILE M 113 -8.47 -47.13 8.30
N GLY M 114 -8.44 -48.31 7.69
CA GLY M 114 -8.12 -49.50 8.46
C GLY M 114 -9.31 -50.17 9.08
N ARG M 115 -10.54 -49.73 8.77
CA ARG M 115 -11.79 -50.33 9.23
C ARG M 115 -12.58 -50.88 8.03
N THR M 116 -13.83 -51.29 8.26
CA THR M 116 -14.60 -52.02 7.26
C THR M 116 -15.85 -51.30 6.77
N LEU M 117 -16.04 -51.30 5.46
CA LEU M 117 -17.26 -50.84 4.82
C LEU M 117 -18.13 -52.06 4.49
N VAL M 118 -19.36 -52.09 5.00
CA VAL M 118 -20.28 -53.20 4.75
C VAL M 118 -21.53 -52.70 4.04
N VAL M 119 -21.97 -53.44 3.04
CA VAL M 119 -23.29 -53.27 2.45
C VAL M 119 -24.15 -54.46 2.89
N HIS M 120 -25.34 -54.17 3.42
CA HIS M 120 -26.16 -55.15 4.13
C HIS M 120 -27.31 -55.63 3.23
N GLU M 121 -28.16 -56.51 3.80
CA GLU M 121 -29.07 -57.35 3.02
C GLU M 121 -30.43 -56.69 2.77
N LYS M 122 -31.05 -56.13 3.82
CA LYS M 122 -32.24 -55.30 3.73
C LYS M 122 -31.90 -53.84 4.00
N ALA M 123 -32.95 -53.05 4.21
CA ALA M 123 -32.79 -51.65 4.52
C ALA M 123 -32.65 -51.41 6.02
N ASP M 124 -31.72 -50.49 6.36
CA ASP M 124 -31.59 -49.85 7.66
C ASP M 124 -32.79 -48.95 7.93
N ASP M 125 -33.50 -49.21 9.05
CA ASP M 125 -34.70 -48.47 9.44
C ASP M 125 -34.39 -47.17 10.19
N LEU M 126 -33.10 -46.84 10.34
CA LEU M 126 -32.62 -45.58 10.91
C LEU M 126 -32.96 -45.43 12.39
N GLY M 127 -33.14 -46.56 13.10
CA GLY M 127 -33.46 -46.52 14.51
C GLY M 127 -34.94 -46.34 14.81
N LYS M 128 -35.75 -45.98 13.82
CA LYS M 128 -37.17 -45.69 14.00
C LYS M 128 -38.04 -46.95 13.96
N GLY M 129 -37.58 -48.07 14.51
CA GLY M 129 -38.29 -49.31 14.28
C GLY M 129 -39.04 -49.80 15.48
N GLY M 130 -38.65 -49.32 16.65
CA GLY M 130 -39.41 -49.60 17.83
C GLY M 130 -39.19 -50.96 18.44
N ASN M 131 -38.17 -51.70 18.01
CA ASN M 131 -37.68 -52.87 18.72
C ASN M 131 -36.26 -52.58 19.24
N GLU M 132 -35.75 -53.47 20.11
CA GLU M 132 -34.39 -53.29 20.60
C GLU M 132 -33.36 -53.34 19.48
N GLU M 133 -33.56 -54.22 18.48
CA GLU M 133 -32.54 -54.39 17.45
C GLU M 133 -32.41 -53.18 16.57
N SER M 134 -33.38 -52.28 16.57
CA SER M 134 -33.28 -51.14 15.66
C SER M 134 -32.24 -50.15 16.16
N THR M 135 -32.23 -49.91 17.48
CA THR M 135 -31.26 -49.01 18.11
C THR M 135 -29.83 -49.55 18.09
N LYS M 136 -29.63 -50.82 17.73
CA LYS M 136 -28.30 -51.40 17.61
C LYS M 136 -27.83 -51.46 16.15
N THR M 137 -28.58 -52.18 15.31
CA THR M 137 -28.19 -52.44 13.93
C THR M 137 -28.97 -51.69 12.86
N GLY M 138 -30.10 -51.07 13.21
CA GLY M 138 -31.04 -50.60 12.22
C GLY M 138 -31.71 -51.69 11.39
N ASN M 139 -31.79 -52.92 11.90
CA ASN M 139 -32.42 -54.08 11.27
C ASN M 139 -32.17 -54.14 9.75
N ALA M 140 -30.89 -53.99 9.36
CA ALA M 140 -30.50 -54.16 7.96
C ALA M 140 -30.22 -55.60 7.62
N GLY M 141 -30.15 -56.45 8.63
CA GLY M 141 -29.95 -57.83 8.37
C GLY M 141 -28.50 -58.14 8.04
N SER M 142 -28.34 -59.25 7.32
CA SER M 142 -27.03 -59.87 7.20
C SER M 142 -26.12 -59.06 6.29
N ARG M 143 -24.83 -59.44 6.30
CA ARG M 143 -23.78 -58.68 5.63
C ARG M 143 -23.52 -59.31 4.26
N LEU M 144 -23.96 -58.62 3.20
CA LEU M 144 -23.80 -59.09 1.83
C LEU M 144 -22.35 -59.06 1.35
N ALA M 145 -21.68 -57.91 1.45
CA ALA M 145 -20.28 -57.81 1.07
C ALA M 145 -19.60 -56.82 1.99
N CYS M 146 -18.27 -56.80 1.95
CA CYS M 146 -17.52 -55.82 2.74
C CYS M 146 -16.15 -55.66 2.15
N GLY M 147 -15.36 -54.80 2.80
CA GLY M 147 -14.02 -54.46 2.40
C GLY M 147 -13.27 -53.60 3.42
N VAL M 148 -11.96 -53.77 3.48
CA VAL M 148 -11.11 -52.94 4.34
C VAL M 148 -10.82 -51.65 3.60
N ILE M 149 -10.92 -50.53 4.30
CA ILE M 149 -10.74 -49.20 3.71
C ILE M 149 -9.25 -48.85 3.73
N GLY M 150 -8.68 -48.56 2.55
CA GLY M 150 -7.26 -48.34 2.42
C GLY M 150 -6.92 -46.99 1.78
N ILE M 151 -5.64 -46.63 1.86
CA ILE M 151 -5.15 -45.31 1.43
C ILE M 151 -4.93 -45.29 -0.08
N ALA M 152 -5.31 -44.19 -0.74
CA ALA M 152 -5.12 -44.09 -2.19
C ALA M 152 -4.16 -43.00 -2.63
N GLN M 153 -3.92 -42.02 -1.77
CA GLN M 153 -3.09 -40.86 -2.11
C GLN M 153 -2.75 -40.10 -0.82
N GLN N 4 -50.51 -41.11 -5.07
CA GLN N 4 -49.31 -41.94 -4.87
C GLN N 4 -49.33 -43.07 -3.81
N LEU N 5 -50.10 -42.92 -2.73
CA LEU N 5 -50.33 -44.03 -1.81
C LEU N 5 -51.80 -44.03 -1.40
N GLN N 6 -52.41 -45.22 -1.37
CA GLN N 6 -53.85 -45.34 -1.10
C GLN N 6 -54.06 -46.51 -0.12
N GLU N 7 -54.29 -46.19 1.15
CA GLU N 7 -54.64 -47.19 2.16
C GLU N 7 -56.12 -47.58 2.09
N SER N 8 -56.44 -48.76 2.61
CA SER N 8 -57.84 -49.17 2.67
C SER N 8 -57.97 -50.30 3.68
N GLY N 9 -59.21 -50.58 4.06
CA GLY N 9 -59.52 -51.83 4.72
C GLY N 9 -59.41 -51.85 6.22
N GLY N 10 -59.42 -50.69 6.88
CA GLY N 10 -59.62 -50.64 8.31
C GLY N 10 -61.11 -50.69 8.63
N GLY N 11 -61.41 -50.42 9.90
CA GLY N 11 -62.81 -50.36 10.29
C GLY N 11 -63.00 -50.43 11.79
N LEU N 12 -64.20 -50.87 12.16
CA LEU N 12 -64.67 -51.00 13.53
C LEU N 12 -64.73 -52.46 13.86
N VAL N 13 -64.14 -52.85 14.98
CA VAL N 13 -63.89 -54.25 15.26
C VAL N 13 -63.94 -54.45 16.77
N GLN N 14 -64.55 -55.54 17.18
CA GLN N 14 -64.54 -55.91 18.57
C GLN N 14 -63.11 -56.26 18.99
N PRO N 15 -62.69 -55.92 20.20
CA PRO N 15 -61.36 -56.35 20.66
C PRO N 15 -61.23 -57.85 20.48
N GLY N 16 -60.09 -58.27 19.92
CA GLY N 16 -59.83 -59.64 19.57
C GLY N 16 -59.95 -59.93 18.09
N GLY N 17 -60.85 -59.24 17.41
CA GLY N 17 -61.08 -59.50 16.00
C GLY N 17 -59.88 -59.11 15.16
N SER N 18 -60.00 -59.34 13.87
CA SER N 18 -58.89 -59.12 12.97
C SER N 18 -59.34 -58.31 11.77
N LEU N 19 -58.36 -57.62 11.16
CA LEU N 19 -58.53 -56.78 9.98
C LEU N 19 -57.35 -56.99 9.03
N ARG N 20 -57.50 -56.56 7.79
CA ARG N 20 -56.39 -56.63 6.84
C ARG N 20 -56.35 -55.31 6.07
N LEU N 21 -55.38 -54.47 6.41
CA LEU N 21 -55.14 -53.23 5.70
C LEU N 21 -54.37 -53.53 4.42
N SER N 22 -54.67 -52.78 3.38
CA SER N 22 -53.97 -52.90 2.12
C SER N 22 -53.52 -51.50 1.71
N CYS N 23 -52.54 -51.47 0.83
CA CYS N 23 -52.03 -50.20 0.35
C CYS N 23 -51.51 -50.41 -1.06
N ARG N 24 -51.93 -49.57 -1.97
CA ARG N 24 -51.37 -49.57 -3.31
C ARG N 24 -50.46 -48.36 -3.41
N ALA N 25 -49.19 -48.59 -3.73
CA ALA N 25 -48.22 -47.53 -3.84
C ALA N 25 -47.70 -47.44 -5.27
N SER N 26 -47.33 -46.24 -5.69
CA SER N 26 -46.87 -46.05 -7.06
C SER N 26 -45.60 -46.86 -7.28
N GLU N 27 -45.37 -47.22 -8.55
CA GLU N 27 -44.22 -48.07 -8.87
C GLU N 27 -42.92 -47.47 -8.31
N THR N 28 -42.70 -46.18 -8.57
CA THR N 28 -41.45 -45.54 -8.15
C THR N 28 -41.24 -45.63 -6.65
N LEU N 29 -42.31 -45.56 -5.84
CA LEU N 29 -42.12 -45.70 -4.41
C LEU N 29 -42.04 -47.14 -3.94
N PHE N 30 -42.74 -48.08 -4.62
CA PHE N 30 -42.77 -49.48 -4.18
C PHE N 30 -41.48 -50.22 -4.47
N SER N 31 -40.71 -49.78 -5.47
CA SER N 31 -39.53 -50.50 -5.94
C SER N 31 -38.26 -50.10 -5.19
N LEU N 32 -38.34 -49.17 -4.24
CA LEU N 32 -37.29 -49.00 -3.25
C LEU N 32 -37.30 -50.15 -2.26
N TYR N 33 -38.29 -51.00 -2.35
CA TYR N 33 -38.49 -52.21 -1.54
C TYR N 33 -38.08 -51.97 -0.09
N ALA N 34 -38.72 -50.95 0.47
CA ALA N 34 -38.64 -50.59 1.89
C ALA N 34 -39.96 -49.85 2.18
N MET N 35 -40.96 -50.60 2.63
CA MET N 35 -42.26 -50.05 2.96
C MET N 35 -42.59 -50.38 4.41
N GLY N 36 -43.33 -49.47 5.04
CA GLY N 36 -43.63 -49.60 6.44
C GLY N 36 -45.03 -49.12 6.72
N TRP N 37 -45.69 -49.76 7.67
CA TRP N 37 -46.98 -49.26 8.14
C TRP N 37 -46.71 -48.40 9.36
N TYR N 38 -47.19 -47.15 9.32
CA TYR N 38 -47.12 -46.24 10.45
C TYR N 38 -48.52 -46.06 11.03
N ARG N 39 -48.59 -45.96 12.35
CA ARG N 39 -49.86 -45.74 13.04
C ARG N 39 -49.80 -44.43 13.81
N GLN N 40 -50.94 -43.73 13.84
CA GLN N 40 -51.04 -42.42 14.47
C GLN N 40 -52.32 -42.36 15.33
N ALA N 41 -52.15 -42.48 16.64
CA ALA N 41 -53.21 -42.11 17.55
C ALA N 41 -53.33 -40.59 17.56
N PRO N 42 -54.48 -40.03 17.94
CA PRO N 42 -54.69 -38.58 17.79
C PRO N 42 -53.78 -37.74 18.69
N GLY N 43 -53.40 -36.57 18.17
CA GLY N 43 -52.47 -35.70 18.86
C GLY N 43 -51.02 -36.18 18.88
N LYS N 44 -50.77 -37.49 18.91
CA LYS N 44 -49.40 -38.00 18.93
C LYS N 44 -48.83 -38.14 17.51
N GLN N 45 -47.47 -38.35 17.47
CA GLN N 45 -46.65 -38.51 16.28
C GLN N 45 -46.83 -39.90 15.70
N PRO N 46 -46.97 -40.04 14.38
CA PRO N 46 -47.11 -41.37 13.79
C PRO N 46 -45.85 -42.19 14.08
N GLU N 47 -46.02 -43.49 14.23
CA GLU N 47 -44.89 -44.35 14.60
C GLU N 47 -44.78 -45.53 13.63
N LEU N 48 -43.52 -45.87 13.28
CA LEU N 48 -43.26 -47.01 12.40
C LEU N 48 -43.54 -48.29 13.16
N ILE N 49 -44.40 -49.12 12.60
CA ILE N 49 -44.98 -50.21 13.36
C ILE N 49 -44.58 -51.57 12.80
N ALA N 50 -44.20 -51.66 11.52
CA ALA N 50 -43.75 -52.87 10.85
C ALA N 50 -43.13 -52.49 9.52
N THR N 51 -42.08 -53.22 9.14
CA THR N 51 -41.35 -52.90 7.92
C THR N 51 -41.20 -54.15 7.05
N ILE N 52 -41.10 -53.93 5.75
CA ILE N 52 -40.85 -55.02 4.80
C ILE N 52 -39.82 -54.60 3.75
N SER N 53 -38.61 -55.17 3.83
CA SER N 53 -37.50 -54.87 2.93
C SER N 53 -36.76 -56.13 2.53
N GLY N 54 -35.81 -55.96 1.63
CA GLY N 54 -35.01 -57.05 1.10
C GLY N 54 -35.60 -57.65 -0.16
N GLY N 55 -34.81 -58.54 -0.79
CA GLY N 55 -35.22 -59.21 -2.00
C GLY N 55 -36.23 -60.32 -1.72
N GLY N 56 -36.63 -60.99 -2.79
CA GLY N 56 -37.55 -62.11 -2.66
C GLY N 56 -39.01 -61.74 -2.47
N GLU N 57 -39.74 -62.49 -1.64
CA GLU N 57 -41.04 -62.04 -1.16
C GLU N 57 -40.93 -61.11 0.04
N GLY N 58 -39.72 -60.66 0.39
CA GLY N 58 -39.47 -59.64 1.41
C GLY N 58 -39.44 -60.13 2.84
N THR N 59 -38.58 -59.57 3.68
CA THR N 59 -38.53 -59.90 5.10
C THR N 59 -39.18 -58.82 5.94
N GLY N 60 -40.04 -59.22 6.86
CA GLY N 60 -40.81 -58.30 7.68
C GLY N 60 -40.29 -58.24 9.10
N ASN N 61 -40.22 -57.03 9.64
CA ASN N 61 -39.82 -56.79 11.02
C ASN N 61 -40.89 -55.95 11.73
N TYR N 62 -41.09 -56.20 13.04
CA TYR N 62 -42.21 -55.62 13.79
C TYR N 62 -41.78 -54.90 15.07
N ALA N 63 -42.26 -53.66 15.23
CA ALA N 63 -42.13 -52.90 16.46
C ALA N 63 -42.66 -53.71 17.65
N ASP N 64 -42.14 -53.38 18.84
CA ASP N 64 -42.47 -54.13 20.04
C ASP N 64 -43.95 -54.33 20.34
N PRO N 65 -44.83 -53.34 20.20
CA PRO N 65 -46.18 -53.52 20.71
C PRO N 65 -47.06 -54.41 19.84
N VAL N 66 -46.56 -54.84 18.66
CA VAL N 66 -47.39 -55.59 17.73
C VAL N 66 -46.80 -56.96 17.43
N LYS N 67 -45.57 -57.23 17.88
CA LYS N 67 -44.90 -58.49 17.57
C LYS N 67 -45.78 -59.68 17.93
N GLY N 68 -45.95 -60.61 17.00
CA GLY N 68 -46.79 -61.76 17.20
C GLY N 68 -48.21 -61.59 16.73
N ARG N 69 -48.73 -60.36 16.73
CA ARG N 69 -50.11 -60.11 16.36
C ARG N 69 -50.28 -59.53 14.96
N PHE N 70 -49.28 -58.87 14.40
CA PHE N 70 -49.36 -58.33 13.05
C PHE N 70 -48.42 -59.07 12.10
N THR N 71 -48.80 -59.16 10.83
CA THR N 71 -47.99 -59.79 9.81
C THR N 71 -47.98 -58.94 8.54
N ILE N 72 -46.82 -58.44 8.19
CA ILE N 72 -46.68 -57.61 7.01
C ILE N 72 -46.31 -58.49 5.81
N SER N 73 -46.54 -57.96 4.60
CA SER N 73 -46.48 -58.75 3.38
C SER N 73 -46.56 -57.83 2.17
N ARG N 74 -46.26 -58.37 0.99
CA ARG N 74 -46.21 -57.51 -0.18
C ARG N 74 -46.38 -58.36 -1.44
N ASN N 75 -47.01 -57.77 -2.46
CA ASN N 75 -47.22 -58.38 -3.77
C ASN N 75 -46.42 -57.59 -4.80
N ASN N 76 -45.34 -58.19 -5.31
CA ASN N 76 -44.39 -57.42 -6.09
C ASN N 76 -44.95 -57.01 -7.44
N ALA N 77 -45.72 -57.89 -8.10
CA ALA N 77 -46.27 -57.56 -9.41
C ALA N 77 -47.31 -56.46 -9.32
N ASP N 78 -48.07 -56.43 -8.23
CA ASP N 78 -49.20 -55.53 -8.10
C ASP N 78 -48.83 -54.21 -7.41
N ASN N 79 -47.61 -54.11 -6.89
CA ASN N 79 -47.09 -52.94 -6.15
C ASN N 79 -47.96 -52.65 -4.92
N MET N 80 -48.07 -53.65 -4.05
CA MET N 80 -48.98 -53.57 -2.93
C MET N 80 -48.33 -54.09 -1.66
N VAL N 81 -48.89 -53.67 -0.54
CA VAL N 81 -48.38 -54.00 0.78
C VAL N 81 -49.58 -54.25 1.68
N PHE N 82 -49.55 -55.32 2.45
CA PHE N 82 -50.66 -55.67 3.30
C PHE N 82 -50.21 -55.69 4.76
N LEU N 83 -51.16 -55.45 5.66
CA LEU N 83 -50.90 -55.57 7.09
C LEU N 83 -52.04 -56.42 7.66
N GLN N 84 -51.72 -57.65 8.08
CA GLN N 84 -52.68 -58.55 8.68
C GLN N 84 -52.56 -58.36 10.18
N MET N 85 -53.62 -57.83 10.80
CA MET N 85 -53.63 -57.57 12.24
C MET N 85 -54.62 -58.53 12.87
N ASN N 86 -54.17 -59.30 13.86
CA ASN N 86 -54.98 -60.25 14.59
C ASN N 86 -54.91 -59.95 16.06
N ASN N 87 -55.83 -60.57 16.78
CA ASN N 87 -56.00 -60.35 18.20
C ASN N 87 -55.85 -58.86 18.53
N LEU N 88 -56.74 -58.07 17.93
CA LEU N 88 -56.72 -56.61 18.05
C LEU N 88 -57.08 -56.15 19.45
N LYS N 89 -56.45 -55.06 19.88
CA LYS N 89 -56.65 -54.49 21.21
C LYS N 89 -57.17 -53.07 21.09
N PRO N 90 -57.80 -52.55 22.14
CA PRO N 90 -58.21 -51.13 22.13
C PRO N 90 -57.10 -50.12 21.91
N GLU N 91 -55.89 -50.34 22.45
CA GLU N 91 -54.80 -49.39 22.19
C GLU N 91 -54.28 -49.46 20.77
N ASP N 92 -54.87 -50.30 19.90
CA ASP N 92 -54.51 -50.35 18.50
C ASP N 92 -55.28 -49.37 17.65
N THR N 93 -56.31 -48.73 18.19
CA THR N 93 -57.06 -47.75 17.40
C THR N 93 -56.19 -46.56 17.03
N ALA N 94 -56.16 -46.27 15.74
CA ALA N 94 -55.38 -45.16 15.21
C ALA N 94 -55.69 -45.01 13.74
N VAL N 95 -55.05 -44.07 13.09
CA VAL N 95 -55.03 -44.09 11.65
C VAL N 95 -53.74 -44.76 11.21
N TYR N 96 -53.87 -45.65 10.25
CA TYR N 96 -52.74 -46.39 9.73
C TYR N 96 -52.50 -45.87 8.31
N TYR N 97 -51.30 -45.35 8.10
CA TYR N 97 -50.80 -44.97 6.79
C TYR N 97 -49.64 -45.89 6.41
N CYS N 98 -49.43 -46.03 5.12
CA CYS N 98 -48.35 -46.86 4.60
C CYS N 98 -47.43 -46.01 3.73
N ASN N 99 -46.13 -46.06 4.03
CA ASN N 99 -45.16 -45.15 3.42
C ASN N 99 -43.82 -45.86 3.29
N VAL N 100 -42.90 -45.26 2.53
CA VAL N 100 -41.52 -45.76 2.53
C VAL N 100 -40.88 -45.52 3.90
N TYR N 101 -39.74 -46.18 4.13
CA TYR N 101 -38.91 -45.92 5.32
C TYR N 101 -37.45 -45.89 4.91
N GLY N 102 -36.60 -45.62 5.88
CA GLY N 102 -35.17 -45.66 5.63
C GLY N 102 -34.63 -44.59 4.70
N THR N 103 -35.53 -43.75 4.18
CA THR N 103 -35.16 -42.62 3.34
C THR N 103 -36.12 -41.46 3.64
N ASN N 104 -36.08 -40.44 2.76
CA ASN N 104 -37.05 -39.34 2.76
C ASN N 104 -38.48 -39.83 2.54
N LEU N 105 -39.32 -39.68 3.57
CA LEU N 105 -40.73 -40.01 3.51
C LEU N 105 -41.43 -39.32 2.35
N ALA N 106 -42.56 -39.86 1.94
CA ALA N 106 -43.29 -39.37 0.79
C ALA N 106 -44.43 -38.46 1.24
N PRO N 107 -45.23 -37.88 0.33
CA PRO N 107 -46.44 -37.18 0.79
C PRO N 107 -47.36 -38.24 1.38
N TRP N 108 -47.73 -38.09 2.65
CA TRP N 108 -48.64 -39.06 3.24
C TRP N 108 -49.94 -39.21 2.45
N GLY N 109 -50.52 -40.42 2.47
CA GLY N 109 -51.83 -40.66 1.90
C GLY N 109 -52.95 -40.44 2.91
N GLN N 110 -54.16 -40.83 2.50
CA GLN N 110 -55.34 -40.53 3.31
C GLN N 110 -55.33 -41.30 4.63
N GLY N 111 -54.65 -42.44 4.67
CA GLY N 111 -54.72 -43.29 5.83
C GLY N 111 -55.92 -44.20 5.77
N THR N 112 -56.18 -44.85 6.90
CA THR N 112 -57.35 -45.71 7.04
C THR N 112 -57.59 -45.88 8.53
N GLN N 113 -58.81 -45.62 8.98
CA GLN N 113 -59.06 -45.54 10.41
C GLN N 113 -59.38 -46.92 10.92
N VAL N 114 -58.73 -47.29 12.01
CA VAL N 114 -59.00 -48.54 12.66
C VAL N 114 -59.43 -48.25 14.08
N THR N 115 -60.68 -48.55 14.38
CA THR N 115 -61.22 -48.31 15.71
C THR N 115 -61.62 -49.64 16.32
N VAL N 116 -61.19 -49.87 17.55
CA VAL N 116 -61.29 -51.17 18.20
C VAL N 116 -61.97 -50.99 19.54
N SER N 117 -63.26 -51.35 19.61
CA SER N 117 -64.01 -51.44 20.87
C SER N 117 -65.28 -52.24 20.59
N SER N 118 -65.98 -52.59 21.66
CA SER N 118 -67.27 -53.25 21.50
C SER N 118 -68.27 -52.64 22.48
N SER O 1 -27.98 -79.07 -5.67
CA SER O 1 -26.82 -78.41 -5.09
C SER O 1 -26.08 -77.55 -6.10
N GLN O 2 -26.24 -77.86 -7.38
CA GLN O 2 -25.85 -76.95 -8.43
C GLN O 2 -27.11 -76.46 -9.13
N VAL O 3 -27.04 -75.25 -9.68
CA VAL O 3 -28.21 -74.66 -10.34
C VAL O 3 -28.49 -75.43 -11.62
N GLN O 4 -29.59 -76.19 -11.64
CA GLN O 4 -29.99 -76.94 -12.83
C GLN O 4 -31.12 -76.22 -13.57
N LEU O 5 -31.00 -76.14 -14.89
CA LEU O 5 -31.99 -75.49 -15.73
C LEU O 5 -32.64 -76.51 -16.67
N GLN O 6 -33.83 -76.18 -17.15
CA GLN O 6 -34.58 -77.12 -18.00
C GLN O 6 -35.63 -76.37 -18.79
N GLU O 7 -35.41 -76.21 -20.09
CA GLU O 7 -36.31 -75.42 -20.93
C GLU O 7 -37.40 -76.31 -21.52
N SER O 8 -38.45 -75.65 -22.00
CA SER O 8 -39.64 -76.32 -22.50
C SER O 8 -40.46 -75.30 -23.24
N GLY O 9 -41.33 -75.79 -24.12
CA GLY O 9 -42.28 -74.92 -24.79
C GLY O 9 -41.93 -74.60 -26.22
N GLY O 10 -40.83 -75.11 -26.73
CA GLY O 10 -40.50 -74.94 -28.12
C GLY O 10 -41.00 -76.08 -28.96
N GLY O 11 -41.21 -75.80 -30.24
CA GLY O 11 -41.72 -76.79 -31.16
C GLY O 11 -41.60 -76.38 -32.61
N SER O 12 -42.70 -76.51 -33.35
CA SER O 12 -42.71 -76.22 -34.78
C SER O 12 -43.92 -75.36 -35.12
N VAL O 13 -43.69 -74.20 -35.76
CA VAL O 13 -44.70 -73.17 -36.01
C VAL O 13 -44.45 -72.60 -37.41
N GLN O 14 -45.27 -71.65 -37.82
CA GLN O 14 -45.13 -70.99 -39.11
C GLN O 14 -44.82 -69.52 -38.93
N ALA O 15 -44.53 -68.86 -40.05
CA ALA O 15 -44.21 -67.44 -40.05
C ALA O 15 -45.39 -66.60 -39.56
N GLY O 16 -45.15 -65.86 -38.48
CA GLY O 16 -46.19 -65.04 -37.89
C GLY O 16 -46.91 -65.65 -36.70
N GLY O 17 -46.53 -66.84 -36.27
CA GLY O 17 -47.16 -67.49 -35.13
C GLY O 17 -46.66 -66.94 -33.81
N SER O 18 -46.93 -67.70 -32.74
CA SER O 18 -46.38 -67.38 -31.44
C SER O 18 -45.83 -68.66 -30.83
N LEU O 19 -45.06 -68.47 -29.77
CA LEU O 19 -44.64 -69.58 -28.93
C LEU O 19 -44.07 -69.00 -27.64
N ARG O 20 -44.51 -69.55 -26.50
CA ARG O 20 -44.01 -69.16 -25.20
C ARG O 20 -42.99 -70.19 -24.74
N LEU O 21 -41.73 -69.77 -24.60
CA LEU O 21 -40.78 -70.65 -23.95
C LEU O 21 -40.71 -70.37 -22.46
N ALA O 22 -40.34 -71.39 -21.71
CA ALA O 22 -40.24 -71.32 -20.26
C ALA O 22 -39.07 -72.20 -19.81
N CYS O 23 -38.27 -71.68 -18.89
CA CYS O 23 -37.16 -72.43 -18.32
C CYS O 23 -37.33 -72.43 -16.80
N VAL O 24 -37.33 -73.62 -16.21
CA VAL O 24 -37.44 -73.79 -14.76
C VAL O 24 -36.07 -74.14 -14.21
N ALA O 25 -35.68 -73.47 -13.13
CA ALA O 25 -34.44 -73.77 -12.41
C ALA O 25 -34.73 -74.57 -11.15
N SER O 26 -33.77 -75.41 -10.76
CA SER O 26 -33.96 -76.29 -9.63
C SER O 26 -32.63 -76.48 -8.91
N GLY O 27 -32.72 -76.82 -7.63
CA GLY O 27 -31.51 -76.98 -6.85
C GLY O 27 -30.73 -75.68 -6.73
N GLY O 28 -29.49 -75.81 -6.26
CA GLY O 28 -28.63 -74.65 -6.16
C GLY O 28 -28.96 -73.77 -4.95
N ASP O 29 -28.48 -72.55 -5.03
CA ASP O 29 -28.62 -71.61 -3.92
C ASP O 29 -29.97 -70.92 -3.99
N THR O 30 -30.71 -70.94 -2.87
CA THR O 30 -32.09 -70.49 -2.90
C THR O 30 -32.36 -69.24 -2.07
N ARG O 31 -31.44 -68.81 -1.20
CA ARG O 31 -31.49 -67.50 -0.58
C ARG O 31 -31.79 -66.43 -1.61
N PRO O 32 -32.55 -65.38 -1.27
CA PRO O 32 -33.01 -64.39 -2.33
C PRO O 32 -32.00 -63.33 -2.74
N TYR O 33 -30.88 -63.19 -2.05
CA TYR O 33 -29.84 -62.23 -2.46
C TYR O 33 -28.87 -62.79 -3.50
N ILE O 34 -29.09 -64.03 -3.92
CA ILE O 34 -28.19 -64.73 -4.82
C ILE O 34 -28.73 -64.47 -6.23
N THR O 35 -28.33 -63.34 -6.78
CA THR O 35 -28.92 -62.83 -8.00
C THR O 35 -28.16 -63.35 -9.23
N TYR O 36 -28.90 -63.57 -10.34
CA TYR O 36 -28.33 -63.99 -11.62
C TYR O 36 -28.81 -63.09 -12.76
N TRP O 37 -28.20 -63.24 -13.93
CA TRP O 37 -28.61 -62.55 -15.17
C TRP O 37 -29.04 -63.61 -16.18
N MET O 38 -30.25 -64.12 -16.02
CA MET O 38 -30.74 -65.18 -16.88
C MET O 38 -30.88 -64.66 -18.30
N GLY O 39 -30.19 -65.30 -19.24
CA GLY O 39 -30.32 -64.96 -20.65
C GLY O 39 -30.79 -66.12 -21.52
N TRP O 40 -31.60 -65.80 -22.54
CA TRP O 40 -32.05 -66.76 -23.55
C TRP O 40 -31.17 -66.66 -24.78
N TYR O 41 -30.60 -67.78 -25.20
CA TYR O 41 -29.59 -67.82 -26.27
C TYR O 41 -30.04 -68.75 -27.40
N ARG O 42 -29.69 -68.39 -28.63
CA ARG O 42 -30.17 -69.09 -29.82
C ARG O 42 -28.97 -69.54 -30.64
N GLN O 43 -29.08 -70.67 -31.34
CA GLN O 43 -28.00 -71.13 -32.22
C GLN O 43 -28.58 -72.04 -33.29
N ALA O 44 -28.69 -71.52 -34.52
CA ALA O 44 -29.07 -72.28 -35.70
C ALA O 44 -27.88 -73.09 -36.21
N PRO O 45 -28.10 -74.31 -36.66
CA PRO O 45 -27.00 -75.11 -37.23
C PRO O 45 -26.20 -74.28 -38.23
N GLY O 46 -24.88 -74.24 -38.02
CA GLY O 46 -24.00 -73.50 -38.89
C GLY O 46 -23.90 -72.00 -38.67
N LYS O 47 -24.55 -71.46 -37.63
CA LYS O 47 -24.47 -70.05 -37.23
C LYS O 47 -23.90 -69.90 -35.82
N GLU O 48 -23.59 -68.66 -35.45
CA GLU O 48 -22.96 -68.35 -34.18
C GLU O 48 -23.98 -68.38 -33.03
N ARG O 49 -23.49 -68.68 -31.82
CA ARG O 49 -24.30 -68.46 -30.62
C ARG O 49 -24.72 -67.00 -30.61
N GLU O 50 -25.97 -66.72 -30.21
CA GLU O 50 -26.39 -65.33 -30.26
C GLU O 50 -26.76 -64.82 -28.87
N GLY O 51 -28.00 -65.05 -28.46
CA GLY O 51 -28.46 -64.42 -27.24
C GLY O 51 -29.41 -63.29 -27.54
N VAL O 52 -30.66 -63.43 -27.11
CA VAL O 52 -31.74 -62.57 -27.59
C VAL O 52 -32.39 -61.75 -26.49
N ALA O 53 -32.27 -62.15 -25.22
CA ALA O 53 -32.85 -61.39 -24.13
C ALA O 53 -32.24 -61.87 -22.82
N THR O 54 -32.30 -61.01 -21.81
CA THR O 54 -31.87 -61.41 -20.49
C THR O 54 -32.61 -60.55 -19.48
N ILE O 55 -32.82 -61.12 -18.29
CA ILE O 55 -33.55 -60.43 -17.23
C ILE O 55 -32.87 -60.67 -15.88
N TYR O 56 -32.91 -59.65 -15.01
CA TYR O 56 -32.21 -59.68 -13.73
C TYR O 56 -33.10 -60.30 -12.65
N THR O 57 -32.66 -61.42 -12.09
CA THR O 57 -33.47 -62.02 -11.04
C THR O 57 -33.36 -61.30 -9.68
N GLY O 58 -32.82 -60.09 -9.58
CA GLY O 58 -32.85 -59.33 -8.33
C GLY O 58 -33.75 -58.12 -8.45
N GLY O 59 -33.98 -57.72 -9.69
CA GLY O 59 -34.96 -56.70 -9.99
C GLY O 59 -35.76 -57.04 -11.23
N SER O 60 -35.73 -56.14 -12.20
CA SER O 60 -36.62 -56.23 -13.35
C SER O 60 -36.01 -55.70 -14.64
N GLY O 61 -34.72 -55.35 -14.63
CA GLY O 61 -34.02 -54.93 -15.82
C GLY O 61 -34.06 -55.96 -16.94
N THR O 62 -34.40 -55.50 -18.13
CA THR O 62 -34.45 -56.35 -19.30
C THR O 62 -33.54 -55.76 -20.38
N TYR O 63 -33.06 -56.63 -21.26
CA TYR O 63 -32.23 -56.20 -22.38
C TYR O 63 -32.46 -57.16 -23.53
N TYR O 64 -32.79 -56.62 -24.70
CA TYR O 64 -33.09 -57.41 -25.89
C TYR O 64 -32.05 -57.14 -26.97
N SER O 65 -31.77 -58.17 -27.76
CA SER O 65 -30.80 -58.05 -28.85
C SER O 65 -31.36 -57.19 -29.97
N ASP O 66 -30.49 -56.84 -30.90
CA ASP O 66 -30.89 -55.93 -31.98
C ASP O 66 -31.67 -56.66 -33.07
N SER O 67 -31.40 -57.97 -33.26
CA SER O 67 -32.08 -58.82 -34.24
C SER O 67 -33.48 -59.22 -33.80
N VAL O 68 -33.93 -58.73 -32.64
CA VAL O 68 -35.29 -58.91 -32.16
C VAL O 68 -35.78 -57.59 -31.61
N GLU O 69 -36.82 -57.03 -32.23
CA GLU O 69 -37.32 -55.74 -31.79
C GLU O 69 -38.33 -55.90 -30.68
N GLY O 70 -39.55 -55.47 -30.93
CA GLY O 70 -40.67 -55.71 -30.04
C GLY O 70 -41.31 -57.04 -30.35
N ARG O 71 -40.61 -57.90 -31.09
CA ARG O 71 -41.09 -59.26 -31.33
C ARG O 71 -41.07 -60.09 -30.05
N PHE O 72 -39.97 -60.06 -29.29
CA PHE O 72 -39.84 -60.94 -28.15
C PHE O 72 -40.00 -60.14 -26.86
N THR O 73 -40.51 -60.81 -25.83
CA THR O 73 -40.55 -60.23 -24.50
C THR O 73 -40.16 -61.28 -23.47
N ILE O 74 -39.25 -60.92 -22.58
CA ILE O 74 -38.79 -61.83 -21.55
C ILE O 74 -39.42 -61.38 -20.23
N SER O 75 -39.81 -62.35 -19.41
CA SER O 75 -40.39 -62.10 -18.11
C SER O 75 -39.90 -63.17 -17.15
N GLN O 76 -40.19 -63.01 -15.87
CA GLN O 76 -39.76 -63.99 -14.89
C GLN O 76 -40.79 -64.09 -13.79
N ASP O 77 -40.91 -65.29 -13.21
CA ASP O 77 -41.70 -65.52 -12.01
C ASP O 77 -40.72 -66.00 -10.95
N LYS O 78 -40.21 -65.05 -10.16
CA LYS O 78 -39.21 -65.37 -9.15
C LYS O 78 -39.76 -66.38 -8.14
N ALA O 79 -41.05 -66.31 -7.84
CA ALA O 79 -41.66 -67.20 -6.86
C ALA O 79 -41.55 -68.65 -7.31
N GLN O 80 -41.80 -68.90 -8.58
CA GLN O 80 -41.69 -70.22 -9.18
C GLN O 80 -40.30 -70.48 -9.81
N ARG O 81 -39.36 -69.55 -9.65
CA ARG O 81 -38.08 -69.56 -10.38
C ARG O 81 -38.24 -70.11 -11.80
N THR O 82 -38.83 -69.30 -12.67
CA THR O 82 -39.04 -69.62 -14.07
C THR O 82 -38.86 -68.34 -14.88
N VAL O 83 -38.30 -68.47 -16.07
CA VAL O 83 -38.12 -67.31 -16.95
C VAL O 83 -38.74 -67.64 -18.32
N TYR O 84 -39.57 -66.71 -18.80
CA TYR O 84 -40.39 -66.90 -19.99
C TYR O 84 -39.84 -66.07 -21.14
N LEU O 85 -39.77 -66.67 -22.33
CA LEU O 85 -39.45 -65.95 -23.56
C LEU O 85 -40.67 -66.00 -24.48
N GLN O 86 -41.50 -64.95 -24.42
CA GLN O 86 -42.63 -64.77 -25.31
C GLN O 86 -42.12 -64.40 -26.71
N MET O 87 -42.40 -65.23 -27.70
CA MET O 87 -41.99 -64.93 -29.07
C MET O 87 -43.25 -64.88 -29.88
N ASN O 88 -43.52 -63.75 -30.50
CA ASN O 88 -44.55 -63.68 -31.50
C ASN O 88 -44.00 -62.96 -32.71
N ASP O 89 -44.71 -63.08 -33.85
CA ASP O 89 -44.25 -62.55 -35.12
C ASP O 89 -42.94 -63.21 -35.55
N LEU O 90 -42.96 -64.54 -35.62
CA LEU O 90 -41.72 -65.27 -35.87
C LEU O 90 -41.31 -65.15 -37.33
N LYS O 91 -40.00 -65.14 -37.56
CA LYS O 91 -39.38 -65.16 -38.85
C LYS O 91 -38.73 -66.53 -39.07
N PRO O 92 -38.60 -67.01 -40.31
CA PRO O 92 -38.02 -68.35 -40.51
C PRO O 92 -36.53 -68.47 -40.15
N GLU O 93 -35.79 -67.36 -39.99
CA GLU O 93 -34.38 -67.44 -39.59
C GLU O 93 -34.22 -67.63 -38.09
N ASP O 94 -35.27 -67.40 -37.30
CA ASP O 94 -35.27 -67.73 -35.88
C ASP O 94 -35.25 -69.23 -35.61
N THR O 95 -35.27 -70.06 -36.65
CA THR O 95 -35.00 -71.48 -36.43
C THR O 95 -33.63 -71.64 -35.76
N ALA O 96 -33.61 -72.34 -34.60
CA ALA O 96 -32.41 -72.53 -33.80
C ALA O 96 -32.68 -73.35 -32.54
N MET O 97 -31.67 -74.09 -32.07
CA MET O 97 -31.69 -74.58 -30.70
C MET O 97 -31.66 -73.41 -29.73
N TYR O 98 -32.72 -73.26 -28.92
CA TYR O 98 -32.85 -72.15 -27.98
C TYR O 98 -32.46 -72.64 -26.59
N TYR O 99 -31.29 -72.19 -26.11
CA TYR O 99 -30.80 -72.49 -24.78
C TYR O 99 -31.01 -71.33 -23.82
N CYS O 100 -31.28 -71.65 -22.58
CA CYS O 100 -31.40 -70.69 -21.50
C CYS O 100 -30.21 -70.83 -20.57
N ALA O 101 -29.72 -69.70 -20.05
CA ALA O 101 -28.51 -69.73 -19.25
C ALA O 101 -28.63 -68.84 -18.02
N ALA O 102 -27.69 -69.03 -17.09
CA ALA O 102 -27.64 -68.31 -15.82
C ALA O 102 -26.22 -67.80 -15.57
N GLY O 103 -26.05 -66.48 -15.59
CA GLY O 103 -24.75 -65.88 -15.36
C GLY O 103 -24.74 -65.08 -14.07
N ASN O 104 -23.53 -64.67 -13.67
CA ASN O 104 -23.33 -63.99 -12.40
C ASN O 104 -24.19 -62.73 -12.29
N GLY O 105 -24.73 -62.50 -11.09
CA GLY O 105 -25.61 -61.38 -10.87
C GLY O 105 -24.97 -60.00 -10.87
N ALA O 106 -23.65 -59.91 -10.92
CA ALA O 106 -22.99 -58.61 -10.95
C ALA O 106 -22.37 -58.30 -12.30
N LEU O 107 -22.59 -59.15 -13.32
CA LEU O 107 -22.10 -58.86 -14.65
C LEU O 107 -22.44 -57.42 -15.04
N PRO O 108 -21.49 -56.64 -15.53
CA PRO O 108 -21.75 -55.22 -15.76
C PRO O 108 -22.44 -55.00 -17.09
N PRO O 109 -22.80 -53.76 -17.44
CA PRO O 109 -23.31 -53.51 -18.78
C PRO O 109 -22.31 -53.96 -19.85
N GLY O 110 -22.81 -54.67 -20.86
CA GLY O 110 -22.00 -55.10 -21.97
C GLY O 110 -21.49 -56.53 -21.87
N ARG O 111 -21.71 -57.21 -20.77
CA ARG O 111 -21.35 -58.61 -20.65
C ARG O 111 -22.51 -59.47 -20.12
N ARG O 112 -23.71 -58.90 -20.00
CA ARG O 112 -24.84 -59.61 -19.41
C ARG O 112 -25.47 -60.57 -20.43
N LEU O 113 -25.59 -60.14 -21.68
CA LEU O 113 -25.97 -60.99 -22.81
C LEU O 113 -24.74 -61.45 -23.60
N SER O 114 -23.89 -62.24 -22.97
CA SER O 114 -22.74 -62.74 -23.71
C SER O 114 -22.48 -64.20 -23.32
N PRO O 115 -22.71 -65.15 -24.23
CA PRO O 115 -22.56 -66.56 -23.86
C PRO O 115 -21.21 -66.90 -23.26
N GLN O 116 -20.21 -66.05 -23.45
CA GLN O 116 -18.90 -66.29 -22.84
C GLN O 116 -18.99 -66.28 -21.32
N ASN O 117 -19.94 -65.51 -20.78
CA ASN O 117 -20.01 -65.19 -19.36
C ASN O 117 -21.13 -65.94 -18.65
N MET O 118 -21.72 -66.95 -19.29
CA MET O 118 -22.82 -67.73 -18.73
C MET O 118 -22.26 -68.97 -18.04
N ASP O 119 -22.66 -69.18 -16.79
CA ASP O 119 -22.02 -70.17 -15.94
C ASP O 119 -22.77 -71.48 -15.86
N THR O 120 -24.06 -71.48 -16.18
CA THR O 120 -24.83 -72.71 -16.25
C THR O 120 -25.75 -72.62 -17.46
N TRP O 121 -25.85 -73.73 -18.19
CA TRP O 121 -26.67 -73.80 -19.38
C TRP O 121 -27.76 -74.84 -19.17
N GLY O 122 -28.72 -74.84 -20.09
CA GLY O 122 -29.79 -75.79 -20.05
C GLY O 122 -29.81 -76.66 -21.29
N PRO O 123 -30.46 -77.82 -21.20
CA PRO O 123 -30.51 -78.73 -22.35
C PRO O 123 -30.98 -78.06 -23.64
N GLY O 124 -32.02 -77.25 -23.58
CA GLY O 124 -32.46 -76.56 -24.78
C GLY O 124 -33.58 -77.28 -25.51
N THR O 125 -34.44 -76.49 -26.12
CA THR O 125 -35.49 -77.01 -26.98
C THR O 125 -35.34 -76.39 -28.37
N GLN O 126 -35.86 -77.05 -29.39
CA GLN O 126 -35.79 -76.50 -30.73
C GLN O 126 -37.03 -75.71 -31.10
N VAL O 127 -36.81 -74.52 -31.60
CA VAL O 127 -37.86 -73.66 -32.15
C VAL O 127 -37.49 -73.44 -33.61
N THR O 128 -38.05 -74.26 -34.50
CA THR O 128 -37.91 -74.06 -35.94
C THR O 128 -39.11 -73.30 -36.49
N VAL O 129 -38.82 -72.29 -37.31
CA VAL O 129 -39.85 -71.45 -37.92
C VAL O 129 -39.94 -71.78 -39.39
N SER O 130 -41.16 -72.07 -39.85
CA SER O 130 -41.43 -72.47 -41.23
C SER O 130 -42.25 -71.39 -41.94
N SER O 131 -41.88 -71.10 -43.18
CA SER O 131 -42.45 -69.95 -43.88
C SER O 131 -43.55 -70.35 -44.85
N ALA P 1 -8.64 80.26 7.91
CA ALA P 1 -8.73 78.83 7.56
C ALA P 1 -7.78 77.96 8.40
N THR P 2 -8.24 77.45 9.54
CA THR P 2 -7.40 76.58 10.37
C THR P 2 -6.99 75.34 9.60
N LYS P 3 -5.70 75.04 9.62
CA LYS P 3 -5.18 73.79 9.08
C LYS P 3 -4.54 72.99 10.21
N ALA P 4 -4.66 71.66 10.13
CA ALA P 4 -4.05 70.75 11.11
C ALA P 4 -3.52 69.53 10.37
N VAL P 5 -2.65 68.77 11.06
CA VAL P 5 -1.96 67.65 10.44
C VAL P 5 -1.75 66.57 11.49
N CYS P 6 -1.52 65.34 11.01
CA CYS P 6 -1.36 64.18 11.88
C CYS P 6 -0.54 63.11 11.16
N VAL P 7 0.56 62.66 11.80
CA VAL P 7 1.42 61.63 11.23
C VAL P 7 1.18 60.34 12.00
N LEU P 8 0.57 59.37 11.35
CA LEU P 8 0.23 58.13 12.04
C LEU P 8 1.41 57.13 11.99
N LYS P 9 1.84 56.68 13.17
CA LYS P 9 2.88 55.68 13.35
C LYS P 9 2.39 54.61 14.32
N GLY P 10 2.80 53.36 14.10
CA GLY P 10 2.45 52.31 15.03
C GLY P 10 3.52 51.24 15.01
N ASP P 11 3.40 50.26 15.92
CA ASP P 11 4.32 49.12 15.94
C ASP P 11 4.42 48.44 14.58
N GLY P 12 3.28 48.19 13.93
CA GLY P 12 3.27 47.52 12.65
C GLY P 12 3.74 48.40 11.52
N PRO P 13 3.61 47.91 10.28
CA PRO P 13 4.08 48.69 9.14
C PRO P 13 3.27 49.93 8.87
N VAL P 14 2.07 50.02 9.45
CA VAL P 14 1.09 51.05 9.09
C VAL P 14 1.60 52.46 9.35
N GLN P 15 1.38 53.34 8.39
CA GLN P 15 1.77 54.72 8.58
C GLN P 15 1.16 55.61 7.50
N GLY P 16 1.01 56.87 7.83
CA GLY P 16 0.51 57.83 6.86
C GLY P 16 0.34 59.18 7.51
N ILE P 17 0.00 60.16 6.66
CA ILE P 17 -0.27 61.54 7.07
C ILE P 17 -1.69 61.91 6.67
N ILE P 18 -2.44 62.42 7.62
CA ILE P 18 -3.79 62.94 7.39
C ILE P 18 -3.76 64.45 7.63
N ASN P 19 -4.52 65.21 6.82
CA ASN P 19 -4.69 66.64 7.06
C ASN P 19 -6.13 66.99 7.41
N PHE P 20 -6.27 68.08 8.14
CA PHE P 20 -7.59 68.63 8.45
C PHE P 20 -7.64 70.06 8.02
N GLU P 21 -8.78 70.49 7.51
CA GLU P 21 -8.88 71.88 7.12
C GLU P 21 -10.32 72.37 7.28
N GLN P 22 -10.47 73.47 8.03
CA GLN P 22 -11.77 74.05 8.37
C GLN P 22 -11.77 75.52 7.95
N LYS P 23 -12.44 75.82 6.83
CA LYS P 23 -12.53 77.18 6.33
C LYS P 23 -13.26 78.08 7.31
N GLU P 24 -14.58 77.94 7.41
CA GLU P 24 -15.33 78.79 8.33
C GLU P 24 -15.37 78.17 9.72
N SER P 25 -15.40 79.03 10.73
CA SER P 25 -15.45 78.57 12.11
C SER P 25 -16.70 77.74 12.33
N ASN P 26 -16.57 76.69 13.14
CA ASN P 26 -17.62 75.68 13.37
C ASN P 26 -18.40 75.34 12.11
N GLY P 27 -17.70 75.23 10.97
CA GLY P 27 -18.27 74.65 9.79
C GLY P 27 -17.72 73.27 9.54
N PRO P 28 -17.74 72.83 8.29
CA PRO P 28 -17.23 71.49 7.95
C PRO P 28 -15.71 71.45 8.00
N VAL P 29 -15.19 70.24 8.15
CA VAL P 29 -13.76 69.94 8.15
C VAL P 29 -13.48 68.96 7.03
N LYS P 30 -12.56 69.32 6.14
CA LYS P 30 -12.06 68.37 5.15
C LYS P 30 -10.95 67.54 5.79
N VAL P 31 -11.02 66.21 5.63
CA VAL P 31 -10.02 65.32 6.21
C VAL P 31 -9.46 64.40 5.12
N TRP P 32 -8.17 64.57 4.80
CA TRP P 32 -7.63 63.83 3.65
C TRP P 32 -6.16 63.46 3.86
N GLY P 33 -5.72 62.47 3.11
CA GLY P 33 -4.37 61.93 3.22
C GLY P 33 -4.35 60.48 2.80
N SER P 34 -3.18 59.88 2.93
CA SER P 34 -2.97 58.47 2.58
C SER P 34 -2.37 57.71 3.76
N ILE P 35 -2.98 56.56 4.10
CA ILE P 35 -2.41 55.56 5.00
C ILE P 35 -1.90 54.37 4.19
N LYS P 36 -0.75 53.81 4.58
CA LYS P 36 -0.14 52.70 3.84
C LYS P 36 0.23 51.54 4.77
N GLY P 37 0.10 50.32 4.26
CA GLY P 37 0.47 49.13 5.01
C GLY P 37 -0.66 48.42 5.73
N LEU P 38 -1.90 48.82 5.49
CA LEU P 38 -3.06 48.16 6.07
C LEU P 38 -3.42 46.93 5.25
N THR P 39 -4.16 46.03 5.90
CA THR P 39 -4.77 44.91 5.19
C THR P 39 -5.88 45.44 4.31
N GLU P 40 -5.92 44.96 3.07
CA GLU P 40 -6.95 45.37 2.10
C GLU P 40 -8.34 45.32 2.70
N GLY P 41 -9.08 46.42 2.56
CA GLY P 41 -10.43 46.53 3.09
C GLY P 41 -10.66 47.66 4.07
N LEU P 42 -11.70 47.50 4.88
CA LEU P 42 -12.22 48.56 5.72
C LEU P 42 -11.51 48.58 7.06
N HIS P 43 -11.24 49.79 7.57
CA HIS P 43 -10.58 49.98 8.85
C HIS P 43 -11.23 51.14 9.60
N GLY P 44 -11.54 50.93 10.88
CA GLY P 44 -12.18 51.99 11.66
C GLY P 44 -11.29 53.21 11.82
N PHE P 45 -11.88 54.41 11.66
CA PHE P 45 -11.16 55.69 11.68
C PHE P 45 -11.78 56.57 12.76
N HIS P 46 -10.99 57.00 13.74
CA HIS P 46 -11.55 57.57 14.95
C HIS P 46 -10.61 58.65 15.50
N VAL P 47 -11.20 59.66 16.14
CA VAL P 47 -10.46 60.63 16.96
C VAL P 47 -10.73 60.27 18.42
N HIS P 48 -9.70 59.82 19.12
CA HIS P 48 -9.86 59.50 20.52
C HIS P 48 -9.62 60.74 21.35
N GLU P 49 -9.93 60.65 22.64
CA GLU P 49 -10.06 61.85 23.46
C GLU P 49 -8.73 62.53 23.68
N PHE P 50 -7.74 61.79 24.13
CA PHE P 50 -6.50 62.34 24.67
C PHE P 50 -5.35 62.24 23.67
N GLY P 51 -4.58 63.33 23.56
CA GLY P 51 -3.33 63.30 22.80
C GLY P 51 -2.17 62.72 23.60
N ASP P 52 -2.44 61.62 24.28
CA ASP P 52 -1.51 60.97 25.19
C ASP P 52 -0.94 59.74 24.52
N ASN P 53 0.37 59.75 24.25
CA ASN P 53 1.03 58.62 23.60
C ASN P 53 2.09 57.97 24.48
N THR P 54 2.15 58.33 25.76
CA THR P 54 3.09 57.73 26.67
C THR P 54 3.02 56.20 26.69
N ALA P 55 1.88 55.60 26.37
CA ALA P 55 1.79 54.15 26.41
C ALA P 55 1.33 53.60 25.07
N GLY P 56 1.83 54.19 23.98
CA GLY P 56 1.36 53.81 22.66
C GLY P 56 0.01 54.43 22.35
N CYS P 57 -0.72 53.76 21.45
CA CYS P 57 -2.06 54.24 21.17
C CYS P 57 -3.05 53.87 22.27
N THR P 58 -2.65 53.01 23.22
CA THR P 58 -3.60 52.61 24.26
C THR P 58 -3.93 53.74 25.22
N SER P 59 -3.05 54.74 25.35
CA SER P 59 -3.31 55.84 26.26
C SER P 59 -4.03 57.00 25.59
N ALA P 60 -4.55 56.83 24.37
CA ALA P 60 -5.41 57.86 23.77
C ALA P 60 -6.77 57.92 24.46
N GLY P 61 -7.16 56.86 25.16
CA GLY P 61 -8.46 56.76 25.73
C GLY P 61 -9.47 56.35 24.68
N PRO P 62 -10.74 56.65 24.96
CA PRO P 62 -11.81 56.21 24.08
C PRO P 62 -12.17 57.23 23.00
N HIS P 63 -13.09 56.83 22.15
CA HIS P 63 -13.65 57.69 21.14
C HIS P 63 -14.11 59.00 21.77
N PHE P 64 -13.56 60.10 21.25
CA PHE P 64 -13.86 61.47 21.70
C PHE P 64 -15.34 61.72 21.80
N ASN P 65 -15.87 61.76 23.02
CA ASN P 65 -17.31 61.68 23.19
C ASN P 65 -17.85 62.72 24.17
N PRO P 66 -17.63 64.02 23.89
CA PRO P 66 -18.02 65.03 24.89
C PRO P 66 -19.53 65.18 25.07
N LEU P 67 -20.35 64.75 24.12
CA LEU P 67 -21.80 64.79 24.29
C LEU P 67 -22.32 63.57 25.02
N SER P 68 -21.42 62.70 25.46
CA SER P 68 -21.73 61.44 26.13
C SER P 68 -22.87 60.66 25.45
N ARG P 69 -22.60 60.25 24.21
CA ARG P 69 -23.55 59.51 23.39
C ARG P 69 -23.04 58.11 23.10
N LYS P 70 -23.89 57.29 22.50
CA LYS P 70 -23.44 55.96 22.14
C LYS P 70 -22.70 55.99 20.79
N HIS P 71 -22.05 54.89 20.44
CA HIS P 71 -21.25 54.88 19.22
C HIS P 71 -22.15 54.85 17.99
N GLY P 72 -21.60 55.31 16.88
CA GLY P 72 -22.39 55.24 15.66
C GLY P 72 -21.55 55.54 14.44
N GLY P 73 -22.14 55.29 13.27
CA GLY P 73 -21.57 55.72 12.02
C GLY P 73 -21.54 57.22 12.00
N PRO P 74 -20.74 57.84 11.14
CA PRO P 74 -20.68 59.32 11.19
C PRO P 74 -21.98 59.96 10.69
N LYS P 75 -22.65 59.34 9.70
CA LYS P 75 -23.94 59.84 9.20
C LYS P 75 -25.06 59.69 10.22
N ASP P 76 -24.89 58.83 11.22
CA ASP P 76 -25.87 58.59 12.27
C ASP P 76 -26.03 59.87 13.10
N GLU P 77 -27.23 60.10 13.66
CA GLU P 77 -27.35 61.23 14.57
C GLU P 77 -26.75 60.88 15.91
N GLU P 78 -27.12 59.71 16.45
CA GLU P 78 -26.49 59.17 17.64
C GLU P 78 -25.07 58.71 17.29
N ARG P 79 -24.05 59.38 17.83
CA ARG P 79 -22.67 59.06 17.49
C ARG P 79 -21.73 59.74 18.49
N HIS P 80 -20.51 59.18 18.65
CA HIS P 80 -19.49 59.95 19.35
C HIS P 80 -18.97 61.03 18.41
N VAL P 81 -18.41 62.10 18.99
CA VAL P 81 -18.04 63.24 18.16
C VAL P 81 -16.95 62.85 17.19
N GLY P 82 -15.96 62.10 17.67
CA GLY P 82 -14.90 61.60 16.82
C GLY P 82 -15.21 60.37 16.01
N ASP P 83 -16.42 59.79 16.10
CA ASP P 83 -16.70 58.49 15.46
C ASP P 83 -16.91 58.77 13.96
N LEU P 84 -15.80 58.70 13.19
CA LEU P 84 -15.69 59.05 11.77
C LEU P 84 -15.76 57.85 10.80
N GLY P 85 -16.32 56.73 11.23
CA GLY P 85 -16.61 55.69 10.24
C GLY P 85 -15.41 54.83 9.87
N ASN P 86 -15.42 54.34 8.63
CA ASN P 86 -14.33 53.50 8.12
C ASN P 86 -13.63 54.16 6.94
N VAL P 87 -12.44 53.64 6.64
CA VAL P 87 -11.66 53.96 5.45
C VAL P 87 -11.32 52.66 4.73
N THR P 88 -11.07 52.76 3.42
CA THR P 88 -10.94 51.60 2.54
C THR P 88 -9.55 51.50 1.93
N ALA P 89 -8.87 50.39 2.20
CA ALA P 89 -7.54 50.11 1.66
C ALA P 89 -7.64 49.13 0.48
N ASP P 90 -6.79 49.33 -0.55
CA ASP P 90 -6.92 48.72 -1.87
C ASP P 90 -6.09 47.44 -1.96
N LYS P 91 -5.87 46.96 -3.19
CA LYS P 91 -5.03 45.77 -3.37
C LYS P 91 -3.59 46.02 -2.88
N ASP P 92 -3.16 47.29 -2.80
CA ASP P 92 -1.79 47.64 -2.42
C ASP P 92 -1.66 48.02 -0.95
N GLY P 93 -2.73 47.94 -0.17
CA GLY P 93 -2.69 48.32 1.23
C GLY P 93 -2.76 49.81 1.49
N VAL P 94 -2.84 50.64 0.43
CA VAL P 94 -3.04 52.08 0.54
C VAL P 94 -4.50 52.39 0.77
N ALA P 95 -4.77 53.39 1.60
CA ALA P 95 -6.10 53.93 1.79
C ALA P 95 -6.02 55.42 1.52
N ASP P 96 -6.76 55.89 0.50
CA ASP P 96 -6.72 57.31 0.15
C ASP P 96 -7.88 58.06 0.80
N VAL P 97 -7.69 58.38 2.09
CA VAL P 97 -8.73 59.02 2.89
C VAL P 97 -9.19 60.30 2.22
N SER P 98 -10.51 60.50 2.22
CA SER P 98 -11.11 61.75 1.74
C SER P 98 -12.48 61.87 2.36
N ILE P 99 -12.63 62.80 3.30
CA ILE P 99 -13.80 62.88 4.18
C ILE P 99 -14.15 64.34 4.41
N GLU P 100 -15.44 64.63 4.47
CA GLU P 100 -15.95 65.90 4.99
C GLU P 100 -16.80 65.57 6.22
N ASP P 101 -16.60 66.29 7.33
CA ASP P 101 -17.45 66.01 8.47
C ASP P 101 -17.80 67.33 9.13
N SER P 102 -18.95 67.36 9.81
CA SER P 102 -19.45 68.61 10.39
C SER P 102 -19.84 68.43 11.86
N VAL P 103 -19.24 67.46 12.54
CA VAL P 103 -19.36 67.34 13.98
C VAL P 103 -18.02 67.56 14.66
N ILE P 104 -16.94 67.12 14.04
CA ILE P 104 -15.62 67.48 14.53
C ILE P 104 -15.28 68.88 14.05
N SER P 105 -14.62 69.66 14.91
CA SER P 105 -14.21 71.01 14.58
C SER P 105 -12.74 71.17 14.96
N LEU P 106 -12.10 72.16 14.34
CA LEU P 106 -10.78 72.60 14.77
C LEU P 106 -10.84 73.75 15.78
N SER P 107 -11.88 73.82 16.62
CA SER P 107 -12.14 74.98 17.50
C SER P 107 -13.42 74.75 18.31
N GLY P 108 -13.47 75.39 19.47
CA GLY P 108 -14.68 75.27 20.23
C GLY P 108 -14.74 73.94 20.98
N ASP P 109 -15.94 73.64 21.49
CA ASP P 109 -16.12 72.46 22.32
C ASP P 109 -15.80 71.17 21.58
N HIS P 110 -15.96 71.15 20.26
CA HIS P 110 -15.64 69.97 19.45
C HIS P 110 -14.25 70.06 18.84
N CYS P 111 -13.31 70.72 19.52
CA CYS P 111 -11.98 70.82 18.95
C CYS P 111 -11.29 69.46 19.10
N ILE P 112 -10.57 69.08 18.06
CA ILE P 112 -9.79 67.86 18.06
C ILE P 112 -8.29 68.12 18.13
N ILE P 113 -7.84 69.33 17.80
CA ILE P 113 -6.42 69.68 17.83
C ILE P 113 -5.89 69.40 19.23
N GLY P 114 -4.90 68.51 19.32
CA GLY P 114 -4.36 68.08 20.60
C GLY P 114 -4.86 66.73 21.09
N ARG P 115 -5.69 66.04 20.30
CA ARG P 115 -6.19 64.69 20.53
C ARG P 115 -5.62 63.75 19.48
N THR P 116 -5.98 62.46 19.55
CA THR P 116 -5.32 61.42 18.75
C THR P 116 -6.22 60.87 17.65
N LEU P 117 -5.73 60.91 16.42
CA LEU P 117 -6.30 60.15 15.32
C LEU P 117 -5.81 58.71 15.38
N VAL P 118 -6.71 57.75 15.17
CA VAL P 118 -6.36 56.33 15.30
C VAL P 118 -7.00 55.51 14.17
N VAL P 119 -6.20 54.81 13.39
CA VAL P 119 -6.74 53.85 12.43
C VAL P 119 -6.69 52.46 13.06
N HIS P 120 -7.77 51.71 12.93
CA HIS P 120 -7.96 50.46 13.65
C HIS P 120 -7.66 49.27 12.71
N GLU P 121 -7.83 48.04 13.24
CA GLU P 121 -7.38 46.83 12.56
C GLU P 121 -8.43 46.20 11.65
N LYS P 122 -9.72 46.30 12.00
CA LYS P 122 -10.85 45.80 11.23
C LYS P 122 -11.82 46.93 10.90
N ALA P 123 -13.02 46.51 10.46
CA ALA P 123 -14.11 47.42 10.15
C ALA P 123 -14.92 47.73 11.41
N ASP P 124 -15.25 49.02 11.56
CA ASP P 124 -16.27 49.55 12.47
C ASP P 124 -17.66 49.11 12.03
N ASP P 125 -18.38 48.38 12.88
CA ASP P 125 -19.71 48.00 12.45
C ASP P 125 -20.73 49.14 12.58
N LEU P 126 -20.28 50.34 12.98
CA LEU P 126 -21.11 51.53 13.05
C LEU P 126 -22.21 51.44 14.08
N GLY P 127 -22.08 50.59 15.10
CA GLY P 127 -23.07 50.46 16.12
C GLY P 127 -24.12 49.40 15.84
N LYS P 128 -24.39 49.09 14.57
CA LYS P 128 -25.41 48.13 14.20
C LYS P 128 -25.02 46.67 14.49
N GLY P 129 -24.07 46.41 15.40
CA GLY P 129 -23.49 45.10 15.58
C GLY P 129 -24.31 44.07 16.34
N GLY P 130 -24.92 44.46 17.44
CA GLY P 130 -25.77 43.57 18.18
C GLY P 130 -25.22 43.11 19.51
N ASN P 131 -24.15 43.73 20.01
CA ASN P 131 -23.56 43.42 21.31
C ASN P 131 -23.09 44.72 21.96
N GLU P 132 -22.83 44.66 23.27
CA GLU P 132 -22.47 45.88 24.00
C GLU P 132 -21.28 46.60 23.37
N GLU P 133 -20.28 45.85 22.88
CA GLU P 133 -19.06 46.48 22.37
C GLU P 133 -19.33 47.29 21.10
N SER P 134 -20.36 46.93 20.34
CA SER P 134 -20.69 47.69 19.12
C SER P 134 -21.12 49.11 19.43
N THR P 135 -21.75 49.33 20.58
CA THR P 135 -22.18 50.66 21.00
C THR P 135 -21.11 51.43 21.79
N LYS P 136 -19.92 50.86 21.97
CA LYS P 136 -18.79 51.57 22.55
C LYS P 136 -17.67 51.77 21.53
N THR P 137 -17.02 50.72 21.05
CA THR P 137 -15.91 50.86 20.12
C THR P 137 -16.29 50.64 18.67
N GLY P 138 -17.49 50.15 18.40
CA GLY P 138 -17.82 49.70 17.07
C GLY P 138 -17.11 48.43 16.64
N ASN P 139 -16.46 47.70 17.56
CA ASN P 139 -15.80 46.43 17.26
C ASN P 139 -14.70 46.60 16.20
N ALA P 140 -14.14 47.80 16.09
CA ALA P 140 -13.20 48.13 15.03
C ALA P 140 -11.85 47.41 15.14
N GLY P 141 -11.57 46.76 16.27
CA GLY P 141 -10.35 46.02 16.44
C GLY P 141 -9.29 46.82 17.19
N SER P 142 -8.08 46.29 17.17
CA SER P 142 -6.97 46.96 17.85
C SER P 142 -6.58 48.24 17.10
N ARG P 143 -5.68 49.01 17.73
CA ARG P 143 -5.29 50.33 17.23
C ARG P 143 -3.95 50.21 16.51
N LEU P 144 -4.01 49.97 15.19
CA LEU P 144 -2.78 49.76 14.42
C LEU P 144 -1.82 50.94 14.52
N ALA P 145 -2.25 52.13 14.15
CA ALA P 145 -1.41 53.32 14.19
C ALA P 145 -2.17 54.48 14.79
N CYS P 146 -1.45 55.51 15.24
CA CYS P 146 -2.13 56.73 15.67
C CYS P 146 -1.21 57.91 15.58
N GLY P 147 -1.78 59.08 15.87
CA GLY P 147 -1.04 60.33 15.90
C GLY P 147 -1.76 61.43 16.68
N VAL P 148 -1.01 62.34 17.24
CA VAL P 148 -1.60 63.53 17.83
C VAL P 148 -1.87 64.54 16.73
N ILE P 149 -2.91 65.35 16.90
CA ILE P 149 -3.35 66.30 15.89
C ILE P 149 -2.81 67.68 16.25
N GLY P 150 -1.87 68.21 15.43
CA GLY P 150 -1.20 69.47 15.70
C GLY P 150 -1.52 70.55 14.67
N ILE P 151 -1.20 71.78 15.04
CA ILE P 151 -1.51 72.95 14.24
C ILE P 151 -0.57 73.04 13.05
N ALA P 152 -1.08 73.38 11.87
CA ALA P 152 -0.24 73.50 10.69
C ALA P 152 -0.28 74.88 10.02
N GLN P 153 -1.36 75.62 10.22
CA GLN P 153 -1.42 77.01 9.72
C GLN P 153 -2.23 77.90 10.68
N GLN Q 4 -24.84 39.01 -7.70
CA GLN Q 4 -23.82 39.67 -6.89
C GLN Q 4 -23.75 39.29 -5.39
N LEU Q 5 -24.78 38.61 -4.88
CA LEU Q 5 -24.74 37.88 -3.62
C LEU Q 5 -25.73 36.71 -3.74
N GLN Q 6 -25.33 35.54 -3.25
CA GLN Q 6 -26.08 34.30 -3.45
C GLN Q 6 -26.05 33.39 -2.22
N GLU Q 7 -27.08 33.47 -1.39
CA GLU Q 7 -27.11 32.64 -0.19
C GLU Q 7 -27.56 31.21 -0.51
N SER Q 8 -27.13 30.25 0.30
CA SER Q 8 -27.41 28.83 0.09
C SER Q 8 -27.52 28.12 1.43
N GLY Q 9 -28.18 26.97 1.42
CA GLY Q 9 -28.01 25.99 2.46
C GLY Q 9 -28.89 26.09 3.69
N GLY Q 10 -29.96 26.87 3.65
CA GLY Q 10 -30.93 26.86 4.73
C GLY Q 10 -31.79 25.60 4.66
N GLY Q 11 -32.67 25.48 5.65
CA GLY Q 11 -33.63 24.39 5.65
C GLY Q 11 -34.65 24.40 6.79
N LEU Q 12 -35.12 23.21 7.11
CA LEU Q 12 -36.09 22.98 8.16
C LEU Q 12 -35.50 21.95 9.08
N VAL Q 13 -35.43 22.28 10.37
CA VAL Q 13 -34.65 21.50 11.32
C VAL Q 13 -35.35 21.49 12.67
N GLN Q 14 -35.37 20.33 13.31
CA GLN Q 14 -35.85 20.18 14.68
C GLN Q 14 -34.99 21.02 15.64
N PRO Q 15 -35.56 21.55 16.72
CA PRO Q 15 -34.75 22.34 17.66
C PRO Q 15 -33.56 21.56 18.18
N GLY Q 16 -32.47 22.28 18.40
CA GLY Q 16 -31.21 21.69 18.78
C GLY Q 16 -30.34 21.23 17.63
N GLY Q 17 -30.88 21.22 16.41
CA GLY Q 17 -30.14 20.75 15.25
C GLY Q 17 -29.22 21.81 14.68
N SER Q 18 -28.68 21.53 13.50
CA SER Q 18 -27.63 22.41 13.02
C SER Q 18 -27.63 22.45 11.49
N LEU Q 19 -27.09 23.56 10.97
CA LEU Q 19 -27.11 23.94 9.55
C LEU Q 19 -25.86 24.72 9.22
N ARG Q 20 -25.50 24.76 7.93
CA ARG Q 20 -24.35 25.55 7.49
C ARG Q 20 -24.70 26.43 6.29
N LEU Q 21 -24.80 27.73 6.51
CA LEU Q 21 -25.10 28.61 5.39
C LEU Q 21 -23.83 28.95 4.62
N SER Q 22 -24.02 29.18 3.33
CA SER Q 22 -22.93 29.56 2.44
C SER Q 22 -23.43 30.74 1.64
N CYS Q 23 -22.60 31.77 1.51
CA CYS Q 23 -22.88 32.82 0.55
C CYS Q 23 -21.67 32.96 -0.37
N ARG Q 24 -21.93 33.29 -1.62
CA ARG Q 24 -20.88 33.56 -2.59
C ARG Q 24 -21.04 35.03 -2.93
N ALA Q 25 -19.94 35.77 -2.94
CA ALA Q 25 -20.05 37.21 -3.12
C ALA Q 25 -19.12 37.68 -4.23
N SER Q 26 -19.67 38.58 -5.05
CA SER Q 26 -18.88 39.34 -6.00
C SER Q 26 -17.55 39.76 -5.38
N GLU Q 27 -16.50 39.69 -6.18
CA GLU Q 27 -15.18 40.07 -5.67
C GLU Q 27 -15.18 41.49 -5.18
N THR Q 28 -15.67 42.43 -6.00
CA THR Q 28 -15.71 43.83 -5.59
C THR Q 28 -16.36 44.02 -4.24
N LEU Q 29 -17.38 43.22 -3.92
CA LEU Q 29 -17.97 43.31 -2.58
C LEU Q 29 -17.08 42.64 -1.54
N PHE Q 30 -16.54 41.47 -1.87
CA PHE Q 30 -15.74 40.73 -0.91
C PHE Q 30 -14.47 41.48 -0.52
N SER Q 31 -13.85 42.17 -1.49
CA SER Q 31 -12.57 42.84 -1.28
C SER Q 31 -12.65 43.96 -0.27
N LEU Q 32 -13.83 44.28 0.24
CA LEU Q 32 -13.88 45.21 1.36
C LEU Q 32 -13.59 44.50 2.66
N TYR Q 33 -13.54 43.16 2.62
CA TYR Q 33 -13.34 42.30 3.77
C TYR Q 33 -14.09 42.82 5.01
N ALA Q 34 -15.34 43.18 4.77
CA ALA Q 34 -16.31 43.47 5.82
C ALA Q 34 -17.58 42.78 5.35
N MET Q 35 -17.79 41.54 5.81
CA MET Q 35 -18.99 40.81 5.48
C MET Q 35 -19.70 40.41 6.76
N GLY Q 36 -21.00 40.18 6.64
CA GLY Q 36 -21.76 39.76 7.80
C GLY Q 36 -23.00 39.01 7.38
N TRP Q 37 -23.55 38.28 8.34
CA TRP Q 37 -24.83 37.60 8.15
C TRP Q 37 -25.90 38.37 8.90
N TYR Q 38 -26.93 38.79 8.17
CA TYR Q 38 -28.13 39.37 8.74
C TYR Q 38 -29.25 38.34 8.68
N ARG Q 39 -30.01 38.24 9.78
CA ARG Q 39 -31.29 37.55 9.81
C ARG Q 39 -32.39 38.60 9.69
N GLN Q 40 -33.58 38.16 9.29
CA GLN Q 40 -34.78 39.01 9.22
C GLN Q 40 -36.01 38.19 9.60
N ALA Q 41 -36.35 38.19 10.89
CA ALA Q 41 -37.57 37.56 11.34
C ALA Q 41 -38.76 38.36 10.81
N PRO Q 42 -39.94 37.76 10.73
CA PRO Q 42 -41.03 38.39 9.97
C PRO Q 42 -41.60 39.62 10.65
N GLY Q 43 -41.79 40.65 9.84
CA GLY Q 43 -42.21 41.94 10.30
C GLY Q 43 -41.06 42.88 10.64
N LYS Q 44 -39.98 42.33 11.21
CA LYS Q 44 -38.87 43.10 11.76
C LYS Q 44 -37.82 43.46 10.73
N GLN Q 45 -37.06 44.51 11.02
CA GLN Q 45 -35.95 44.87 10.17
C GLN Q 45 -34.92 43.75 10.15
N PRO Q 46 -34.26 43.51 9.02
CA PRO Q 46 -33.07 42.65 9.05
C PRO Q 46 -32.05 43.26 10.00
N GLU Q 47 -31.64 42.46 10.99
CA GLU Q 47 -30.65 42.84 11.97
C GLU Q 47 -29.34 42.13 11.68
N LEU Q 48 -28.25 42.82 11.98
CA LEU Q 48 -26.92 42.21 11.84
C LEU Q 48 -26.70 41.20 12.95
N ILE Q 49 -26.29 39.99 12.58
CA ILE Q 49 -26.19 38.90 13.53
C ILE Q 49 -24.75 38.38 13.69
N ALA Q 50 -23.88 38.60 12.71
CA ALA Q 50 -22.49 38.21 12.83
C ALA Q 50 -21.71 38.89 11.71
N THR Q 51 -20.46 39.26 11.99
CA THR Q 51 -19.60 39.95 11.04
C THR Q 51 -18.26 39.24 10.93
N ILE Q 52 -17.48 39.62 9.89
CA ILE Q 52 -16.13 39.13 9.72
C ILE Q 52 -15.28 40.14 8.94
N SER Q 53 -14.20 40.62 9.57
CA SER Q 53 -13.29 41.57 8.91
C SER Q 53 -11.86 41.34 9.40
N GLY Q 54 -10.95 42.15 8.88
CA GLY Q 54 -9.58 42.06 9.27
C GLY Q 54 -8.75 41.17 8.36
N GLY Q 55 -7.45 41.19 8.61
CA GLY Q 55 -6.53 40.37 7.86
C GLY Q 55 -6.68 38.89 8.14
N GLY Q 56 -6.04 38.09 7.29
CA GLY Q 56 -6.00 36.66 7.42
C GLY Q 56 -7.28 35.90 7.13
N GLU Q 57 -7.57 34.92 7.98
CA GLU Q 57 -8.81 34.21 7.85
C GLU Q 57 -9.96 35.07 8.35
N GLY Q 58 -9.65 36.04 9.16
CA GLY Q 58 -10.59 37.05 9.57
C GLY Q 58 -11.00 36.88 11.02
N THR Q 59 -11.38 37.99 11.63
CA THR Q 59 -11.89 37.97 12.99
C THR Q 59 -13.42 38.09 12.95
N GLY Q 60 -14.07 37.41 13.90
CA GLY Q 60 -15.52 37.30 13.86
C GLY Q 60 -16.27 37.76 15.09
N ASN Q 61 -17.27 38.62 14.89
CA ASN Q 61 -18.07 39.18 15.97
C ASN Q 61 -19.51 38.74 15.84
N TYR Q 62 -20.16 38.50 16.99
CA TYR Q 62 -21.47 37.87 17.07
C TYR Q 62 -22.40 38.71 17.90
N ALA Q 63 -23.63 38.89 17.40
CA ALA Q 63 -24.68 39.53 18.18
C ALA Q 63 -25.08 38.67 19.37
N ASP Q 64 -25.56 39.32 20.43
CA ASP Q 64 -25.90 38.64 21.69
C ASP Q 64 -26.70 37.35 21.55
N PRO Q 65 -27.81 37.28 20.79
CA PRO Q 65 -28.59 36.03 20.77
C PRO Q 65 -27.81 34.81 20.28
N VAL Q 66 -26.89 34.98 19.33
CA VAL Q 66 -26.23 33.85 18.69
C VAL Q 66 -24.80 33.61 19.17
N LYS Q 67 -24.33 34.36 20.18
CA LYS Q 67 -22.99 34.22 20.73
C LYS Q 67 -22.68 32.79 21.17
N GLY Q 68 -21.67 32.18 20.54
CA GLY Q 68 -21.23 30.85 20.95
C GLY Q 68 -22.05 29.69 20.41
N ARG Q 69 -23.12 29.96 19.65
CA ARG Q 69 -23.81 28.96 18.84
C ARG Q 69 -23.53 29.13 17.36
N PHE Q 70 -23.40 30.34 16.86
CA PHE Q 70 -23.04 30.54 15.45
C PHE Q 70 -21.57 30.93 15.38
N THR Q 71 -20.89 30.50 14.31
CA THR Q 71 -19.61 31.14 14.00
C THR Q 71 -19.47 31.40 12.53
N ILE Q 72 -18.86 32.54 12.21
CA ILE Q 72 -18.73 33.01 10.85
C ILE Q 72 -17.29 32.81 10.39
N SER Q 73 -17.12 32.66 9.08
CA SER Q 73 -15.84 32.31 8.49
C SER Q 73 -15.90 32.64 7.01
N ARG Q 74 -14.73 32.76 6.40
CA ARG Q 74 -14.67 33.08 4.97
C ARG Q 74 -13.62 32.22 4.31
N ASN Q 75 -13.73 32.07 2.99
CA ASN Q 75 -12.69 31.48 2.17
C ASN Q 75 -12.20 32.52 1.17
N ASN Q 76 -11.03 33.11 1.43
CA ASN Q 76 -10.56 34.22 0.60
C ASN Q 76 -10.48 33.85 -0.86
N ALA Q 77 -10.12 32.60 -1.16
CA ALA Q 77 -9.84 32.22 -2.54
C ALA Q 77 -11.08 32.31 -3.41
N ASP Q 78 -12.23 31.83 -2.90
CA ASP Q 78 -13.45 31.70 -3.67
C ASP Q 78 -14.42 32.86 -3.48
N ASN Q 79 -14.05 33.89 -2.71
CA ASN Q 79 -14.92 35.00 -2.31
C ASN Q 79 -16.22 34.48 -1.70
N MET Q 80 -16.12 33.90 -0.50
CA MET Q 80 -17.29 33.28 0.10
C MET Q 80 -17.29 33.42 1.62
N VAL Q 81 -18.49 33.55 2.19
CA VAL Q 81 -18.72 33.66 3.63
C VAL Q 81 -19.58 32.49 4.08
N PHE Q 82 -19.37 32.04 5.32
CA PHE Q 82 -20.01 30.85 5.84
C PHE Q 82 -20.54 31.11 7.22
N LEU Q 83 -21.61 30.43 7.60
CA LEU Q 83 -22.16 30.62 8.94
C LEU Q 83 -22.62 29.28 9.51
N GLN Q 84 -21.75 28.64 10.28
CA GLN Q 84 -22.08 27.40 10.96
C GLN Q 84 -22.93 27.74 12.17
N MET Q 85 -24.20 27.29 12.15
CA MET Q 85 -25.10 27.47 13.27
C MET Q 85 -25.42 26.11 13.88
N ASN Q 86 -25.28 26.01 15.19
CA ASN Q 86 -25.63 24.81 15.93
C ASN Q 86 -26.58 25.18 17.06
N ASN Q 87 -27.12 24.14 17.68
CA ASN Q 87 -28.10 24.22 18.74
C ASN Q 87 -29.14 25.31 18.37
N LEU Q 88 -29.74 25.11 17.19
CA LEU Q 88 -30.73 26.05 16.69
C LEU Q 88 -31.92 26.11 17.65
N LYS Q 89 -32.53 27.28 17.74
CA LYS Q 89 -33.73 27.48 18.54
C LYS Q 89 -34.89 27.90 17.65
N PRO Q 90 -36.13 27.79 18.14
CA PRO Q 90 -37.27 28.33 17.38
C PRO Q 90 -37.04 29.77 16.96
N GLU Q 91 -36.50 30.59 17.86
CA GLU Q 91 -36.36 32.01 17.59
C GLU Q 91 -35.43 32.27 16.41
N ASP Q 92 -34.61 31.28 16.01
CA ASP Q 92 -33.71 31.48 14.88
C ASP Q 92 -34.40 31.38 13.53
N THR Q 93 -35.68 31.02 13.48
CA THR Q 93 -36.41 31.07 12.23
C THR Q 93 -36.43 32.48 11.67
N ALA Q 94 -35.86 32.64 10.48
CA ALA Q 94 -35.88 33.93 9.79
C ALA Q 94 -35.38 33.67 8.38
N VAL Q 95 -35.17 34.74 7.63
CA VAL Q 95 -34.54 34.62 6.34
C VAL Q 95 -33.15 35.22 6.50
N TYR Q 96 -32.11 34.46 6.15
CA TYR Q 96 -30.73 34.86 6.36
C TYR Q 96 -30.14 35.39 5.05
N TYR Q 97 -29.66 36.62 5.08
CA TYR Q 97 -28.96 37.24 3.97
C TYR Q 97 -27.50 37.47 4.34
N CYS Q 98 -26.67 37.57 3.33
CA CYS Q 98 -25.31 37.96 3.54
C CYS Q 98 -25.11 39.23 2.72
N ASN Q 99 -24.19 40.07 3.18
CA ASN Q 99 -24.05 41.42 2.67
C ASN Q 99 -22.87 42.06 3.39
N VAL Q 100 -22.42 43.19 2.84
CA VAL Q 100 -21.40 44.01 3.49
C VAL Q 100 -21.97 44.67 4.73
N TYR Q 101 -21.07 45.06 5.64
CA TYR Q 101 -21.37 45.95 6.75
C TYR Q 101 -20.36 47.07 6.75
N GLY Q 102 -20.55 48.06 7.61
CA GLY Q 102 -19.64 49.18 7.69
C GLY Q 102 -19.59 50.14 6.50
N THR Q 103 -20.37 49.92 5.44
CA THR Q 103 -20.42 50.86 4.32
C THR Q 103 -21.85 50.88 3.76
N ASN Q 104 -22.00 51.49 2.59
CA ASN Q 104 -23.29 51.46 1.91
C ASN Q 104 -23.57 50.04 1.44
N LEU Q 105 -24.72 49.52 1.87
CA LEU Q 105 -25.09 48.13 1.63
C LEU Q 105 -25.35 47.90 0.15
N ALA Q 106 -25.15 46.68 -0.26
CA ALA Q 106 -25.36 46.29 -1.65
C ALA Q 106 -26.79 45.78 -1.80
N PRO Q 107 -27.32 45.75 -3.03
CA PRO Q 107 -28.71 45.30 -3.19
C PRO Q 107 -28.84 43.86 -2.69
N TRP Q 108 -29.83 43.61 -1.82
CA TRP Q 108 -29.90 42.31 -1.17
C TRP Q 108 -30.03 41.16 -2.18
N GLY Q 109 -29.39 40.02 -1.87
CA GLY Q 109 -29.60 38.80 -2.63
C GLY Q 109 -30.87 38.07 -2.16
N GLN Q 110 -31.08 36.88 -2.71
CA GLN Q 110 -32.30 36.15 -2.36
C GLN Q 110 -32.33 35.72 -0.90
N GLY Q 111 -31.18 35.48 -0.29
CA GLY Q 111 -31.19 34.99 1.08
C GLY Q 111 -31.59 33.52 1.10
N THR Q 112 -31.91 33.05 2.30
CA THR Q 112 -32.23 31.63 2.46
C THR Q 112 -33.04 31.43 3.74
N GLN Q 113 -34.08 30.60 3.66
CA GLN Q 113 -34.96 30.38 4.80
C GLN Q 113 -34.37 29.40 5.79
N VAL Q 114 -34.45 29.74 7.07
CA VAL Q 114 -34.17 28.83 8.15
C VAL Q 114 -35.41 28.72 9.02
N THR Q 115 -35.99 27.52 9.08
CA THR Q 115 -37.20 27.27 9.86
C THR Q 115 -36.89 26.21 10.90
N VAL Q 116 -37.14 26.53 12.16
CA VAL Q 116 -36.78 25.68 13.29
C VAL Q 116 -38.06 25.29 14.03
N SER Q 117 -38.59 24.09 13.76
CA SER Q 117 -39.54 23.49 14.68
C SER Q 117 -39.57 21.98 14.47
N SER Q 118 -40.36 21.32 15.32
CA SER Q 118 -40.35 19.86 15.42
C SER Q 118 -41.70 19.21 15.02
N SER R 1 11.95 33.36 15.00
CA SER R 1 12.01 34.74 15.48
C SER R 1 12.05 35.71 14.31
N GLN R 2 13.21 35.87 13.68
CA GLN R 2 13.26 36.66 12.46
C GLN R 2 12.69 35.84 11.29
N VAL R 3 12.25 36.55 10.26
CA VAL R 3 11.63 35.90 9.11
C VAL R 3 12.72 35.29 8.22
N GLN R 4 12.70 33.97 8.08
CA GLN R 4 13.60 33.26 7.19
C GLN R 4 12.89 32.89 5.89
N LEU R 5 13.60 33.05 4.77
CA LEU R 5 13.07 32.76 3.45
C LEU R 5 13.92 31.69 2.74
N GLN R 6 13.26 30.81 1.99
CA GLN R 6 13.89 29.69 1.28
C GLN R 6 13.32 29.52 -0.12
N GLU R 7 14.15 29.76 -1.12
CA GLU R 7 13.73 29.62 -2.50
C GLU R 7 14.01 28.21 -3.02
N SER R 8 13.55 27.98 -4.25
CA SER R 8 13.48 26.68 -4.88
C SER R 8 12.98 26.89 -6.30
N GLY R 9 13.05 25.83 -7.07
CA GLY R 9 12.51 25.82 -8.41
C GLY R 9 13.51 26.19 -9.47
N GLY R 10 14.59 26.86 -9.09
CA GLY R 10 15.64 27.14 -10.05
C GLY R 10 16.12 25.87 -10.71
N GLY R 11 16.31 25.94 -12.02
CA GLY R 11 16.90 24.84 -12.74
C GLY R 11 17.67 25.34 -13.95
N SER R 12 18.00 24.45 -14.86
CA SER R 12 18.60 24.81 -16.13
C SER R 12 17.65 24.39 -17.23
N VAL R 13 17.37 25.30 -18.16
CA VAL R 13 16.30 25.07 -19.13
C VAL R 13 16.66 25.77 -20.43
N GLN R 14 16.01 25.35 -21.51
CA GLN R 14 16.26 25.87 -22.85
C GLN R 14 15.31 27.03 -23.17
N ALA R 15 15.65 27.76 -24.23
CA ALA R 15 14.88 28.93 -24.61
C ALA R 15 13.44 28.56 -24.93
N GLY R 16 12.49 29.19 -24.24
CA GLY R 16 11.08 28.97 -24.47
C GLY R 16 10.42 27.98 -23.53
N GLY R 17 11.03 27.70 -22.38
CA GLY R 17 10.49 26.73 -21.45
C GLY R 17 10.08 27.39 -20.14
N SER R 18 9.09 26.80 -19.49
CA SER R 18 8.58 27.32 -18.22
C SER R 18 9.58 27.05 -17.09
N LEU R 19 9.21 27.51 -15.89
CA LEU R 19 10.02 27.36 -14.68
C LEU R 19 9.36 28.12 -13.51
N ARG R 20 8.84 27.42 -12.50
CA ARG R 20 8.11 28.01 -11.39
C ARG R 20 8.99 28.02 -10.14
N LEU R 21 9.54 29.17 -9.80
CA LEU R 21 10.30 29.34 -8.58
C LEU R 21 9.35 29.58 -7.42
N ALA R 22 9.70 29.06 -6.25
CA ALA R 22 8.89 29.24 -5.06
C ALA R 22 9.77 29.61 -3.88
N CYS R 23 9.25 30.48 -3.02
CA CYS R 23 9.89 30.80 -1.74
C CYS R 23 8.85 30.64 -0.63
N VAL R 24 9.16 29.77 0.34
CA VAL R 24 8.30 29.58 1.51
C VAL R 24 8.90 30.39 2.64
N ALA R 25 8.04 30.91 3.52
CA ALA R 25 8.47 31.74 4.63
C ALA R 25 8.30 30.96 5.93
N SER R 26 9.28 31.12 6.82
CA SER R 26 9.30 30.43 8.10
C SER R 26 9.52 31.44 9.20
N GLY R 27 8.95 31.15 10.37
CA GLY R 27 9.22 31.99 11.52
C GLY R 27 8.81 33.43 11.25
N GLY R 28 9.32 34.32 12.09
CA GLY R 28 8.99 35.72 11.92
C GLY R 28 7.70 36.10 12.61
N ASP R 29 7.28 37.35 12.38
CA ASP R 29 6.00 37.78 12.91
C ASP R 29 4.89 37.21 12.06
N THR R 30 3.96 36.56 12.73
CA THR R 30 2.96 35.76 12.06
C THR R 30 1.56 36.32 12.26
N ARG R 31 1.41 37.35 13.13
CA ARG R 31 0.16 38.09 13.31
C ARG R 31 -0.29 38.59 11.93
N PRO R 32 -1.61 38.86 11.74
CA PRO R 32 -2.11 39.11 10.37
C PRO R 32 -2.05 40.57 9.91
N TYR R 33 -1.85 41.54 10.81
CA TYR R 33 -1.75 42.92 10.36
C TYR R 33 -0.34 43.31 10.03
N ILE R 34 0.57 42.34 9.97
CA ILE R 34 1.97 42.53 9.64
C ILE R 34 2.12 42.22 8.15
N THR R 35 2.28 43.25 7.33
CA THR R 35 2.32 43.08 5.89
C THR R 35 3.73 43.32 5.35
N TYR R 36 4.05 42.65 4.27
CA TYR R 36 5.32 42.85 3.57
C TYR R 36 5.08 43.08 2.08
N TRP R 37 6.10 43.57 1.41
CA TRP R 37 6.11 43.62 -0.06
C TRP R 37 7.13 42.60 -0.53
N MET R 38 6.67 41.37 -0.74
CA MET R 38 7.54 40.30 -1.17
C MET R 38 7.95 40.53 -2.61
N GLY R 39 9.19 40.25 -2.94
CA GLY R 39 9.67 40.49 -4.30
C GLY R 39 10.68 39.47 -4.78
N TRP R 40 10.71 39.27 -6.10
CA TRP R 40 11.71 38.42 -6.75
C TRP R 40 12.75 39.30 -7.43
N TYR R 41 14.01 39.11 -7.05
CA TYR R 41 15.11 39.89 -7.57
C TYR R 41 16.02 39.02 -8.43
N ARG R 42 16.96 39.68 -9.08
CA ARG R 42 17.75 39.05 -10.11
C ARG R 42 19.18 39.61 -10.05
N GLN R 43 20.19 38.75 -10.11
CA GLN R 43 21.58 39.19 -10.15
C GLN R 43 22.32 38.35 -11.19
N ALA R 44 22.44 38.88 -12.41
CA ALA R 44 23.27 38.35 -13.50
C ALA R 44 24.73 38.40 -13.07
N PRO R 45 25.68 37.76 -13.80
CA PRO R 45 27.07 37.74 -13.31
C PRO R 45 27.78 39.00 -13.74
N GLY R 46 28.08 39.88 -12.79
CA GLY R 46 28.61 41.19 -13.09
C GLY R 46 27.62 42.33 -12.97
N LYS R 47 26.31 42.07 -13.09
CA LYS R 47 25.31 43.13 -12.89
C LYS R 47 25.03 43.34 -11.40
N GLU R 48 24.17 44.32 -11.12
CA GLU R 48 23.69 44.57 -9.76
C GLU R 48 22.33 43.92 -9.58
N ARG R 49 21.79 43.99 -8.35
CA ARG R 49 20.50 43.37 -8.05
C ARG R 49 19.39 44.08 -8.81
N GLU R 50 18.62 43.32 -9.59
CA GLU R 50 17.68 43.93 -10.50
C GLU R 50 16.29 44.07 -9.88
N GLY R 51 15.54 42.97 -9.78
CA GLY R 51 14.17 43.10 -9.32
C GLY R 51 13.17 42.97 -10.44
N VAL R 52 12.37 41.91 -10.39
CA VAL R 52 11.50 41.54 -11.50
C VAL R 52 10.03 41.65 -11.11
N ALA R 53 9.64 41.21 -9.92
CA ALA R 53 8.23 41.33 -9.53
C ALA R 53 8.10 41.44 -8.03
N THR R 54 7.00 42.07 -7.60
CA THR R 54 6.66 42.20 -6.20
C THR R 54 5.17 41.98 -6.05
N ILE R 55 4.76 41.58 -4.84
CA ILE R 55 3.37 41.26 -4.53
C ILE R 55 3.11 41.66 -3.08
N TYR R 56 1.93 42.26 -2.81
CA TYR R 56 1.61 42.77 -1.47
C TYR R 56 0.83 41.73 -0.70
N THR R 57 1.30 41.42 0.52
CA THR R 57 0.65 40.34 1.24
C THR R 57 -0.62 40.78 1.94
N GLY R 58 -0.79 42.08 2.21
CA GLY R 58 -2.07 42.51 2.75
C GLY R 58 -3.22 42.39 1.76
N GLY R 59 -2.93 42.41 0.46
CA GLY R 59 -3.95 42.19 -0.53
C GLY R 59 -3.47 41.35 -1.68
N SER R 60 -3.39 41.96 -2.86
CA SER R 60 -3.21 41.24 -4.10
C SER R 60 -2.47 42.04 -5.16
N GLY R 61 -2.15 43.30 -4.91
CA GLY R 61 -1.44 44.14 -5.86
C GLY R 61 -0.11 43.55 -6.29
N THR R 62 0.06 43.36 -7.60
CA THR R 62 1.32 42.92 -8.13
C THR R 62 1.94 44.03 -8.93
N TYR R 63 3.26 44.01 -9.02
CA TYR R 63 3.97 44.92 -9.89
C TYR R 63 5.13 44.16 -10.48
N TYR R 64 5.33 44.34 -11.78
CA TYR R 64 6.40 43.69 -12.52
C TYR R 64 7.42 44.73 -12.96
N SER R 65 8.52 44.23 -13.51
CA SER R 65 9.59 45.08 -13.97
C SER R 65 9.51 45.22 -15.48
N ASP R 66 10.32 46.14 -15.99
CA ASP R 66 10.30 46.44 -17.41
C ASP R 66 10.76 45.24 -18.25
N SER R 67 11.92 44.65 -17.90
CA SER R 67 12.53 43.53 -18.61
C SER R 67 11.66 42.28 -18.63
N VAL R 68 10.48 42.30 -18.06
CA VAL R 68 9.54 41.18 -18.13
C VAL R 68 8.16 41.70 -18.49
N GLU R 69 7.56 41.14 -19.52
CA GLU R 69 6.22 41.60 -19.87
C GLU R 69 5.19 40.67 -19.25
N GLY R 70 4.45 39.96 -20.10
CA GLY R 70 3.52 38.95 -19.64
C GLY R 70 4.22 37.61 -19.59
N ARG R 71 5.55 37.65 -19.57
CA ARG R 71 6.30 36.41 -19.39
C ARG R 71 6.13 35.89 -17.96
N PHE R 72 6.45 36.72 -16.96
CA PHE R 72 6.40 36.31 -15.57
C PHE R 72 5.07 36.66 -14.93
N THR R 73 4.70 35.89 -13.91
CA THR R 73 3.54 36.17 -13.08
C THR R 73 3.86 35.79 -11.65
N ILE R 74 3.63 36.71 -10.73
CA ILE R 74 3.86 36.50 -9.30
C ILE R 74 2.52 36.26 -8.62
N SER R 75 2.46 35.25 -7.75
CA SER R 75 1.25 34.90 -7.03
C SER R 75 1.62 34.63 -5.59
N GLN R 76 0.63 34.30 -4.76
CA GLN R 76 0.96 33.91 -3.40
C GLN R 76 -0.13 33.03 -2.83
N ASP R 77 0.29 32.19 -1.91
CA ASP R 77 -0.54 31.32 -1.07
C ASP R 77 -0.30 31.77 0.37
N LYS R 78 -1.04 32.79 0.83
CA LYS R 78 -0.78 33.35 2.16
C LYS R 78 -0.90 32.27 3.24
N ALA R 79 -1.82 31.33 3.07
CA ALA R 79 -2.04 30.30 4.07
C ALA R 79 -0.80 29.43 4.26
N GLN R 80 -0.07 29.15 3.19
CA GLN R 80 1.17 28.39 3.22
C GLN R 80 2.43 29.26 3.18
N ARG R 81 2.28 30.58 3.26
CA ARG R 81 3.40 31.53 3.32
C ARG R 81 4.38 31.30 2.16
N THR R 82 3.83 31.01 0.99
CA THR R 82 4.62 30.66 -0.19
C THR R 82 4.34 31.65 -1.32
N VAL R 83 5.38 32.22 -1.91
CA VAL R 83 5.17 33.11 -3.05
C VAL R 83 5.85 32.50 -4.28
N TYR R 84 5.05 32.24 -5.32
CA TYR R 84 5.51 31.64 -6.57
C TYR R 84 5.88 32.71 -7.58
N LEU R 85 6.80 32.35 -8.47
CA LEU R 85 7.16 33.20 -9.60
C LEU R 85 7.22 32.33 -10.85
N GLN R 86 6.08 32.26 -11.54
CA GLN R 86 6.02 31.63 -12.84
C GLN R 86 6.79 32.44 -13.85
N MET R 87 7.70 31.78 -14.58
CA MET R 87 8.49 32.40 -15.64
C MET R 87 8.37 31.47 -16.83
N ASN R 88 7.36 31.65 -17.67
CA ASN R 88 7.32 30.85 -18.89
C ASN R 88 7.68 31.73 -20.09
N ASP R 89 8.09 31.07 -21.17
CA ASP R 89 8.77 31.72 -22.29
C ASP R 89 10.06 32.38 -21.78
N LEU R 90 11.16 31.61 -21.72
CA LEU R 90 12.40 32.08 -21.11
C LEU R 90 13.43 32.49 -22.16
N LYS R 91 14.07 33.61 -21.90
CA LYS R 91 15.14 34.29 -22.64
C LYS R 91 16.48 33.97 -22.01
N PRO R 92 17.52 33.68 -22.82
CA PRO R 92 18.83 33.39 -22.23
C PRO R 92 19.49 34.56 -21.53
N GLU R 93 18.93 35.76 -21.58
CA GLU R 93 19.48 36.86 -20.79
C GLU R 93 18.91 36.89 -19.39
N ASP R 94 17.86 36.11 -19.11
CA ASP R 94 17.37 36.02 -17.75
C ASP R 94 18.34 35.29 -16.85
N THR R 95 19.35 34.64 -17.41
CA THR R 95 20.19 33.78 -16.61
C THR R 95 20.92 34.57 -15.52
N ALA R 96 20.56 34.26 -14.27
CA ALA R 96 21.06 34.96 -13.10
C ALA R 96 20.61 34.18 -11.87
N MET R 97 21.22 34.49 -10.73
CA MET R 97 20.67 34.01 -9.47
C MET R 97 19.45 34.84 -9.10
N TYR R 98 18.37 34.15 -8.69
CA TYR R 98 17.08 34.72 -8.35
C TYR R 98 16.90 34.64 -6.84
N TYR R 99 16.73 35.78 -6.20
CA TYR R 99 16.51 35.83 -4.76
C TYR R 99 15.09 36.27 -4.46
N CYS R 100 14.50 35.71 -3.42
CA CYS R 100 13.25 36.25 -2.89
C CYS R 100 13.58 37.07 -1.67
N ALA R 101 12.85 38.18 -1.50
CA ALA R 101 13.16 39.09 -0.42
C ALA R 101 11.88 39.76 0.09
N ALA R 102 11.95 40.20 1.33
CA ALA R 102 10.83 40.81 2.02
C ALA R 102 11.18 42.23 2.38
N GLY R 103 10.22 43.14 2.22
CA GLY R 103 10.38 44.50 2.66
C GLY R 103 9.16 44.93 3.44
N ASN R 104 9.33 46.02 4.19
CA ASN R 104 8.20 46.67 4.85
C ASN R 104 7.00 46.80 3.92
N GLY R 105 5.83 46.40 4.42
CA GLY R 105 4.58 46.51 3.66
C GLY R 105 4.02 47.92 3.52
N ALA R 106 4.73 48.92 4.02
CA ALA R 106 4.31 50.29 3.86
C ALA R 106 5.07 51.02 2.77
N LEU R 107 5.87 50.31 1.99
CA LEU R 107 6.78 50.97 1.07
C LEU R 107 5.98 51.77 0.04
N PRO R 108 6.35 53.02 -0.20
CA PRO R 108 5.68 53.81 -1.22
C PRO R 108 5.81 53.13 -2.58
N PRO R 109 5.07 53.58 -3.57
CA PRO R 109 5.38 53.18 -4.95
C PRO R 109 6.84 53.35 -5.37
N GLY R 110 7.25 52.65 -6.43
CA GLY R 110 8.61 52.77 -6.94
C GLY R 110 9.68 52.07 -6.12
N ARG R 111 9.83 52.54 -4.83
CA ARG R 111 10.66 51.88 -3.80
C ARG R 111 10.14 50.47 -3.39
N ARG R 112 9.21 49.87 -4.15
CA ARG R 112 8.73 48.53 -3.86
C ARG R 112 9.65 47.47 -4.46
N LEU R 113 10.26 47.77 -5.61
CA LEU R 113 11.17 46.87 -6.32
C LEU R 113 12.60 47.35 -6.24
N SER R 114 12.89 48.13 -5.20
CA SER R 114 14.22 48.66 -4.93
C SER R 114 14.93 47.75 -3.94
N PRO R 115 16.04 47.11 -4.33
CA PRO R 115 16.77 46.25 -3.39
C PRO R 115 17.11 46.89 -2.04
N GLN R 116 17.56 48.15 -1.98
CA GLN R 116 17.93 48.69 -0.67
C GLN R 116 16.77 48.69 0.30
N ASN R 117 15.57 49.01 -0.15
CA ASN R 117 14.47 49.13 0.79
C ASN R 117 13.90 47.77 1.19
N MET R 118 14.57 46.67 0.81
CA MET R 118 14.29 45.30 1.26
C MET R 118 15.02 44.96 2.55
N ASP R 119 14.38 44.12 3.37
CA ASP R 119 14.83 43.87 4.74
C ASP R 119 15.55 42.53 4.89
N THR R 120 14.87 41.41 4.63
CA THR R 120 15.49 40.09 4.74
C THR R 120 15.42 39.34 3.40
N TRP R 121 16.50 38.61 3.10
CA TRP R 121 16.73 37.99 1.80
C TRP R 121 16.79 36.46 1.94
N GLY R 122 16.75 35.76 0.82
CA GLY R 122 16.84 34.32 0.83
C GLY R 122 18.13 33.85 0.19
N PRO R 123 18.49 32.57 0.39
CA PRO R 123 19.73 32.06 -0.23
C PRO R 123 19.70 32.13 -1.74
N GLY R 124 18.52 32.09 -2.35
CA GLY R 124 18.39 32.21 -3.78
C GLY R 124 18.43 30.86 -4.44
N THR R 125 18.18 30.88 -5.75
CA THR R 125 18.15 29.65 -6.54
C THR R 125 18.58 30.05 -7.94
N GLN R 126 19.50 29.29 -8.54
CA GLN R 126 20.05 29.73 -9.81
C GLN R 126 19.19 29.26 -10.97
N VAL R 127 18.92 30.17 -11.90
CA VAL R 127 18.19 29.91 -13.13
C VAL R 127 19.11 30.25 -14.28
N THR R 128 19.37 29.28 -15.14
CA THR R 128 20.26 29.47 -16.26
C THR R 128 19.55 28.98 -17.53
N VAL R 129 19.32 29.91 -18.47
CA VAL R 129 18.56 29.63 -19.69
C VAL R 129 19.54 29.40 -20.82
N SER R 130 19.31 28.30 -21.56
CA SER R 130 20.14 27.88 -22.68
C SER R 130 19.50 28.31 -24.00
N SER R 131 20.35 28.52 -25.00
CA SER R 131 19.90 28.99 -26.31
C SER R 131 19.57 27.84 -27.27
ZN ZN S . 36.50 -7.62 -18.55
ZN ZN T . -15.77 28.29 -42.97
ZN ZN U . 17.01 -33.43 26.93
ZN ZN V . -9.78 -11.08 9.03
ZN ZN W . -24.94 -49.01 12.96
ZN ZN X . -16.48 55.91 18.77
#